data_3U41
#
_entry.id   3U41
#
_cell.length_a   94.275
_cell.length_b   96.221
_cell.length_c   210.243
_cell.angle_alpha   90.00
_cell.angle_beta   90.00
_cell.angle_gamma   90.00
#
_symmetry.space_group_name_H-M   'P 21 21 21'
#
loop_
_entity.id
_entity.type
_entity.pdbx_description
1 polymer 'Twin-arginine leader-binding protein dmsD'
2 non-polymer GLYCEROL
3 non-polymer 'SULFATE ION'
4 non-polymer 2-AMINO-2-HYDROXYMETHYL-PROPANE-1,3-DIOL
5 non-polymer 'CHLORIDE ION'
6 non-polymer DI(HYDROXYETHYL)ETHER
7 water water
#
_entity_poly.entity_id   1
_entity_poly.type   'polypeptide(L)'
_entity_poly.pdbx_seq_one_letter_code
;GSHMTHFSQQDNFSVAARVLGALFYYAPESAEAAPLVAVLTSDGWETQWPLPEASLAPLVTAFQTQCEETHAQAWQRLFV
GPWALPSPPWGSVWLDRESVLFGDSTLALRQWMREKGIQFEMKQNEPEDHFGSLLLMAAWLAENGRQTECEELLAWHLFP
WSTRFLDVFIEKAEHPFYRALGELARLTLAQWQSQLLIPVAVKPLFR
;
_entity_poly.pdbx_strand_id   A,B,C,D,E,F,G,H
#
loop_
_chem_comp.id
_chem_comp.type
_chem_comp.name
_chem_comp.formula
CL non-polymer 'CHLORIDE ION' 'Cl -1'
GOL non-polymer GLYCEROL 'C3 H8 O3'
PEG non-polymer DI(HYDROXYETHYL)ETHER 'C4 H10 O3'
SO4 non-polymer 'SULFATE ION' 'O4 S -2'
TRS non-polymer 2-AMINO-2-HYDROXYMETHYL-PROPANE-1,3-DIOL 'C4 H12 N O3 1'
#
# COMPACT_ATOMS: atom_id res chain seq x y z
N MET A 4 36.67 -11.01 -42.86
CA MET A 4 37.74 -11.77 -42.16
C MET A 4 37.46 -11.90 -40.67
N THR A 5 37.07 -10.79 -40.05
CA THR A 5 36.60 -10.82 -38.66
C THR A 5 35.26 -11.55 -38.62
N HIS A 6 35.10 -12.45 -37.66
CA HIS A 6 33.88 -13.24 -37.55
C HIS A 6 32.71 -12.38 -37.05
N PHE A 7 31.52 -12.64 -37.60
CA PHE A 7 30.33 -11.82 -37.32
C PHE A 7 29.94 -11.79 -35.84
N SER A 8 30.30 -12.83 -35.10
CA SER A 8 30.08 -12.86 -33.65
C SER A 8 30.97 -11.87 -32.89
N GLN A 9 31.98 -11.32 -33.56
CA GLN A 9 32.95 -10.43 -32.92
C GLN A 9 32.87 -8.98 -33.40
N GLN A 10 31.73 -8.59 -33.97
CA GLN A 10 31.56 -7.26 -34.52
C GLN A 10 30.09 -6.88 -34.66
N ASP A 11 29.84 -5.63 -35.05
CA ASP A 11 28.49 -5.12 -35.26
C ASP A 11 27.55 -5.45 -34.09
N ASN A 12 28.05 -5.27 -32.87
CA ASN A 12 27.25 -5.42 -31.65
C ASN A 12 26.53 -6.76 -31.49
N PHE A 13 27.12 -7.86 -31.97
CA PHE A 13 26.47 -9.15 -31.84
C PHE A 13 26.16 -9.47 -30.38
N SER A 14 27.19 -9.50 -29.55
CA SER A 14 27.04 -9.87 -28.13
C SER A 14 26.07 -8.93 -27.41
N VAL A 15 26.13 -7.65 -27.73
CA VAL A 15 25.24 -6.66 -27.15
C VAL A 15 23.77 -6.94 -27.52
N ALA A 16 23.51 -7.18 -28.80
CA ALA A 16 22.15 -7.42 -29.27
C ALA A 16 21.58 -8.72 -28.75
N ALA A 17 22.42 -9.76 -28.69
CA ALA A 17 21.99 -11.07 -28.22
C ALA A 17 21.61 -11.08 -26.73
N ARG A 18 22.26 -10.23 -25.94
CA ARG A 18 21.96 -10.11 -24.51
C ARG A 18 20.63 -9.41 -24.25
N VAL A 19 20.35 -8.34 -25.00
CA VAL A 19 19.10 -7.60 -24.85
C VAL A 19 17.93 -8.51 -25.19
N LEU A 20 18.00 -9.17 -26.35
CA LEU A 20 16.96 -10.12 -26.75
C LEU A 20 16.84 -11.24 -25.74
N GLY A 21 17.97 -11.87 -25.43
CA GLY A 21 18.01 -12.99 -24.50
C GLY A 21 17.40 -12.68 -23.15
N ALA A 22 17.74 -11.51 -22.60
CA ALA A 22 17.29 -11.11 -21.27
C ALA A 22 15.79 -10.81 -21.23
N LEU A 23 15.29 -10.10 -22.23
CA LEU A 23 13.87 -9.76 -22.30
C LEU A 23 12.95 -10.97 -22.50
N PHE A 24 13.47 -12.03 -23.11
CA PHE A 24 12.72 -13.28 -23.25
C PHE A 24 12.80 -14.18 -22.00
N TYR A 25 13.80 -13.96 -21.14
CA TYR A 25 14.05 -14.82 -19.99
C TYR A 25 13.68 -14.21 -18.63
N TYR A 26 13.80 -12.89 -18.49
CA TYR A 26 13.55 -12.20 -17.22
C TYR A 26 12.29 -11.35 -17.29
N ALA A 27 11.60 -11.23 -16.16
CA ALA A 27 10.38 -10.43 -16.06
C ALA A 27 10.71 -8.95 -16.23
N PRO A 28 9.81 -8.19 -16.88
CA PRO A 28 10.06 -6.78 -17.25
C PRO A 28 10.36 -5.85 -16.07
N GLU A 29 9.84 -6.18 -14.88
CA GLU A 29 10.12 -5.38 -13.69
C GLU A 29 11.42 -5.78 -12.96
N SER A 30 12.08 -6.83 -13.44
CA SER A 30 13.30 -7.33 -12.80
C SER A 30 14.47 -6.35 -12.91
N ALA A 31 15.51 -6.59 -12.12
CA ALA A 31 16.74 -5.81 -12.19
C ALA A 31 17.44 -6.03 -13.53
N GLU A 32 17.29 -7.24 -14.07
CA GLU A 32 17.88 -7.59 -15.37
C GLU A 32 17.18 -6.89 -16.55
N ALA A 33 15.84 -6.90 -16.54
CA ALA A 33 15.06 -6.49 -17.71
C ALA A 33 14.56 -5.04 -17.71
N ALA A 34 14.30 -4.49 -16.52
CA ALA A 34 13.71 -3.15 -16.42
C ALA A 34 14.52 -2.08 -17.16
N PRO A 35 15.86 -2.09 -17.02
CA PRO A 35 16.66 -1.13 -17.77
C PRO A 35 16.55 -1.32 -19.29
N LEU A 36 16.32 -2.55 -19.73
CA LEU A 36 16.21 -2.85 -21.16
C LEU A 36 14.84 -2.43 -21.70
N VAL A 37 13.80 -2.65 -20.88
CA VAL A 37 12.45 -2.16 -21.18
C VAL A 37 12.48 -0.64 -21.35
N ALA A 38 13.18 0.05 -20.46
CA ALA A 38 13.32 1.51 -20.53
C ALA A 38 14.04 1.96 -21.81
N VAL A 39 15.09 1.23 -22.17
CA VAL A 39 15.88 1.55 -23.37
C VAL A 39 15.05 1.44 -24.64
N LEU A 40 14.35 0.32 -24.81
CA LEU A 40 13.58 0.08 -26.03
C LEU A 40 12.30 0.91 -26.11
N THR A 41 11.81 1.38 -24.97
CA THR A 41 10.63 2.25 -24.92
C THR A 41 11.02 3.75 -24.95
N SER A 42 12.25 4.03 -25.32
CA SER A 42 12.77 5.40 -25.39
C SER A 42 13.47 5.58 -26.72
N ASP A 43 13.63 6.83 -27.15
CA ASP A 43 14.35 7.12 -28.39
C ASP A 43 15.85 6.94 -28.19
N GLY A 44 16.54 6.47 -29.24
CA GLY A 44 17.99 6.32 -29.22
C GLY A 44 18.51 4.93 -29.51
N TRP A 45 17.75 3.91 -29.13
CA TRP A 45 18.23 2.52 -29.23
C TRP A 45 18.43 2.06 -30.67
N GLU A 46 17.68 2.63 -31.60
CA GLU A 46 17.73 2.24 -33.01
C GLU A 46 19.07 2.57 -33.67
N THR A 47 19.77 3.58 -33.15
CA THR A 47 21.03 4.05 -33.72
C THR A 47 22.18 3.08 -33.45
N GLN A 48 22.05 2.31 -32.38
CA GLN A 48 23.09 1.39 -31.94
C GLN A 48 22.80 -0.05 -32.35
N TRP A 49 21.51 -0.39 -32.53
CA TRP A 49 21.12 -1.74 -32.92
C TRP A 49 21.66 -2.09 -34.31
N PRO A 50 22.13 -3.33 -34.51
CA PRO A 50 22.72 -3.68 -35.81
C PRO A 50 21.71 -4.07 -36.88
N LEU A 51 20.79 -3.16 -37.20
CA LEU A 51 19.94 -3.25 -38.38
C LEU A 51 19.80 -1.84 -38.95
N PRO A 52 19.35 -1.71 -40.23
CA PRO A 52 19.18 -0.38 -40.80
C PRO A 52 18.15 0.47 -40.05
N GLU A 53 18.51 1.72 -39.74
CA GLU A 53 17.68 2.61 -38.91
C GLU A 53 16.26 2.81 -39.43
N ALA A 54 16.10 2.91 -40.75
CA ALA A 54 14.79 3.12 -41.36
C ALA A 54 13.90 1.89 -41.22
N SER A 55 14.52 0.71 -41.24
CA SER A 55 13.79 -0.56 -41.11
C SER A 55 13.40 -0.88 -39.66
N LEU A 56 13.95 -0.12 -38.70
CA LEU A 56 13.57 -0.24 -37.29
C LEU A 56 12.51 0.79 -36.88
N ALA A 57 12.31 1.81 -37.72
CA ALA A 57 11.38 2.92 -37.43
C ALA A 57 10.00 2.46 -36.93
N PRO A 58 9.38 1.46 -37.59
CA PRO A 58 8.08 0.99 -37.09
C PRO A 58 8.15 0.38 -35.69
N LEU A 59 9.26 -0.28 -35.38
CA LEU A 59 9.47 -0.88 -34.07
C LEU A 59 9.67 0.20 -32.99
N VAL A 60 10.40 1.25 -33.32
CA VAL A 60 10.58 2.39 -32.42
C VAL A 60 9.20 2.89 -31.94
N THR A 61 8.29 3.07 -32.89
CA THR A 61 6.91 3.46 -32.59
C THR A 61 6.17 2.35 -31.83
N ALA A 62 6.30 1.12 -32.32
CA ALA A 62 5.59 -0.02 -31.72
C ALA A 62 5.90 -0.20 -30.24
N PHE A 63 7.19 -0.16 -29.90
CA PHE A 63 7.64 -0.31 -28.50
C PHE A 63 7.06 0.76 -27.57
N GLN A 64 6.78 1.95 -28.10
CA GLN A 64 6.25 3.06 -27.30
C GLN A 64 4.73 3.19 -27.41
N THR A 65 4.08 2.19 -28.00
CA THR A 65 2.62 2.15 -28.07
C THR A 65 2.09 1.82 -26.69
N GLN A 66 1.23 2.69 -26.16
CA GLN A 66 0.64 2.50 -24.84
C GLN A 66 -0.43 1.41 -24.88
N CYS A 67 -0.53 0.65 -23.79
CA CYS A 67 -1.46 -0.47 -23.69
C CYS A 67 -2.06 -0.57 -22.29
N GLU A 68 -3.28 -1.12 -22.20
CA GLU A 68 -3.98 -1.26 -20.92
C GLU A 68 -3.41 -2.40 -20.09
N GLU A 69 -3.05 -3.50 -20.75
CA GLU A 69 -2.35 -4.60 -20.07
C GLU A 69 -0.91 -4.19 -19.84
N THR A 70 -0.44 -4.35 -18.60
CA THR A 70 0.92 -3.97 -18.23
C THR A 70 1.95 -4.95 -18.78
N HIS A 71 3.22 -4.53 -18.80
CA HIS A 71 4.30 -5.41 -19.25
C HIS A 71 4.37 -6.69 -18.40
N ALA A 72 4.20 -6.55 -17.09
CA ALA A 72 4.26 -7.66 -16.14
C ALA A 72 3.15 -8.69 -16.36
N GLN A 73 1.93 -8.21 -16.61
CA GLN A 73 0.81 -9.10 -16.90
C GLN A 73 1.03 -9.86 -18.21
N ALA A 74 1.54 -9.17 -19.21
CA ALA A 74 1.84 -9.78 -20.50
C ALA A 74 2.89 -10.87 -20.34
N TRP A 75 3.96 -10.54 -19.61
CA TRP A 75 5.08 -11.47 -19.39
C TRP A 75 4.61 -12.74 -18.68
N GLN A 76 3.86 -12.58 -17.60
CA GLN A 76 3.31 -13.70 -16.84
C GLN A 76 2.49 -14.61 -17.75
N ARG A 77 1.57 -13.99 -18.50
CA ARG A 77 0.69 -14.71 -19.41
C ARG A 77 1.50 -15.51 -20.44
N LEU A 78 2.54 -14.88 -20.99
CA LEU A 78 3.30 -15.45 -22.11
C LEU A 78 4.39 -16.46 -21.71
N PHE A 79 5.00 -16.28 -20.55
CA PHE A 79 6.21 -17.03 -20.21
C PHE A 79 6.14 -17.89 -18.94
N VAL A 80 5.17 -17.63 -18.07
CA VAL A 80 5.15 -18.26 -16.75
C VAL A 80 3.97 -19.23 -16.57
N GLY A 81 2.76 -18.68 -16.60
CA GLY A 81 1.56 -19.47 -16.31
C GLY A 81 0.56 -18.64 -15.53
N PRO A 82 -0.36 -19.32 -14.82
CA PRO A 82 -0.41 -20.76 -14.57
C PRO A 82 -0.89 -21.61 -15.74
N TRP A 83 -1.59 -21.00 -16.70
CA TRP A 83 -2.17 -21.75 -17.81
C TRP A 83 -1.15 -21.97 -18.90
N ALA A 84 -1.55 -22.72 -19.92
CA ALA A 84 -0.66 -23.08 -21.02
C ALA A 84 -0.14 -21.83 -21.71
N LEU A 85 1.12 -21.89 -22.14
CA LEU A 85 1.75 -20.76 -22.81
C LEU A 85 1.44 -20.83 -24.29
N PRO A 86 1.12 -19.69 -24.93
CA PRO A 86 0.76 -19.71 -26.35
C PRO A 86 1.88 -20.23 -27.26
N SER A 87 3.10 -19.77 -27.00
CA SER A 87 4.28 -20.23 -27.73
C SER A 87 5.40 -20.57 -26.74
N PRO A 88 5.42 -21.84 -26.26
CA PRO A 88 6.42 -22.27 -25.27
C PRO A 88 7.85 -22.03 -25.75
N PRO A 89 8.67 -21.31 -24.96
CA PRO A 89 10.00 -20.89 -25.38
C PRO A 89 11.12 -21.94 -25.30
N TRP A 90 10.76 -23.22 -25.16
CA TRP A 90 11.75 -24.29 -25.10
C TRP A 90 11.84 -25.04 -26.41
N GLY A 91 13.07 -25.28 -26.86
CA GLY A 91 13.34 -25.88 -28.17
C GLY A 91 12.72 -27.24 -28.39
N SER A 92 12.84 -28.14 -27.41
CA SER A 92 12.33 -29.50 -27.58
C SER A 92 10.80 -29.57 -27.69
N VAL A 93 10.10 -28.47 -27.38
CA VAL A 93 8.66 -28.37 -27.62
C VAL A 93 8.36 -28.38 -29.12
N TRP A 94 9.33 -27.88 -29.91
CA TRP A 94 9.20 -27.74 -31.36
C TRP A 94 9.89 -28.86 -32.13
N LEU A 95 10.98 -29.38 -31.59
CA LEU A 95 11.82 -30.37 -32.28
C LEU A 95 11.56 -31.84 -31.90
N ASP A 96 10.97 -32.06 -30.73
CA ASP A 96 10.73 -33.42 -30.24
C ASP A 96 9.38 -33.93 -30.72
N ARG A 97 9.35 -35.17 -31.22
CA ARG A 97 8.12 -35.77 -31.75
C ARG A 97 6.97 -35.69 -30.75
N GLU A 98 7.27 -35.96 -29.49
CA GLU A 98 6.26 -35.94 -28.42
C GLU A 98 6.10 -34.56 -27.79
N SER A 99 6.95 -33.61 -28.20
CA SER A 99 6.84 -32.21 -27.78
C SER A 99 7.00 -32.00 -26.27
N VAL A 100 7.88 -32.79 -25.66
CA VAL A 100 8.13 -32.69 -24.21
C VAL A 100 9.30 -31.75 -23.91
N LEU A 101 9.38 -31.31 -22.66
CA LEU A 101 10.55 -30.58 -22.19
C LEU A 101 11.67 -31.58 -21.87
N PHE A 102 12.90 -31.09 -21.83
CA PHE A 102 14.08 -31.94 -21.64
C PHE A 102 14.05 -33.09 -22.65
N GLY A 103 13.89 -32.73 -23.93
CA GLY A 103 13.68 -33.71 -24.99
C GLY A 103 14.97 -34.21 -25.58
N ASP A 104 14.85 -34.94 -26.69
CA ASP A 104 16.02 -35.47 -27.39
C ASP A 104 16.93 -34.34 -27.94
N SER A 105 16.32 -33.23 -28.35
CA SER A 105 17.08 -32.08 -28.83
C SER A 105 17.78 -31.35 -27.69
N THR A 106 17.15 -31.36 -26.51
CA THR A 106 17.74 -30.78 -25.30
C THR A 106 19.00 -31.54 -24.91
N LEU A 107 18.93 -32.88 -24.99
CA LEU A 107 20.06 -33.76 -24.72
C LEU A 107 21.21 -33.55 -25.70
N ALA A 108 20.86 -33.32 -26.97
CA ALA A 108 21.88 -33.07 -27.99
C ALA A 108 22.61 -31.74 -27.72
N LEU A 109 21.86 -30.74 -27.26
CA LEU A 109 22.45 -29.48 -26.80
C LEU A 109 23.36 -29.69 -25.59
N ARG A 110 22.89 -30.48 -24.62
CA ARG A 110 23.65 -30.74 -23.39
C ARG A 110 24.97 -31.45 -23.67
N GLN A 111 24.94 -32.41 -24.60
CA GLN A 111 26.15 -33.17 -24.96
C GLN A 111 27.17 -32.28 -25.68
N TRP A 112 26.66 -31.39 -26.55
CA TRP A 112 27.49 -30.43 -27.27
C TRP A 112 28.20 -29.47 -26.32
N MET A 113 27.46 -28.96 -25.33
CA MET A 113 28.02 -28.11 -24.29
C MET A 113 29.12 -28.85 -23.52
N ARG A 114 28.88 -30.13 -23.25
CA ARG A 114 29.81 -30.97 -22.51
C ARG A 114 31.11 -31.15 -23.31
N GLU A 115 30.99 -31.57 -24.57
CA GLU A 115 32.15 -31.79 -25.44
C GLU A 115 33.02 -30.55 -25.61
N LYS A 116 32.36 -29.40 -25.71
CA LYS A 116 33.06 -28.13 -25.87
C LYS A 116 33.49 -27.49 -24.54
N GLY A 117 33.22 -28.19 -23.44
CA GLY A 117 33.59 -27.69 -22.11
C GLY A 117 33.03 -26.33 -21.82
N ILE A 118 31.77 -26.11 -22.22
CA ILE A 118 31.10 -24.83 -21.98
C ILE A 118 30.50 -24.86 -20.58
N GLN A 119 31.01 -23.98 -19.71
CA GLN A 119 30.64 -23.96 -18.29
C GLN A 119 29.43 -23.04 -18.01
N PHE A 120 28.71 -22.65 -19.05
CA PHE A 120 27.50 -21.84 -18.90
C PHE A 120 26.39 -22.71 -18.37
N GLU A 121 25.86 -22.35 -17.20
CA GLU A 121 24.80 -23.13 -16.57
C GLU A 121 23.53 -22.30 -16.45
N MET A 122 22.40 -23.00 -16.61
CA MET A 122 21.08 -22.40 -16.49
C MET A 122 20.62 -22.48 -15.03
N LYS A 123 19.46 -21.89 -14.75
CA LYS A 123 18.82 -22.05 -13.43
C LYS A 123 18.53 -23.52 -13.17
N GLN A 124 18.53 -23.90 -11.89
CA GLN A 124 18.33 -25.30 -11.51
C GLN A 124 16.89 -25.73 -11.85
N ASN A 125 16.78 -26.94 -12.40
CA ASN A 125 15.49 -27.53 -12.87
C ASN A 125 15.03 -27.01 -14.24
N GLU A 126 15.74 -26.05 -14.82
CA GLU A 126 15.37 -25.47 -16.11
C GLU A 126 16.12 -26.18 -17.24
N PRO A 127 15.43 -26.43 -18.37
CA PRO A 127 16.13 -26.96 -19.55
C PRO A 127 17.15 -25.98 -20.12
N GLU A 128 18.13 -26.49 -20.85
CA GLU A 128 19.13 -25.65 -21.49
C GLU A 128 18.60 -24.96 -22.76
N ASP A 129 17.51 -25.47 -23.32
CA ASP A 129 17.03 -25.02 -24.64
C ASP A 129 15.97 -23.91 -24.61
N HIS A 130 15.97 -23.09 -23.56
CA HIS A 130 15.13 -21.90 -23.51
C HIS A 130 15.66 -20.90 -24.52
N PHE A 131 14.75 -20.24 -25.24
CA PHE A 131 15.11 -19.33 -26.32
C PHE A 131 16.06 -18.24 -25.81
N GLY A 132 15.63 -17.54 -24.76
CA GLY A 132 16.45 -16.52 -24.11
C GLY A 132 17.76 -17.00 -23.51
N SER A 133 17.76 -18.21 -22.96
CA SER A 133 18.97 -18.80 -22.39
C SER A 133 20.04 -19.02 -23.47
N LEU A 134 19.60 -19.53 -24.61
CA LEU A 134 20.50 -19.83 -25.72
C LEU A 134 21.12 -18.57 -26.32
N LEU A 135 20.33 -17.51 -26.42
CA LEU A 135 20.85 -16.22 -26.86
C LEU A 135 21.86 -15.65 -25.86
N LEU A 136 21.55 -15.78 -24.57
CA LEU A 136 22.48 -15.34 -23.51
C LEU A 136 23.78 -16.14 -23.55
N MET A 137 23.69 -17.44 -23.80
CA MET A 137 24.88 -18.28 -23.91
C MET A 137 25.69 -17.93 -25.15
N ALA A 138 25.00 -17.57 -26.23
CA ALA A 138 25.66 -17.22 -27.49
C ALA A 138 26.45 -15.92 -27.34
N ALA A 139 25.87 -14.96 -26.62
CA ALA A 139 26.53 -13.70 -26.31
C ALA A 139 27.73 -13.94 -25.40
N TRP A 140 27.55 -14.87 -24.46
CA TRP A 140 28.59 -15.28 -23.52
C TRP A 140 29.81 -15.83 -24.26
N LEU A 141 29.56 -16.70 -25.23
CA LEU A 141 30.64 -17.30 -26.03
C LEU A 141 31.32 -16.27 -26.94
N ALA A 142 30.52 -15.36 -27.48
CA ALA A 142 31.06 -14.28 -28.31
C ALA A 142 32.01 -13.38 -27.50
N GLU A 143 31.58 -12.99 -26.30
CA GLU A 143 32.44 -12.20 -25.40
C GLU A 143 33.75 -12.92 -25.10
N ASN A 144 33.67 -14.26 -25.01
CA ASN A 144 34.85 -15.09 -24.74
C ASN A 144 35.69 -15.42 -25.97
N GLY A 145 35.35 -14.85 -27.12
CA GLY A 145 36.09 -15.07 -28.35
C GLY A 145 35.90 -16.43 -29.00
N ARG A 146 34.94 -17.21 -28.49
CA ARG A 146 34.71 -18.55 -28.98
C ARG A 146 33.75 -18.53 -30.18
N GLN A 147 34.34 -18.22 -31.35
CA GLN A 147 33.59 -17.95 -32.59
C GLN A 147 32.88 -19.18 -33.15
N THR A 148 33.62 -20.27 -33.24
CA THR A 148 33.11 -21.53 -33.77
C THR A 148 31.94 -22.02 -32.94
N GLU A 149 32.12 -22.00 -31.62
CA GLU A 149 31.12 -22.51 -30.68
C GLU A 149 29.84 -21.67 -30.77
N CYS A 150 30.02 -20.36 -30.90
CA CYS A 150 28.90 -19.44 -31.06
C CYS A 150 28.14 -19.76 -32.35
N GLU A 151 28.88 -20.07 -33.40
CA GLU A 151 28.30 -20.40 -34.70
C GLU A 151 27.54 -21.74 -34.67
N GLU A 152 28.14 -22.74 -34.01
CA GLU A 152 27.51 -24.05 -33.88
C GLU A 152 26.23 -23.98 -33.04
N LEU A 153 26.28 -23.24 -31.93
CA LEU A 153 25.11 -23.01 -31.09
C LEU A 153 23.91 -22.55 -31.90
N LEU A 154 24.12 -21.50 -32.70
CA LEU A 154 23.06 -20.90 -33.49
C LEU A 154 22.60 -21.80 -34.63
N ALA A 155 23.55 -22.37 -35.37
CA ALA A 155 23.23 -23.18 -36.55
C ALA A 155 22.55 -24.50 -36.21
N TRP A 156 23.01 -25.16 -35.14
CA TRP A 156 22.56 -26.51 -34.80
C TRP A 156 21.50 -26.57 -33.70
N HIS A 157 21.49 -25.60 -32.79
CA HIS A 157 20.69 -25.69 -31.58
C HIS A 157 19.67 -24.58 -31.35
N LEU A 158 19.72 -23.51 -32.14
CA LEU A 158 18.75 -22.41 -32.01
C LEU A 158 17.94 -22.17 -33.28
N PHE A 159 18.63 -21.90 -34.38
CA PHE A 159 17.99 -21.51 -35.63
C PHE A 159 17.12 -22.60 -36.28
N PRO A 160 17.37 -23.89 -36.01
CA PRO A 160 16.46 -24.88 -36.59
C PRO A 160 15.01 -24.76 -36.12
N TRP A 161 14.78 -24.17 -34.95
CA TRP A 161 13.42 -24.05 -34.37
C TRP A 161 12.96 -22.63 -34.01
N SER A 162 13.88 -21.66 -33.96
CA SER A 162 13.58 -20.34 -33.40
C SER A 162 12.69 -19.49 -34.29
N THR A 163 12.81 -19.65 -35.61
CA THR A 163 11.94 -18.94 -36.55
C THR A 163 10.47 -19.35 -36.36
N ARG A 164 10.24 -20.64 -36.13
CA ARG A 164 8.89 -21.15 -35.92
C ARG A 164 8.31 -20.65 -34.60
N PHE A 165 9.13 -20.71 -33.55
CA PHE A 165 8.74 -20.20 -32.24
C PHE A 165 8.37 -18.72 -32.33
N LEU A 166 9.19 -17.94 -33.03
CA LEU A 166 8.93 -16.51 -33.18
C LEU A 166 7.70 -16.21 -34.05
N ASP A 167 7.46 -17.01 -35.08
CA ASP A 167 6.25 -16.86 -35.91
C ASP A 167 4.99 -16.97 -35.05
N VAL A 168 4.94 -18.00 -34.19
CA VAL A 168 3.77 -18.23 -33.34
C VAL A 168 3.73 -17.24 -32.18
N PHE A 169 4.90 -16.88 -31.65
CA PHE A 169 5.00 -15.92 -30.55
C PHE A 169 4.54 -14.52 -30.97
N ILE A 170 4.98 -14.06 -32.14
CA ILE A 170 4.57 -12.76 -32.67
C ILE A 170 3.05 -12.73 -32.89
N GLU A 171 2.52 -13.84 -33.42
CA GLU A 171 1.08 -13.97 -33.65
C GLU A 171 0.29 -13.95 -32.33
N LYS A 172 0.85 -14.54 -31.28
CA LYS A 172 0.14 -14.73 -30.01
C LYS A 172 0.53 -13.77 -28.89
N ALA A 173 1.42 -12.82 -29.17
CA ALA A 173 1.92 -11.89 -28.14
C ALA A 173 0.78 -11.05 -27.57
N GLU A 174 0.01 -10.44 -28.48
CA GLU A 174 -1.15 -9.63 -28.10
C GLU A 174 -0.83 -8.49 -27.13
N HIS A 175 0.38 -7.96 -27.25
CA HIS A 175 0.82 -6.82 -26.46
C HIS A 175 1.88 -6.08 -27.26
N PRO A 176 1.67 -4.78 -27.51
CA PRO A 176 2.52 -4.07 -28.46
C PRO A 176 4.02 -4.22 -28.18
N PHE A 177 4.42 -4.14 -26.92
CA PHE A 177 5.83 -4.29 -26.54
C PHE A 177 6.40 -5.66 -26.90
N TYR A 178 5.71 -6.72 -26.48
CA TYR A 178 6.20 -8.08 -26.70
C TYR A 178 6.03 -8.56 -28.14
N ARG A 179 5.01 -8.08 -28.85
CA ARG A 179 4.89 -8.34 -30.29
CA ARG A 179 4.88 -8.33 -30.28
C ARG A 179 6.07 -7.70 -31.00
N ALA A 180 6.39 -6.45 -30.64
CA ALA A 180 7.52 -5.71 -31.21
C ALA A 180 8.86 -6.40 -30.95
N LEU A 181 9.04 -6.88 -29.71
CA LEU A 181 10.24 -7.65 -29.34
C LEU A 181 10.41 -8.89 -30.22
N GLY A 182 9.30 -9.60 -30.46
CA GLY A 182 9.29 -10.77 -31.34
C GLY A 182 9.76 -10.44 -32.75
N GLU A 183 9.25 -9.34 -33.29
CA GLU A 183 9.61 -8.90 -34.66
C GLU A 183 11.07 -8.46 -34.75
N LEU A 184 11.56 -7.78 -33.71
CA LEU A 184 12.97 -7.40 -33.64
C LEU A 184 13.86 -8.64 -33.60
N ALA A 185 13.46 -9.61 -32.80
CA ALA A 185 14.18 -10.88 -32.70
C ALA A 185 14.20 -11.61 -34.04
N ARG A 186 13.05 -11.64 -34.73
CA ARG A 186 12.97 -12.33 -36.01
C ARG A 186 13.89 -11.68 -37.05
N LEU A 187 13.81 -10.36 -37.18
CA LEU A 187 14.69 -9.63 -38.09
C LEU A 187 16.16 -9.85 -37.74
N THR A 188 16.52 -9.59 -36.48
CA THR A 188 17.92 -9.68 -36.05
C THR A 188 18.51 -11.07 -36.24
N LEU A 189 17.80 -12.10 -35.80
CA LEU A 189 18.26 -13.48 -35.95
C LEU A 189 18.33 -13.92 -37.42
N ALA A 190 17.42 -13.42 -38.25
CA ALA A 190 17.44 -13.72 -39.69
C ALA A 190 18.69 -13.12 -40.36
N GLN A 191 19.06 -11.92 -39.91
CA GLN A 191 20.28 -11.26 -40.34
C GLN A 191 21.51 -12.08 -39.91
N TRP A 192 21.50 -12.58 -38.69
CA TRP A 192 22.62 -13.37 -38.19
C TRP A 192 22.74 -14.68 -38.95
N GLN A 193 21.60 -15.30 -39.24
CA GLN A 193 21.54 -16.54 -40.00
C GLN A 193 22.20 -16.39 -41.38
N SER A 194 22.06 -15.22 -42.00
CA SER A 194 22.63 -14.97 -43.33
C SER A 194 24.15 -14.76 -43.28
N GLN A 195 24.67 -14.41 -42.12
CA GLN A 195 26.13 -14.23 -41.93
C GLN A 195 26.84 -15.54 -41.60
N LEU A 196 26.09 -16.60 -41.31
CA LEU A 196 26.67 -17.89 -40.95
C LEU A 196 27.59 -18.43 -42.05
N LEU A 197 28.67 -19.09 -41.62
CA LEU A 197 29.62 -19.74 -42.54
C LEU A 197 29.43 -21.27 -42.53
N ILE A 198 28.51 -21.75 -41.71
CA ILE A 198 28.03 -23.13 -41.81
C ILE A 198 26.51 -23.11 -41.86
N PRO A 199 25.90 -24.07 -42.57
CA PRO A 199 24.46 -24.01 -42.76
C PRO A 199 23.69 -24.38 -41.49
N VAL A 200 22.47 -23.86 -41.38
CA VAL A 200 21.56 -24.22 -40.30
C VAL A 200 21.13 -25.68 -40.47
N ALA A 201 21.12 -26.43 -39.37
CA ALA A 201 20.67 -27.82 -39.38
C ALA A 201 19.18 -27.87 -39.67
N VAL A 202 18.81 -28.61 -40.71
CA VAL A 202 17.41 -28.75 -41.10
C VAL A 202 16.77 -29.89 -40.33
N LYS A 203 15.79 -29.56 -39.50
CA LYS A 203 15.12 -30.53 -38.63
C LYS A 203 13.62 -30.40 -38.75
N PRO A 204 12.90 -31.53 -38.62
CA PRO A 204 11.44 -31.48 -38.73
C PRO A 204 10.78 -30.90 -37.49
N LEU A 205 9.80 -30.02 -37.69
CA LEU A 205 9.05 -29.41 -36.59
C LEU A 205 7.72 -30.14 -36.35
N PHE A 206 7.36 -30.28 -35.07
CA PHE A 206 6.15 -31.00 -34.67
C PHE A 206 5.15 -30.09 -33.94
N ARG A 207 5.30 -28.78 -34.13
CA ARG A 207 4.39 -27.80 -33.53
C ARG A 207 4.43 -26.49 -34.32
N MET B 4 -5.33 -45.70 -23.89
CA MET B 4 -5.33 -44.28 -24.36
C MET B 4 -4.08 -43.57 -23.81
N THR B 5 -4.21 -42.33 -23.34
CA THR B 5 -3.05 -41.56 -22.88
C THR B 5 -3.00 -41.55 -21.35
N HIS B 6 -1.79 -41.49 -20.82
CA HIS B 6 -1.58 -41.50 -19.38
C HIS B 6 -2.11 -40.21 -18.75
N PHE B 7 -2.74 -40.31 -17.59
CA PHE B 7 -3.42 -39.17 -16.96
C PHE B 7 -2.50 -37.96 -16.72
N SER B 8 -1.21 -38.20 -16.54
CA SER B 8 -0.24 -37.10 -16.35
C SER B 8 -0.02 -36.29 -17.61
N GLN B 9 -0.40 -36.83 -18.77
CA GLN B 9 -0.22 -36.16 -20.06
C GLN B 9 -1.50 -35.49 -20.57
N GLN B 10 -2.53 -35.41 -19.72
CA GLN B 10 -3.81 -34.82 -20.11
C GLN B 10 -4.57 -34.21 -18.92
N ASP B 11 -5.82 -33.80 -19.17
CA ASP B 11 -6.67 -33.15 -18.17
C ASP B 11 -5.91 -32.14 -17.30
N ASN B 12 -5.08 -31.31 -17.94
CA ASN B 12 -4.36 -30.25 -17.24
C ASN B 12 -3.60 -30.70 -15.98
N PHE B 13 -2.99 -31.88 -16.04
CA PHE B 13 -2.30 -32.43 -14.87
C PHE B 13 -1.15 -31.53 -14.41
N SER B 14 -0.22 -31.25 -15.30
CA SER B 14 0.97 -30.46 -14.94
C SER B 14 0.60 -29.08 -14.42
N VAL B 15 -0.31 -28.39 -15.10
CA VAL B 15 -0.73 -27.06 -14.67
C VAL B 15 -1.44 -27.05 -13.31
N ALA B 16 -2.21 -28.10 -13.02
CA ALA B 16 -2.87 -28.22 -11.73
C ALA B 16 -1.86 -28.52 -10.63
N ALA B 17 -1.00 -29.50 -10.89
CA ALA B 17 0.08 -29.85 -9.96
C ALA B 17 0.94 -28.65 -9.57
N ARG B 18 1.25 -27.80 -10.55
CA ARG B 18 2.07 -26.60 -10.32
C ARG B 18 1.38 -25.54 -9.48
N VAL B 19 0.10 -25.29 -9.77
CA VAL B 19 -0.66 -24.30 -9.00
C VAL B 19 -0.69 -24.70 -7.53
N LEU B 20 -0.98 -25.98 -7.26
CA LEU B 20 -1.05 -26.48 -5.91
C LEU B 20 0.33 -26.47 -5.25
N GLY B 21 1.32 -27.05 -5.93
CA GLY B 21 2.68 -27.15 -5.39
C GLY B 21 3.29 -25.81 -5.03
N ALA B 22 3.13 -24.83 -5.91
CA ALA B 22 3.70 -23.50 -5.70
C ALA B 22 2.99 -22.74 -4.57
N LEU B 23 1.69 -22.98 -4.42
CA LEU B 23 0.92 -22.32 -3.36
C LEU B 23 1.19 -22.91 -1.98
N PHE B 24 1.71 -24.14 -1.93
CA PHE B 24 2.16 -24.74 -0.68
C PHE B 24 3.62 -24.40 -0.37
N TYR B 25 4.44 -24.23 -1.41
CA TYR B 25 5.88 -24.03 -1.23
C TYR B 25 6.30 -22.56 -1.15
N TYR B 26 5.66 -21.70 -1.95
CA TYR B 26 6.02 -20.29 -1.99
C TYR B 26 5.04 -19.41 -1.22
N ALA B 27 5.56 -18.28 -0.72
CA ALA B 27 4.77 -17.32 0.03
C ALA B 27 3.81 -16.59 -0.90
N PRO B 28 2.61 -16.23 -0.41
CA PRO B 28 1.59 -15.66 -1.29
C PRO B 28 1.98 -14.34 -1.96
N GLU B 29 2.80 -13.52 -1.31
CA GLU B 29 3.24 -12.25 -1.90
C GLU B 29 4.49 -12.38 -2.78
N SER B 30 5.03 -13.60 -2.89
CA SER B 30 6.20 -13.85 -3.72
C SER B 30 5.88 -13.72 -5.22
N ALA B 31 6.92 -13.72 -6.03
CA ALA B 31 6.76 -13.60 -7.48
C ALA B 31 6.18 -14.89 -8.06
N GLU B 32 6.44 -16.01 -7.39
CA GLU B 32 5.98 -17.31 -7.87
C GLU B 32 4.49 -17.56 -7.59
N ALA B 33 4.00 -17.10 -6.45
CA ALA B 33 2.65 -17.46 -5.99
C ALA B 33 1.61 -16.33 -6.04
N ALA B 34 2.03 -15.07 -6.06
CA ALA B 34 1.10 -13.95 -6.11
C ALA B 34 0.13 -14.03 -7.30
N PRO B 35 0.64 -14.34 -8.50
CA PRO B 35 -0.26 -14.53 -9.64
C PRO B 35 -1.26 -15.66 -9.44
N LEU B 36 -0.84 -16.72 -8.77
CA LEU B 36 -1.69 -17.88 -8.51
C LEU B 36 -2.81 -17.51 -7.53
N VAL B 37 -2.48 -16.66 -6.55
CA VAL B 37 -3.47 -16.14 -5.62
C VAL B 37 -4.48 -15.27 -6.35
N ALA B 38 -3.99 -14.37 -7.20
CA ALA B 38 -4.85 -13.53 -8.02
C ALA B 38 -5.85 -14.37 -8.83
N VAL B 39 -5.37 -15.44 -9.44
CA VAL B 39 -6.19 -16.30 -10.29
C VAL B 39 -7.28 -17.04 -9.50
N LEU B 40 -6.93 -17.53 -8.32
CA LEU B 40 -7.87 -18.29 -7.50
C LEU B 40 -8.88 -17.41 -6.77
N THR B 41 -8.59 -16.12 -6.64
CA THR B 41 -9.48 -15.19 -5.94
C THR B 41 -10.32 -14.36 -6.91
N SER B 42 -10.36 -14.78 -8.16
CA SER B 42 -11.17 -14.13 -9.19
C SER B 42 -11.81 -15.21 -10.06
N ASP B 43 -12.99 -14.92 -10.60
CA ASP B 43 -13.80 -15.93 -11.30
C ASP B 43 -13.10 -16.48 -12.54
N GLY B 44 -13.54 -17.66 -12.99
CA GLY B 44 -13.05 -18.25 -14.23
C GLY B 44 -12.00 -19.36 -14.11
N TRP B 45 -11.30 -19.42 -12.97
CA TRP B 45 -10.29 -20.45 -12.76
C TRP B 45 -10.88 -21.86 -12.78
N GLU B 46 -12.13 -21.99 -12.34
CA GLU B 46 -12.84 -23.28 -12.31
C GLU B 46 -13.07 -23.91 -13.69
N THR B 47 -13.14 -23.08 -14.73
CA THR B 47 -13.37 -23.59 -16.08
C THR B 47 -12.18 -24.42 -16.57
N GLN B 48 -10.97 -24.03 -16.15
CA GLN B 48 -9.75 -24.72 -16.55
C GLN B 48 -9.32 -25.84 -15.60
N TRP B 49 -9.77 -25.80 -14.35
CA TRP B 49 -9.37 -26.81 -13.37
C TRP B 49 -10.00 -28.18 -13.69
N PRO B 50 -9.19 -29.25 -13.61
CA PRO B 50 -9.67 -30.57 -14.02
C PRO B 50 -10.53 -31.26 -12.95
N LEU B 51 -11.67 -30.64 -12.65
CA LEU B 51 -12.70 -31.23 -11.80
C LEU B 51 -14.05 -30.68 -12.26
N PRO B 52 -15.15 -31.40 -11.95
CA PRO B 52 -16.47 -30.90 -12.36
C PRO B 52 -16.83 -29.58 -11.68
N GLU B 53 -17.37 -28.63 -12.45
CA GLU B 53 -17.71 -27.29 -11.95
C GLU B 53 -18.71 -27.30 -10.79
N ALA B 54 -19.61 -28.29 -10.77
CA ALA B 54 -20.58 -28.43 -9.68
C ALA B 54 -19.86 -28.67 -8.35
N SER B 55 -18.84 -29.51 -8.39
CA SER B 55 -18.01 -29.80 -7.21
C SER B 55 -17.09 -28.64 -6.79
N LEU B 56 -16.82 -27.72 -7.72
CA LEU B 56 -15.91 -26.60 -7.45
C LEU B 56 -16.64 -25.31 -7.02
N ALA B 57 -17.95 -25.25 -7.25
CA ALA B 57 -18.76 -24.08 -6.93
C ALA B 57 -18.54 -23.51 -5.52
N PRO B 58 -18.60 -24.36 -4.48
CA PRO B 58 -18.37 -23.84 -3.12
C PRO B 58 -16.96 -23.30 -2.88
N LEU B 59 -15.96 -23.86 -3.56
CA LEU B 59 -14.57 -23.42 -3.40
C LEU B 59 -14.32 -22.06 -4.06
N VAL B 60 -15.01 -21.80 -5.17
CA VAL B 60 -14.96 -20.49 -5.82
C VAL B 60 -15.31 -19.37 -4.83
N THR B 61 -16.44 -19.54 -4.13
CA THR B 61 -16.90 -18.53 -3.17
C THR B 61 -16.02 -18.52 -1.92
N ALA B 62 -15.58 -19.69 -1.48
CA ALA B 62 -14.71 -19.81 -0.31
C ALA B 62 -13.35 -19.15 -0.52
N PHE B 63 -12.79 -19.28 -1.73
CA PHE B 63 -11.50 -18.65 -2.04
C PHE B 63 -11.57 -17.13 -1.94
N GLN B 64 -12.73 -16.55 -2.23
CA GLN B 64 -12.91 -15.10 -2.22
C GLN B 64 -13.35 -14.52 -0.86
N THR B 65 -13.58 -15.39 0.12
CA THR B 65 -13.97 -14.93 1.46
C THR B 65 -12.82 -14.16 2.10
N GLN B 66 -13.12 -12.98 2.61
CA GLN B 66 -12.08 -12.10 3.15
C GLN B 66 -11.87 -12.39 4.62
N CYS B 67 -10.71 -11.95 5.12
CA CYS B 67 -10.30 -12.23 6.50
C CYS B 67 -9.37 -11.11 6.99
N GLU B 68 -9.42 -10.81 8.27
CA GLU B 68 -8.54 -9.79 8.86
C GLU B 68 -7.06 -10.21 8.80
N GLU B 69 -6.80 -11.50 9.02
CA GLU B 69 -5.47 -12.05 8.85
C GLU B 69 -5.13 -12.14 7.36
N THR B 70 -4.03 -11.51 6.97
CA THR B 70 -3.57 -11.52 5.58
C THR B 70 -3.16 -12.93 5.13
N HIS B 71 -3.15 -13.13 3.81
CA HIS B 71 -2.63 -14.35 3.22
C HIS B 71 -1.19 -14.61 3.70
N ALA B 72 -0.38 -13.55 3.73
CA ALA B 72 1.01 -13.63 4.13
C ALA B 72 1.18 -14.07 5.59
N GLN B 73 0.35 -13.51 6.48
CA GLN B 73 0.37 -13.90 7.90
C GLN B 73 -0.03 -15.36 8.09
N ALA B 74 -1.05 -15.79 7.36
CA ALA B 74 -1.51 -17.18 7.43
C ALA B 74 -0.49 -18.17 6.89
N TRP B 75 0.20 -17.80 5.81
CA TRP B 75 1.18 -18.69 5.20
C TRP B 75 2.42 -18.84 6.11
N GLN B 76 2.87 -17.73 6.67
CA GLN B 76 3.96 -17.70 7.64
C GLN B 76 3.63 -18.62 8.83
N ARG B 77 2.45 -18.41 9.39
CA ARG B 77 1.96 -19.20 10.50
C ARG B 77 1.85 -20.70 10.16
N LEU B 78 1.39 -21.01 8.95
CA LEU B 78 1.16 -22.40 8.55
C LEU B 78 2.40 -23.14 8.06
N PHE B 79 3.33 -22.43 7.42
CA PHE B 79 4.42 -23.09 6.69
C PHE B 79 5.86 -22.74 7.06
N VAL B 80 6.05 -21.74 7.92
CA VAL B 80 7.41 -21.32 8.28
C VAL B 80 7.64 -21.33 9.79
N GLY B 81 6.86 -20.53 10.51
CA GLY B 81 7.01 -20.41 11.96
C GLY B 81 6.71 -18.99 12.43
N PRO B 82 7.40 -18.54 13.50
CA PRO B 82 8.46 -19.22 14.26
C PRO B 82 8.02 -20.43 15.09
N TRP B 83 6.74 -20.51 15.44
CA TRP B 83 6.25 -21.59 16.32
C TRP B 83 5.95 -22.88 15.53
N ALA B 84 5.57 -23.93 16.25
CA ALA B 84 5.27 -25.23 15.63
C ALA B 84 4.18 -25.10 14.57
N LEU B 85 4.36 -25.82 13.46
CA LEU B 85 3.40 -25.82 12.37
C LEU B 85 2.22 -26.74 12.71
N PRO B 86 0.98 -26.28 12.51
CA PRO B 86 -0.21 -27.10 12.75
C PRO B 86 -0.19 -28.45 12.03
N SER B 87 0.23 -28.45 10.76
CA SER B 87 0.37 -29.67 9.96
C SER B 87 1.68 -29.59 9.18
N PRO B 88 2.75 -30.23 9.69
CA PRO B 88 4.05 -30.15 9.01
C PRO B 88 4.03 -30.79 7.61
N PRO B 89 4.49 -30.04 6.58
CA PRO B 89 4.39 -30.46 5.18
C PRO B 89 5.47 -31.44 4.69
N TRP B 90 6.23 -32.05 5.59
CA TRP B 90 7.22 -33.05 5.20
C TRP B 90 6.72 -34.46 5.53
N GLY B 91 6.88 -35.37 4.57
CA GLY B 91 6.37 -36.72 4.68
C GLY B 91 6.89 -37.56 5.83
N SER B 92 8.16 -37.39 6.20
CA SER B 92 8.77 -38.19 7.26
C SER B 92 8.19 -37.91 8.66
N VAL B 93 7.58 -36.73 8.83
CA VAL B 93 6.84 -36.44 10.06
C VAL B 93 5.66 -37.40 10.23
N TRP B 94 5.09 -37.86 9.12
CA TRP B 94 3.93 -38.76 9.15
C TRP B 94 4.33 -40.23 9.00
N LEU B 95 5.37 -40.50 8.21
CA LEU B 95 5.78 -41.87 7.87
C LEU B 95 6.91 -42.47 8.73
N ASP B 96 7.74 -41.62 9.32
CA ASP B 96 8.84 -42.10 10.16
C ASP B 96 8.35 -42.28 11.59
N ARG B 97 8.62 -43.45 12.17
CA ARG B 97 8.20 -43.78 13.53
C ARG B 97 8.47 -42.65 14.54
N GLU B 98 9.56 -41.91 14.34
CA GLU B 98 9.98 -40.85 15.26
C GLU B 98 9.52 -39.43 14.88
N SER B 99 8.83 -39.29 13.75
CA SER B 99 8.37 -37.98 13.26
C SER B 99 9.51 -36.96 13.10
N VAL B 100 10.67 -37.43 12.65
CA VAL B 100 11.79 -36.55 12.37
C VAL B 100 11.79 -36.13 10.92
N LEU B 101 12.40 -34.98 10.63
CA LEU B 101 12.66 -34.59 9.25
C LEU B 101 13.87 -35.37 8.74
N PHE B 102 13.98 -35.51 7.42
CA PHE B 102 15.00 -36.35 6.78
C PHE B 102 14.97 -37.77 7.33
N GLY B 103 13.78 -38.36 7.36
CA GLY B 103 13.61 -39.70 7.89
C GLY B 103 13.91 -40.77 6.85
N ASP B 104 13.66 -42.02 7.22
CA ASP B 104 13.83 -43.16 6.31
C ASP B 104 13.03 -43.01 5.02
N SER B 105 11.82 -42.44 5.12
CA SER B 105 10.99 -42.20 3.94
C SER B 105 11.58 -41.11 3.04
N THR B 106 12.24 -40.13 3.65
CA THR B 106 12.92 -39.07 2.90
C THR B 106 14.10 -39.65 2.11
N LEU B 107 14.81 -40.60 2.73
CA LEU B 107 15.95 -41.26 2.10
C LEU B 107 15.53 -42.19 0.95
N ALA B 108 14.37 -42.83 1.09
CA ALA B 108 13.84 -43.70 0.02
C ALA B 108 13.50 -42.89 -1.23
N LEU B 109 12.85 -41.75 -1.03
CA LEU B 109 12.61 -40.78 -2.10
C LEU B 109 13.91 -40.38 -2.78
N ARG B 110 14.90 -40.03 -1.98
CA ARG B 110 16.21 -39.62 -2.49
C ARG B 110 16.83 -40.69 -3.37
N GLN B 111 16.84 -41.94 -2.88
CA GLN B 111 17.40 -43.06 -3.64
C GLN B 111 16.63 -43.33 -4.93
N TRP B 112 15.31 -43.20 -4.88
CA TRP B 112 14.46 -43.36 -6.06
C TRP B 112 14.78 -42.29 -7.11
N MET B 113 14.95 -41.04 -6.65
CA MET B 113 15.38 -39.95 -7.53
C MET B 113 16.75 -40.23 -8.15
N ARG B 114 17.67 -40.75 -7.35
CA ARG B 114 19.01 -41.09 -7.83
CA ARG B 114 19.00 -41.09 -7.83
C ARG B 114 18.92 -42.27 -8.80
N GLU B 115 18.16 -43.29 -8.42
CA GLU B 115 17.97 -44.47 -9.25
C GLU B 115 17.46 -44.11 -10.65
N LYS B 116 16.44 -43.26 -10.70
CA LYS B 116 15.82 -42.87 -11.97
C LYS B 116 16.49 -41.66 -12.64
N GLY B 117 17.61 -41.20 -12.09
CA GLY B 117 18.37 -40.09 -12.69
C GLY B 117 17.59 -38.79 -12.75
N ILE B 118 16.76 -38.55 -11.74
CA ILE B 118 15.96 -37.33 -11.67
C ILE B 118 16.81 -36.21 -11.05
N GLN B 119 17.08 -35.17 -11.85
CA GLN B 119 17.99 -34.10 -11.43
C GLN B 119 17.24 -32.86 -10.91
N PHE B 120 16.02 -33.07 -10.42
CA PHE B 120 15.21 -32.00 -9.83
C PHE B 120 15.72 -31.77 -8.42
N GLU B 121 16.15 -30.55 -8.12
CA GLU B 121 16.78 -30.24 -6.84
C GLU B 121 16.03 -29.20 -6.02
N MET B 122 15.98 -29.44 -4.71
CA MET B 122 15.31 -28.56 -3.76
C MET B 122 16.25 -27.45 -3.29
N LYS B 123 15.71 -26.56 -2.45
CA LYS B 123 16.47 -25.51 -1.79
C LYS B 123 17.48 -26.11 -0.81
N GLN B 124 18.61 -25.43 -0.64
CA GLN B 124 19.71 -25.86 0.22
C GLN B 124 19.27 -26.24 1.64
N ASN B 125 19.69 -27.41 2.11
CA ASN B 125 19.39 -27.90 3.47
C ASN B 125 17.94 -28.33 3.69
N GLU B 126 17.14 -28.34 2.64
CA GLU B 126 15.72 -28.68 2.77
C GLU B 126 15.50 -30.16 2.42
N PRO B 127 14.56 -30.82 3.12
CA PRO B 127 14.19 -32.19 2.76
C PRO B 127 13.45 -32.27 1.44
N GLU B 128 13.66 -33.35 0.71
CA GLU B 128 13.02 -33.57 -0.60
C GLU B 128 11.52 -33.82 -0.49
N ASP B 129 11.06 -34.33 0.66
CA ASP B 129 9.68 -34.81 0.80
C ASP B 129 8.68 -33.74 1.27
N HIS B 130 8.89 -32.49 0.86
CA HIS B 130 7.94 -31.41 1.14
C HIS B 130 6.75 -31.57 0.18
N PHE B 131 5.54 -31.34 0.70
CA PHE B 131 4.29 -31.56 -0.06
C PHE B 131 4.29 -30.78 -1.37
N GLY B 132 4.53 -29.47 -1.27
CA GLY B 132 4.64 -28.60 -2.44
C GLY B 132 5.73 -28.99 -3.41
N SER B 133 6.90 -29.36 -2.88
CA SER B 133 8.04 -29.78 -3.70
C SER B 133 7.71 -31.00 -4.55
N LEU B 134 7.07 -32.00 -3.92
CA LEU B 134 6.74 -33.24 -4.59
C LEU B 134 5.79 -33.02 -5.77
N LEU B 135 4.79 -32.16 -5.60
CA LEU B 135 3.88 -31.82 -6.68
C LEU B 135 4.58 -31.04 -7.79
N LEU B 136 5.46 -30.11 -7.43
CA LEU B 136 6.26 -29.37 -8.42
C LEU B 136 7.14 -30.31 -9.24
N MET B 137 7.68 -31.33 -8.57
CA MET B 137 8.47 -32.37 -9.23
C MET B 137 7.59 -33.26 -10.12
N ALA B 138 6.41 -33.59 -9.62
CA ALA B 138 5.46 -34.40 -10.37
C ALA B 138 5.06 -33.70 -11.68
N ALA B 139 4.75 -32.41 -11.59
CA ALA B 139 4.44 -31.61 -12.77
C ALA B 139 5.62 -31.56 -13.73
N TRP B 140 6.81 -31.41 -13.16
CA TRP B 140 8.07 -31.38 -13.90
C TRP B 140 8.29 -32.66 -14.68
N LEU B 141 8.12 -33.81 -14.02
CA LEU B 141 8.23 -35.12 -14.67
C LEU B 141 7.19 -35.29 -15.76
N ALA B 142 5.96 -34.87 -15.48
CA ALA B 142 4.88 -34.93 -16.45
C ALA B 142 5.18 -34.07 -17.67
N GLU B 143 5.68 -32.84 -17.44
CA GLU B 143 6.11 -31.95 -18.53
C GLU B 143 7.24 -32.56 -19.35
N ASN B 144 8.09 -33.34 -18.71
CA ASN B 144 9.14 -34.07 -19.41
C ASN B 144 8.66 -35.36 -20.08
N GLY B 145 7.40 -35.70 -19.89
CA GLY B 145 6.81 -36.87 -20.51
C GLY B 145 7.21 -38.19 -19.87
N ARG B 146 7.80 -38.12 -18.68
CA ARG B 146 8.19 -39.31 -17.92
C ARG B 146 7.02 -39.72 -17.04
N GLN B 147 6.01 -40.30 -17.70
CA GLN B 147 4.73 -40.63 -17.08
C GLN B 147 4.82 -41.74 -16.02
N THR B 148 5.63 -42.76 -16.27
CA THR B 148 5.81 -43.85 -15.30
C THR B 148 6.46 -43.34 -14.00
N GLU B 149 7.46 -42.48 -14.14
CA GLU B 149 8.13 -41.87 -12.96
C GLU B 149 7.15 -40.99 -12.19
N CYS B 150 6.35 -40.22 -12.92
CA CYS B 150 5.34 -39.36 -12.32
C CYS B 150 4.34 -40.18 -11.50
N GLU B 151 3.90 -41.31 -12.04
CA GLU B 151 2.96 -42.18 -11.33
C GLU B 151 3.62 -42.82 -10.11
N GLU B 152 4.88 -43.25 -10.25
CA GLU B 152 5.66 -43.78 -9.12
C GLU B 152 5.84 -42.77 -7.99
N LEU B 153 6.07 -41.51 -8.34
CA LEU B 153 6.20 -40.44 -7.36
C LEU B 153 4.92 -40.32 -6.52
N LEU B 154 3.79 -40.21 -7.20
CA LEU B 154 2.50 -40.04 -6.53
C LEU B 154 2.14 -41.24 -5.64
N ALA B 155 2.28 -42.45 -6.17
CA ALA B 155 1.85 -43.66 -5.46
C ALA B 155 2.77 -44.07 -4.31
N TRP B 156 4.07 -43.85 -4.49
CA TRP B 156 5.06 -44.35 -3.54
C TRP B 156 5.57 -43.29 -2.57
N HIS B 157 5.58 -42.03 -2.97
CA HIS B 157 6.24 -40.99 -2.17
C HIS B 157 5.37 -39.82 -1.71
N LEU B 158 4.13 -39.75 -2.21
CA LEU B 158 3.21 -38.68 -1.81
C LEU B 158 1.92 -39.23 -1.20
N PHE B 159 1.19 -40.04 -1.98
CA PHE B 159 -0.14 -40.53 -1.56
C PHE B 159 -0.21 -41.34 -0.27
N PRO B 160 0.87 -42.02 0.13
CA PRO B 160 0.82 -42.71 1.42
C PRO B 160 0.59 -41.79 2.62
N TRP B 161 0.98 -40.52 2.53
CA TRP B 161 0.84 -39.59 3.65
C TRP B 161 0.04 -38.31 3.37
N SER B 162 -0.19 -38.01 2.09
CA SER B 162 -0.77 -36.72 1.70
C SER B 162 -2.21 -36.53 2.17
N THR B 163 -2.97 -37.62 2.21
CA THR B 163 -4.34 -37.61 2.69
C THR B 163 -4.41 -37.23 4.17
N ARG B 164 -3.54 -37.84 4.97
CA ARG B 164 -3.47 -37.52 6.39
C ARG B 164 -2.99 -36.07 6.59
N PHE B 165 -1.95 -35.68 5.86
CA PHE B 165 -1.44 -34.30 5.91
C PHE B 165 -2.57 -33.30 5.63
N LEU B 166 -3.33 -33.57 4.57
CA LEU B 166 -4.42 -32.67 4.14
C LEU B 166 -5.59 -32.62 5.11
N ASP B 167 -5.90 -33.75 5.74
CA ASP B 167 -6.94 -33.81 6.76
C ASP B 167 -6.62 -32.86 7.92
N VAL B 168 -5.38 -32.92 8.41
CA VAL B 168 -4.95 -32.04 9.50
C VAL B 168 -4.88 -30.59 9.02
N PHE B 169 -4.35 -30.38 7.82
CA PHE B 169 -4.17 -29.03 7.28
C PHE B 169 -5.50 -28.31 7.08
N ILE B 170 -6.48 -29.01 6.52
CA ILE B 170 -7.81 -28.45 6.28
C ILE B 170 -8.49 -28.08 7.59
N GLU B 171 -8.30 -28.92 8.60
CA GLU B 171 -8.88 -28.67 9.92
C GLU B 171 -8.24 -27.45 10.59
N LYS B 172 -6.91 -27.42 10.61
CA LYS B 172 -6.18 -26.39 11.34
C LYS B 172 -5.78 -25.15 10.51
N ALA B 173 -6.28 -25.04 9.29
CA ALA B 173 -5.93 -23.90 8.42
C ALA B 173 -6.29 -22.55 9.03
N GLU B 174 -7.51 -22.46 9.58
CA GLU B 174 -8.02 -21.23 10.20
C GLU B 174 -7.91 -19.96 9.32
N HIS B 175 -8.04 -20.15 8.01
CA HIS B 175 -8.01 -19.05 7.05
C HIS B 175 -8.71 -19.53 5.78
N PRO B 176 -9.74 -18.79 5.33
CA PRO B 176 -10.61 -19.30 4.26
C PRO B 176 -9.90 -19.66 2.96
N PHE B 177 -8.92 -18.84 2.57
CA PHE B 177 -8.13 -19.11 1.37
C PHE B 177 -7.41 -20.45 1.46
N TYR B 178 -6.66 -20.64 2.54
CA TYR B 178 -5.82 -21.83 2.69
C TYR B 178 -6.62 -23.07 3.06
N ARG B 179 -7.77 -22.88 3.70
CA ARG B 179 -8.73 -23.96 3.91
C ARG B 179 -9.26 -24.44 2.56
N ALA B 180 -9.62 -23.48 1.71
CA ALA B 180 -10.12 -23.78 0.37
C ALA B 180 -9.04 -24.47 -0.48
N LEU B 181 -7.80 -24.02 -0.32
CA LEU B 181 -6.67 -24.61 -1.04
C LEU B 181 -6.47 -26.07 -0.62
N GLY B 182 -6.56 -26.32 0.68
CA GLY B 182 -6.45 -27.67 1.22
C GLY B 182 -7.51 -28.61 0.67
N GLU B 183 -8.75 -28.11 0.58
CA GLU B 183 -9.86 -28.87 0.03
C GLU B 183 -9.70 -29.11 -1.47
N LEU B 184 -9.26 -28.07 -2.20
CA LEU B 184 -9.01 -28.19 -3.64
C LEU B 184 -7.95 -29.23 -3.92
N ALA B 185 -6.91 -29.26 -3.07
CA ALA B 185 -5.84 -30.23 -3.19
C ALA B 185 -6.36 -31.66 -2.95
N ARG B 186 -7.16 -31.84 -1.91
CA ARG B 186 -7.70 -33.16 -1.58
C ARG B 186 -8.57 -33.75 -2.71
N LEU B 187 -9.45 -32.92 -3.25
CA LEU B 187 -10.32 -33.34 -4.35
C LEU B 187 -9.50 -33.65 -5.60
N THR B 188 -8.48 -32.83 -5.85
CA THR B 188 -7.63 -33.00 -7.04
C THR B 188 -6.75 -34.25 -6.94
N LEU B 189 -6.06 -34.42 -5.83
CA LEU B 189 -5.21 -35.58 -5.60
C LEU B 189 -6.01 -36.89 -5.53
N ALA B 190 -7.24 -36.83 -5.00
CA ALA B 190 -8.13 -37.99 -4.98
C ALA B 190 -8.53 -38.41 -6.41
N GLN B 191 -8.75 -37.41 -7.26
CA GLN B 191 -9.10 -37.66 -8.65
C GLN B 191 -7.94 -38.39 -9.34
N TRP B 192 -6.72 -37.90 -9.12
CA TRP B 192 -5.52 -38.53 -9.68
C TRP B 192 -5.30 -39.94 -9.15
N GLN B 193 -5.50 -40.13 -7.84
CA GLN B 193 -5.30 -41.43 -7.21
C GLN B 193 -6.24 -42.49 -7.77
N SER B 194 -7.45 -42.08 -8.17
CA SER B 194 -8.43 -43.02 -8.74
C SER B 194 -8.04 -43.52 -10.12
N GLN B 195 -7.13 -42.80 -10.79
CA GLN B 195 -6.69 -43.15 -12.15
C GLN B 195 -5.40 -43.96 -12.17
N LEU B 196 -4.84 -44.23 -10.99
CA LEU B 196 -3.60 -45.01 -10.88
C LEU B 196 -3.80 -46.47 -11.28
N LEU B 197 -2.77 -47.03 -11.92
CA LEU B 197 -2.67 -48.46 -12.15
C LEU B 197 -1.72 -49.13 -11.16
N ILE B 198 -0.82 -48.36 -10.55
CA ILE B 198 0.08 -48.92 -9.54
C ILE B 198 -0.49 -48.66 -8.13
N PRO B 199 -0.32 -49.63 -7.21
CA PRO B 199 -0.95 -49.50 -5.91
C PRO B 199 -0.33 -48.41 -5.03
N VAL B 200 -1.17 -47.82 -4.18
CA VAL B 200 -0.73 -46.95 -3.10
C VAL B 200 -0.58 -47.80 -1.86
N ALA B 201 0.67 -48.01 -1.43
CA ALA B 201 0.92 -48.77 -0.21
C ALA B 201 0.35 -48.02 0.99
N VAL B 202 -0.46 -48.70 1.79
CA VAL B 202 -1.08 -48.08 2.97
C VAL B 202 -0.10 -48.20 4.15
N LYS B 203 0.83 -47.25 4.22
CA LYS B 203 1.86 -47.25 5.26
C LYS B 203 1.29 -46.78 6.60
N PRO B 204 1.90 -47.23 7.70
CA PRO B 204 1.47 -46.75 9.01
C PRO B 204 1.87 -45.29 9.24
N LEU B 205 1.01 -44.55 9.92
CA LEU B 205 1.21 -43.13 10.17
C LEU B 205 1.48 -42.89 11.64
N PHE B 206 2.27 -41.86 11.95
CA PHE B 206 2.71 -41.60 13.32
C PHE B 206 2.45 -40.17 13.78
N ARG B 207 1.49 -39.50 13.13
CA ARG B 207 1.16 -38.12 13.44
C ARG B 207 -0.20 -37.79 12.84
N MET C 4 13.45 -39.23 30.39
CA MET C 4 14.77 -39.44 29.72
C MET C 4 14.83 -38.83 28.32
N THR C 5 14.01 -37.80 28.07
CA THR C 5 13.99 -37.13 26.78
C THR C 5 15.12 -36.10 26.70
N HIS C 6 15.79 -36.05 25.56
CA HIS C 6 16.94 -35.16 25.36
C HIS C 6 16.45 -33.72 25.23
N PHE C 7 17.22 -32.77 25.75
CA PHE C 7 16.79 -31.37 25.80
C PHE C 7 16.57 -30.77 24.41
N SER C 8 17.26 -31.29 23.41
CA SER C 8 17.04 -30.87 22.02
C SER C 8 15.68 -31.29 21.47
N GLN C 9 15.04 -32.28 22.09
CA GLN C 9 13.77 -32.82 21.60
C GLN C 9 12.55 -32.30 22.35
N GLN C 10 12.71 -31.20 23.09
CA GLN C 10 11.62 -30.65 23.90
C GLN C 10 11.88 -29.20 24.27
N ASP C 11 10.92 -28.57 24.94
CA ASP C 11 11.08 -27.22 25.51
C ASP C 11 11.30 -26.13 24.47
N ASN C 12 10.71 -26.31 23.29
CA ASN C 12 10.87 -25.39 22.16
C ASN C 12 12.33 -25.12 21.77
N PHE C 13 13.20 -26.12 21.94
CA PHE C 13 14.62 -25.98 21.60
C PHE C 13 14.83 -25.54 20.15
N SER C 14 14.37 -26.36 19.19
CA SER C 14 14.62 -26.11 17.77
C SER C 14 14.01 -24.79 17.32
N VAL C 15 12.82 -24.49 17.83
CA VAL C 15 12.11 -23.24 17.53
C VAL C 15 12.88 -22.02 18.05
N ALA C 16 13.42 -22.12 19.26
CA ALA C 16 14.13 -21.01 19.87
C ALA C 16 15.49 -20.78 19.20
N ALA C 17 16.17 -21.87 18.86
CA ALA C 17 17.42 -21.81 18.14
C ALA C 17 17.24 -21.18 16.74
N ARG C 18 16.15 -21.55 16.06
CA ARG C 18 15.82 -20.99 14.76
C ARG C 18 15.54 -19.49 14.82
N VAL C 19 14.76 -19.06 15.81
CA VAL C 19 14.50 -17.62 15.97
C VAL C 19 15.81 -16.85 16.20
N LEU C 20 16.58 -17.29 17.19
CA LEU C 20 17.84 -16.64 17.51
C LEU C 20 18.80 -16.73 16.32
N GLY C 21 18.94 -17.93 15.77
CA GLY C 21 19.86 -18.18 14.68
C GLY C 21 19.61 -17.29 13.47
N ALA C 22 18.35 -17.16 13.08
CA ALA C 22 17.98 -16.38 11.89
C ALA C 22 18.16 -14.88 12.11
N LEU C 23 17.81 -14.40 13.29
CA LEU C 23 17.94 -12.97 13.63
C LEU C 23 19.40 -12.51 13.70
N PHE C 24 20.33 -13.43 13.92
CA PHE C 24 21.77 -13.12 13.88
C PHE C 24 22.35 -13.25 12.46
N TYR C 25 21.72 -14.06 11.60
CA TYR C 25 22.24 -14.32 10.26
C TYR C 25 21.62 -13.46 9.16
N TYR C 26 20.33 -13.15 9.28
CA TYR C 26 19.62 -12.41 8.22
C TYR C 26 19.25 -10.99 8.63
N ALA C 27 19.15 -10.11 7.64
CA ALA C 27 18.78 -8.72 7.85
C ALA C 27 17.34 -8.59 8.34
N PRO C 28 17.07 -7.60 9.22
CA PRO C 28 15.73 -7.47 9.80
C PRO C 28 14.61 -7.29 8.76
N GLU C 29 14.90 -6.61 7.66
CA GLU C 29 13.91 -6.42 6.59
C GLU C 29 13.74 -7.62 5.65
N SER C 30 14.56 -8.66 5.82
CA SER C 30 14.55 -9.82 4.92
C SER C 30 13.31 -10.68 5.10
N ALA C 31 13.04 -11.54 4.11
CA ALA C 31 11.92 -12.46 4.19
C ALA C 31 12.09 -13.39 5.40
N GLU C 32 13.33 -13.78 5.67
CA GLU C 32 13.62 -14.71 6.77
C GLU C 32 13.39 -14.10 8.15
N ALA C 33 13.81 -12.84 8.33
CA ALA C 33 13.84 -12.23 9.67
C ALA C 33 12.68 -11.29 9.98
N ALA C 34 12.10 -10.66 8.95
CA ALA C 34 11.00 -9.71 9.17
C ALA C 34 9.86 -10.27 10.03
N PRO C 35 9.42 -11.51 9.76
CA PRO C 35 8.38 -12.06 10.62
C PRO C 35 8.85 -12.27 12.06
N LEU C 36 10.14 -12.54 12.23
CA LEU C 36 10.72 -12.78 13.55
C LEU C 36 10.85 -11.48 14.34
N VAL C 37 11.20 -10.40 13.65
CA VAL C 37 11.26 -9.06 14.26
C VAL C 37 9.86 -8.60 14.69
N ALA C 38 8.85 -8.88 13.87
CA ALA C 38 7.45 -8.55 14.20
C ALA C 38 6.98 -9.26 15.49
N VAL C 39 7.29 -10.54 15.61
CA VAL C 39 6.85 -11.35 16.76
C VAL C 39 7.50 -10.89 18.07
N LEU C 40 8.76 -10.50 18.00
CA LEU C 40 9.48 -10.02 19.19
C LEU C 40 9.15 -8.57 19.55
N THR C 41 8.51 -7.84 18.63
CA THR C 41 8.09 -6.47 18.87
C THR C 41 6.60 -6.34 19.21
N SER C 42 5.97 -7.45 19.56
CA SER C 42 4.58 -7.45 20.01
C SER C 42 4.43 -8.39 21.21
N ASP C 43 3.51 -8.06 22.10
CA ASP C 43 3.32 -8.83 23.33
C ASP C 43 2.81 -10.23 23.00
N GLY C 44 3.27 -11.23 23.75
CA GLY C 44 2.80 -12.60 23.60
C GLY C 44 3.87 -13.64 23.38
N TRP C 45 4.99 -13.23 22.77
CA TRP C 45 6.07 -14.17 22.46
C TRP C 45 6.67 -14.83 23.71
N GLU C 46 6.63 -14.14 24.84
CA GLU C 46 7.26 -14.61 26.09
C GLU C 46 6.58 -15.82 26.72
N THR C 47 5.31 -16.07 26.36
CA THR C 47 4.59 -17.23 26.89
C THR C 47 5.11 -18.54 26.31
N GLN C 48 5.78 -18.48 25.15
CA GLN C 48 6.31 -19.65 24.48
C GLN C 48 7.82 -19.79 24.55
N TRP C 49 8.52 -18.74 24.97
CA TRP C 49 9.97 -18.81 25.11
C TRP C 49 10.33 -19.58 26.39
N PRO C 50 11.23 -20.56 26.29
CA PRO C 50 11.51 -21.44 27.42
C PRO C 50 12.41 -20.81 28.48
N LEU C 51 12.00 -19.67 29.03
CA LEU C 51 12.77 -18.99 30.07
C LEU C 51 11.83 -18.47 31.17
N PRO C 52 12.36 -18.27 32.39
CA PRO C 52 11.52 -17.79 33.47
C PRO C 52 11.05 -16.35 33.26
N GLU C 53 9.91 -16.01 33.85
CA GLU C 53 9.29 -14.70 33.71
C GLU C 53 10.19 -13.55 34.16
N ALA C 54 10.83 -13.70 35.31
CA ALA C 54 11.66 -12.64 35.90
C ALA C 54 12.73 -12.12 34.94
N SER C 55 13.27 -13.02 34.13
CA SER C 55 14.27 -12.66 33.13
C SER C 55 13.64 -12.06 31.87
N LEU C 56 12.46 -12.54 31.50
CA LEU C 56 11.83 -12.14 30.22
C LEU C 56 11.07 -10.81 30.28
N ALA C 57 10.52 -10.46 31.44
CA ALA C 57 9.66 -9.27 31.55
C ALA C 57 10.31 -7.99 31.00
N PRO C 58 11.55 -7.68 31.45
CA PRO C 58 12.24 -6.47 30.95
C PRO C 58 12.47 -6.49 29.45
N LEU C 59 12.74 -7.66 28.90
CA LEU C 59 13.05 -7.80 27.48
C LEU C 59 11.85 -7.50 26.58
N VAL C 60 10.64 -7.82 27.07
CA VAL C 60 9.40 -7.56 26.33
C VAL C 60 9.27 -6.07 25.97
N THR C 61 9.42 -5.21 26.96
CA THR C 61 9.36 -3.77 26.73
C THR C 61 10.65 -3.23 26.09
N ALA C 62 11.78 -3.85 26.38
CA ALA C 62 13.06 -3.43 25.79
C ALA C 62 13.03 -3.64 24.26
N PHE C 63 12.58 -4.83 23.85
CA PHE C 63 12.41 -5.14 22.43
C PHE C 63 11.51 -4.13 21.69
N GLN C 64 10.55 -3.53 22.40
CA GLN C 64 9.58 -2.62 21.79
C GLN C 64 9.95 -1.13 21.93
N THR C 65 11.14 -0.86 22.46
CA THR C 65 11.59 0.51 22.70
C THR C 65 11.93 1.21 21.37
N GLN C 66 11.44 2.43 21.22
CA GLN C 66 11.59 3.20 19.99
C GLN C 66 13.03 3.74 19.89
N CYS C 67 13.50 3.90 18.65
CA CYS C 67 14.88 4.28 18.40
C CYS C 67 15.03 5.08 17.09
N GLU C 68 15.91 6.07 17.11
CA GLU C 68 16.22 6.87 15.92
C GLU C 68 16.83 6.00 14.82
N GLU C 69 17.84 5.21 15.18
CA GLU C 69 18.45 4.27 14.26
C GLU C 69 17.49 3.11 14.00
N THR C 70 17.32 2.74 12.74
CA THR C 70 16.42 1.66 12.38
C THR C 70 17.03 0.30 12.68
N HIS C 71 16.20 -0.75 12.62
CA HIS C 71 16.68 -2.12 12.76
C HIS C 71 17.71 -2.43 11.66
N ALA C 72 17.43 -1.98 10.44
CA ALA C 72 18.32 -2.23 9.30
C ALA C 72 19.69 -1.58 9.49
N GLN C 73 19.68 -0.31 9.89
CA GLN C 73 20.93 0.43 10.09
C GLN C 73 21.80 -0.19 11.18
N ALA C 74 21.17 -0.68 12.24
CA ALA C 74 21.92 -1.31 13.33
C ALA C 74 22.52 -2.65 12.89
N TRP C 75 21.74 -3.45 12.20
CA TRP C 75 22.20 -4.77 11.75
C TRP C 75 23.39 -4.65 10.79
N GLN C 76 23.33 -3.68 9.89
CA GLN C 76 24.44 -3.37 8.97
C GLN C 76 25.72 -3.05 9.76
N ARG C 77 25.57 -2.17 10.74
CA ARG C 77 26.67 -1.76 11.62
C ARG C 77 27.23 -2.94 12.42
N LEU C 78 26.35 -3.78 12.95
CA LEU C 78 26.76 -4.87 13.84
C LEU C 78 27.22 -6.15 13.14
N PHE C 79 26.74 -6.40 11.92
CA PHE C 79 27.00 -7.68 11.24
C PHE C 79 27.66 -7.61 9.85
N VAL C 80 27.54 -6.48 9.16
CA VAL C 80 27.95 -6.40 7.76
C VAL C 80 29.20 -5.54 7.56
N GLY C 81 29.08 -4.25 7.89
CA GLY C 81 30.14 -3.29 7.63
C GLY C 81 29.56 -1.91 7.32
N PRO C 82 30.38 -1.02 6.70
CA PRO C 82 31.70 -1.30 6.15
C PRO C 82 32.80 -1.46 7.18
N TRP C 83 32.67 -0.77 8.33
CA TRP C 83 33.76 -0.72 9.30
C TRP C 83 33.81 -1.98 10.15
N ALA C 84 34.86 -2.08 10.96
CA ALA C 84 35.08 -3.24 11.82
C ALA C 84 33.86 -3.52 12.70
N LEU C 85 33.57 -4.81 12.90
CA LEU C 85 32.43 -5.20 13.70
C LEU C 85 32.84 -5.19 15.18
N PRO C 86 31.99 -4.63 16.06
CA PRO C 86 32.32 -4.59 17.50
C PRO C 86 32.48 -5.97 18.12
N SER C 87 31.68 -6.92 17.66
CA SER C 87 31.80 -8.32 18.06
C SER C 87 31.61 -9.24 16.84
N PRO C 88 32.72 -9.61 16.18
CA PRO C 88 32.64 -10.50 15.02
C PRO C 88 31.95 -11.83 15.36
N PRO C 89 30.88 -12.18 14.62
CA PRO C 89 30.07 -13.36 14.93
C PRO C 89 30.62 -14.70 14.45
N TRP C 90 31.94 -14.80 14.30
CA TRP C 90 32.59 -16.02 13.82
C TRP C 90 33.55 -16.56 14.89
N GLY C 91 33.44 -17.86 15.16
CA GLY C 91 34.10 -18.48 16.29
C GLY C 91 35.61 -18.42 16.32
N SER C 92 36.24 -18.55 15.16
CA SER C 92 37.71 -18.56 15.08
C SER C 92 38.33 -17.20 15.43
N VAL C 93 37.55 -16.13 15.36
CA VAL C 93 37.99 -14.83 15.84
C VAL C 93 38.32 -14.89 17.33
N TRP C 94 37.59 -15.74 18.06
CA TRP C 94 37.72 -15.85 19.50
C TRP C 94 38.63 -16.99 19.94
N LEU C 95 38.68 -18.06 19.16
CA LEU C 95 39.37 -19.29 19.57
C LEU C 95 40.75 -19.51 18.95
N ASP C 96 41.00 -18.89 17.79
CA ASP C 96 42.28 -19.03 17.09
C ASP C 96 43.22 -17.96 17.63
N ARG C 97 44.48 -18.34 17.87
CA ARG C 97 45.48 -17.43 18.44
C ARG C 97 45.50 -16.09 17.71
N GLU C 98 45.38 -16.14 16.39
CA GLU C 98 45.53 -14.96 15.55
C GLU C 98 44.20 -14.26 15.22
N SER C 99 43.09 -14.86 15.66
CA SER C 99 41.75 -14.31 15.42
C SER C 99 41.40 -14.14 13.93
N VAL C 100 41.94 -15.03 13.10
CA VAL C 100 41.61 -15.04 11.68
C VAL C 100 40.31 -15.81 11.44
N LEU C 101 39.61 -15.48 10.35
CA LEU C 101 38.47 -16.27 9.91
C LEU C 101 39.00 -17.54 9.27
N PHE C 102 38.14 -18.55 9.14
CA PHE C 102 38.55 -19.89 8.67
C PHE C 102 39.77 -20.39 9.46
N GLY C 103 39.74 -20.19 10.77
CA GLY C 103 40.87 -20.55 11.64
C GLY C 103 40.87 -22.02 11.97
N ASP C 104 41.64 -22.38 13.01
CA ASP C 104 41.82 -23.78 13.38
C ASP C 104 40.57 -24.40 14.01
N SER C 105 39.82 -23.60 14.77
CA SER C 105 38.58 -24.07 15.37
C SER C 105 37.51 -24.30 14.29
N THR C 106 37.54 -23.45 13.26
CA THR C 106 36.66 -23.58 12.11
C THR C 106 36.92 -24.90 11.40
N LEU C 107 38.20 -25.23 11.24
CA LEU C 107 38.63 -26.48 10.62
C LEU C 107 38.13 -27.69 11.43
N ALA C 108 38.32 -27.65 12.74
CA ALA C 108 37.89 -28.72 13.64
C ALA C 108 36.39 -28.98 13.51
N LEU C 109 35.61 -27.90 13.42
CA LEU C 109 34.16 -27.99 13.20
C LEU C 109 33.85 -28.65 11.86
N ARG C 110 34.56 -28.24 10.80
CA ARG C 110 34.42 -28.84 9.48
C ARG C 110 34.72 -30.35 9.51
N GLN C 111 35.79 -30.72 10.21
CA GLN C 111 36.18 -32.12 10.32
C GLN C 111 35.13 -32.95 11.07
N TRP C 112 34.57 -32.36 12.12
CA TRP C 112 33.53 -33.01 12.91
C TRP C 112 32.26 -33.21 12.07
N MET C 113 31.87 -32.18 11.32
CA MET C 113 30.71 -32.28 10.41
C MET C 113 30.88 -33.43 9.41
N ARG C 114 32.07 -33.52 8.82
CA ARG C 114 32.41 -34.60 7.90
C ARG C 114 32.38 -35.95 8.62
N GLU C 115 32.94 -36.00 9.82
CA GLU C 115 33.04 -37.23 10.62
C GLU C 115 31.65 -37.80 10.92
N LYS C 116 30.69 -36.92 11.23
CA LYS C 116 29.32 -37.33 11.53
C LYS C 116 28.41 -37.38 10.30
N GLY C 117 28.97 -37.18 9.12
CA GLY C 117 28.20 -37.17 7.88
C GLY C 117 27.08 -36.13 7.87
N ILE C 118 27.33 -34.97 8.48
CA ILE C 118 26.38 -33.88 8.50
C ILE C 118 26.49 -33.15 7.17
N GLN C 119 25.35 -32.97 6.50
CA GLN C 119 25.31 -32.43 5.14
C GLN C 119 24.66 -31.03 5.11
N PHE C 120 24.54 -30.40 6.27
CA PHE C 120 24.08 -29.02 6.37
C PHE C 120 25.14 -28.13 5.72
N GLU C 121 24.74 -27.32 4.75
CA GLU C 121 25.66 -26.46 4.01
C GLU C 121 25.42 -24.99 4.31
N MET C 122 26.53 -24.24 4.38
CA MET C 122 26.48 -22.78 4.52
C MET C 122 26.60 -22.13 3.14
N LYS C 123 26.29 -20.83 3.07
CA LYS C 123 26.43 -20.07 1.83
C LYS C 123 27.88 -20.01 1.36
N GLN C 124 28.05 -19.88 0.04
CA GLN C 124 29.37 -19.86 -0.61
C GLN C 124 30.31 -18.82 0.01
N ASN C 125 31.55 -19.22 0.26
CA ASN C 125 32.60 -18.32 0.81
C ASN C 125 32.47 -17.97 2.30
N GLU C 126 31.37 -18.38 2.93
CA GLU C 126 31.16 -18.12 4.35
C GLU C 126 31.79 -19.25 5.16
N PRO C 127 32.44 -18.92 6.29
CA PRO C 127 32.92 -19.98 7.17
C PRO C 127 31.78 -20.63 7.95
N GLU C 128 31.97 -21.88 8.35
CA GLU C 128 30.92 -22.67 9.01
C GLU C 128 30.61 -22.23 10.44
N ASP C 129 31.53 -21.50 11.07
CA ASP C 129 31.44 -21.16 12.50
C ASP C 129 30.76 -19.80 12.80
N HIS C 130 29.83 -19.38 11.94
CA HIS C 130 29.01 -18.20 12.21
C HIS C 130 27.99 -18.55 13.30
N PHE C 131 27.84 -17.65 14.27
CA PHE C 131 26.95 -17.85 15.42
C PHE C 131 25.54 -18.28 15.01
N GLY C 132 24.89 -17.46 14.20
CA GLY C 132 23.57 -17.74 13.67
C GLY C 132 23.46 -19.07 12.94
N SER C 133 24.43 -19.35 12.07
CA SER C 133 24.41 -20.56 11.25
C SER C 133 24.67 -21.82 12.09
N LEU C 134 25.39 -21.67 13.20
CA LEU C 134 25.60 -22.76 14.13
C LEU C 134 24.32 -23.07 14.89
N LEU C 135 23.60 -22.03 15.31
CA LEU C 135 22.29 -22.21 15.92
C LEU C 135 21.31 -22.86 14.95
N LEU C 136 21.29 -22.39 13.70
CA LEU C 136 20.40 -22.97 12.68
C LEU C 136 20.72 -24.43 12.44
N MET C 137 22.02 -24.77 12.36
CA MET C 137 22.43 -26.17 12.20
C MET C 137 22.06 -27.01 13.42
N ALA C 138 22.09 -26.42 14.61
CA ALA C 138 21.70 -27.13 15.82
C ALA C 138 20.21 -27.46 15.78
N ALA C 139 19.39 -26.51 15.34
CA ALA C 139 17.95 -26.72 15.18
C ALA C 139 17.70 -27.81 14.14
N TRP C 140 18.40 -27.70 13.02
CA TRP C 140 18.34 -28.65 11.91
C TRP C 140 18.57 -30.08 12.39
N LEU C 141 19.61 -30.28 13.22
CA LEU C 141 19.93 -31.59 13.76
C LEU C 141 18.86 -32.09 14.74
N ALA C 142 18.31 -31.16 15.53
CA ALA C 142 17.29 -31.48 16.51
C ALA C 142 16.01 -31.92 15.83
N GLU C 143 15.59 -31.16 14.82
CA GLU C 143 14.44 -31.54 14.00
C GLU C 143 14.63 -32.92 13.35
N ASN C 144 15.87 -33.23 12.96
CA ASN C 144 16.22 -34.52 12.37
C ASN C 144 16.43 -35.64 13.38
N GLY C 145 16.25 -35.35 14.67
CA GLY C 145 16.35 -36.37 15.71
C GLY C 145 17.78 -36.76 16.07
N ARG C 146 18.75 -36.00 15.59
CA ARG C 146 20.16 -36.30 15.83
C ARG C 146 20.62 -35.58 17.10
N GLN C 147 20.12 -36.07 18.23
CA GLN C 147 20.30 -35.43 19.54
C GLN C 147 21.75 -35.45 20.03
N THR C 148 22.46 -36.55 19.76
CA THR C 148 23.87 -36.68 20.16
C THR C 148 24.77 -35.65 19.46
N GLU C 149 24.59 -35.51 18.16
CA GLU C 149 25.38 -34.55 17.38
C GLU C 149 25.02 -33.12 17.76
N CYS C 150 23.75 -32.89 18.07
CA CYS C 150 23.30 -31.58 18.52
C CYS C 150 24.08 -31.16 19.78
N GLU C 151 24.14 -32.07 20.75
CA GLU C 151 24.84 -31.83 22.00
C GLU C 151 26.35 -31.58 21.79
N GLU C 152 26.94 -32.30 20.85
CA GLU C 152 28.36 -32.15 20.55
C GLU C 152 28.64 -30.81 19.88
N LEU C 153 27.76 -30.40 18.97
CA LEU C 153 27.88 -29.10 18.31
C LEU C 153 27.98 -27.97 19.34
N LEU C 154 27.08 -27.99 20.31
CA LEU C 154 27.01 -26.95 21.32
C LEU C 154 28.21 -27.01 22.26
N ALA C 155 28.47 -28.18 22.80
CA ALA C 155 29.52 -28.38 23.79
C ALA C 155 30.95 -28.13 23.26
N TRP C 156 31.20 -28.49 22.02
CA TRP C 156 32.56 -28.48 21.46
C TRP C 156 32.83 -27.34 20.49
N HIS C 157 31.77 -26.79 19.88
CA HIS C 157 31.94 -25.87 18.75
C HIS C 157 31.15 -24.57 18.85
N LEU C 158 30.24 -24.45 19.83
CA LEU C 158 29.53 -23.18 20.02
C LEU C 158 29.80 -22.58 21.41
N PHE C 159 29.50 -23.33 22.46
CA PHE C 159 29.59 -22.80 23.83
C PHE C 159 30.97 -22.33 24.28
N PRO C 160 32.05 -22.96 23.77
CA PRO C 160 33.38 -22.48 24.17
C PRO C 160 33.65 -20.99 23.86
N TRP C 161 32.99 -20.46 22.82
CA TRP C 161 33.18 -19.04 22.43
C TRP C 161 31.93 -18.15 22.50
N SER C 162 30.75 -18.76 22.52
CA SER C 162 29.49 -18.02 22.41
C SER C 162 29.24 -17.06 23.57
N THR C 163 29.69 -17.43 24.77
CA THR C 163 29.51 -16.58 25.94
C THR C 163 30.31 -15.28 25.79
N ARG C 164 31.55 -15.40 25.34
CA ARG C 164 32.40 -14.24 25.11
C ARG C 164 31.88 -13.37 23.96
N PHE C 165 31.48 -13.98 22.85
CA PHE C 165 30.92 -13.23 21.71
C PHE C 165 29.71 -12.42 22.12
N LEU C 166 28.82 -13.04 22.90
CA LEU C 166 27.61 -12.38 23.37
C LEU C 166 27.91 -11.28 24.41
N ASP C 167 28.85 -11.52 25.31
CA ASP C 167 29.28 -10.50 26.28
C ASP C 167 29.64 -9.19 25.59
N VAL C 168 30.52 -9.27 24.59
CA VAL C 168 31.00 -8.09 23.87
C VAL C 168 29.86 -7.50 23.06
N PHE C 169 29.09 -8.38 22.42
CA PHE C 169 27.98 -7.98 21.57
C PHE C 169 26.93 -7.20 22.35
N ILE C 170 26.52 -7.74 23.49
CA ILE C 170 25.56 -7.08 24.37
C ILE C 170 26.12 -5.73 24.85
N GLU C 171 27.41 -5.68 25.15
CA GLU C 171 28.05 -4.43 25.57
C GLU C 171 28.10 -3.39 24.45
N LYS C 172 28.27 -3.84 23.20
CA LYS C 172 28.50 -2.94 22.08
C LYS C 172 27.30 -2.78 21.12
N ALA C 173 26.18 -3.43 21.44
CA ALA C 173 25.00 -3.40 20.56
C ALA C 173 24.51 -1.99 20.26
N GLU C 174 24.47 -1.14 21.30
CA GLU C 174 24.10 0.27 21.15
CA GLU C 174 24.07 0.26 21.18
C GLU C 174 22.79 0.44 20.37
N HIS C 175 21.86 -0.49 20.54
CA HIS C 175 20.54 -0.44 19.94
C HIS C 175 19.64 -1.40 20.72
N PRO C 176 18.47 -0.93 21.19
CA PRO C 176 17.65 -1.69 22.15
C PRO C 176 17.09 -3.03 21.64
N PHE C 177 16.75 -3.11 20.36
CA PHE C 177 16.28 -4.37 19.78
C PHE C 177 17.38 -5.43 19.85
N TYR C 178 18.56 -5.09 19.36
CA TYR C 178 19.65 -6.06 19.26
C TYR C 178 20.35 -6.32 20.60
N ARG C 179 20.31 -5.36 21.52
CA ARG C 179 20.77 -5.59 22.88
C ARG C 179 19.87 -6.63 23.54
N ALA C 180 18.56 -6.45 23.40
CA ALA C 180 17.57 -7.41 23.91
C ALA C 180 17.72 -8.80 23.30
N LEU C 181 17.94 -8.86 21.98
CA LEU C 181 18.20 -10.12 21.29
C LEU C 181 19.47 -10.79 21.85
N GLY C 182 20.53 -10.02 22.01
CA GLY C 182 21.77 -10.51 22.62
C GLY C 182 21.54 -11.13 23.99
N GLU C 183 20.80 -10.43 24.85
CA GLU C 183 20.52 -10.91 26.20
C GLU C 183 19.61 -12.15 26.22
N LEU C 184 18.58 -12.14 25.36
CA LEU C 184 17.72 -13.30 25.20
C LEU C 184 18.54 -14.52 24.81
N ALA C 185 19.51 -14.32 23.90
CA ALA C 185 20.37 -15.40 23.43
C ALA C 185 21.28 -15.91 24.53
N ARG C 186 21.95 -15.00 25.24
CA ARG C 186 22.85 -15.37 26.34
C ARG C 186 22.10 -16.12 27.43
N LEU C 187 20.87 -15.70 27.72
CA LEU C 187 20.03 -16.39 28.70
C LEU C 187 19.64 -17.78 28.22
N THR C 188 19.16 -17.87 26.97
CA THR C 188 18.68 -19.13 26.40
C THR C 188 19.82 -20.15 26.27
N LEU C 189 20.98 -19.72 25.78
CA LEU C 189 22.12 -20.61 25.58
C LEU C 189 22.74 -21.08 26.90
N ALA C 190 22.76 -20.21 27.90
CA ALA C 190 23.24 -20.56 29.24
C ALA C 190 22.37 -21.65 29.87
N GLN C 191 21.06 -21.54 29.64
CA GLN C 191 20.11 -22.55 30.13
C GLN C 191 20.34 -23.89 29.42
N TRP C 192 20.54 -23.85 28.10
CA TRP C 192 20.89 -25.06 27.36
C TRP C 192 22.20 -25.67 27.86
N GLN C 193 23.19 -24.83 28.16
CA GLN C 193 24.47 -25.30 28.67
C GLN C 193 24.34 -26.06 30.00
N SER C 194 23.39 -25.67 30.84
CA SER C 194 23.15 -26.35 32.11
C SER C 194 22.46 -27.71 31.96
N GLN C 195 21.92 -27.99 30.77
CA GLN C 195 21.26 -29.26 30.49
C GLN C 195 22.21 -30.28 29.84
N LEU C 196 23.40 -29.84 29.47
CA LEU C 196 24.41 -30.74 28.90
C LEU C 196 24.77 -31.87 29.87
N LEU C 197 25.04 -33.04 29.31
CA LEU C 197 25.55 -34.19 30.07
C LEU C 197 27.06 -34.31 29.90
N ILE C 198 27.57 -33.92 28.73
CA ILE C 198 29.02 -33.87 28.48
C ILE C 198 29.56 -32.47 28.77
N PRO C 199 30.79 -32.37 29.28
CA PRO C 199 31.34 -31.04 29.59
C PRO C 199 31.65 -30.20 28.34
N VAL C 200 31.55 -28.88 28.50
CA VAL C 200 31.93 -27.94 27.46
C VAL C 200 33.44 -28.02 27.26
N ALA C 201 33.89 -27.95 26.01
CA ALA C 201 35.30 -28.00 25.69
C ALA C 201 36.05 -26.81 26.30
N VAL C 202 37.18 -27.10 26.92
CA VAL C 202 38.01 -26.08 27.54
C VAL C 202 38.90 -25.49 26.46
N LYS C 203 38.73 -24.20 26.18
CA LYS C 203 39.42 -23.54 25.08
C LYS C 203 39.78 -22.08 25.41
N PRO C 204 41.06 -21.69 25.21
CA PRO C 204 41.47 -20.30 25.43
C PRO C 204 40.77 -19.30 24.50
N LEU C 205 40.52 -18.10 25.01
CA LEU C 205 39.96 -17.00 24.23
C LEU C 205 41.06 -16.00 23.85
N PHE C 206 40.98 -15.43 22.65
CA PHE C 206 42.02 -14.51 22.15
C PHE C 206 41.50 -13.14 21.71
N ARG C 207 40.21 -12.86 21.95
CA ARG C 207 39.61 -11.58 21.60
C ARG C 207 38.56 -11.18 22.64
N MET D 4 57.65 -8.24 12.03
CA MET D 4 56.93 -7.11 11.38
C MET D 4 55.53 -7.55 10.94
N THR D 5 54.59 -6.61 10.94
CA THR D 5 53.20 -6.89 10.59
C THR D 5 52.96 -6.64 9.09
N HIS D 6 52.37 -7.63 8.42
CA HIS D 6 52.11 -7.53 6.98
C HIS D 6 51.02 -6.50 6.70
N PHE D 7 51.23 -5.68 5.67
CA PHE D 7 50.30 -4.58 5.37
C PHE D 7 48.84 -5.01 5.23
N SER D 8 48.61 -6.23 4.75
CA SER D 8 47.25 -6.76 4.59
C SER D 8 46.55 -7.05 5.92
N GLN D 9 47.32 -7.11 7.01
CA GLN D 9 46.78 -7.39 8.34
C GLN D 9 46.64 -6.13 9.20
N GLN D 10 46.65 -4.95 8.57
CA GLN D 10 46.62 -3.69 9.31
C GLN D 10 46.11 -2.51 8.48
N ASP D 11 45.96 -1.35 9.12
CA ASP D 11 45.56 -0.11 8.47
C ASP D 11 44.28 -0.28 7.61
N ASN D 12 43.30 -0.99 8.16
CA ASN D 12 42.00 -1.21 7.52
C ASN D 12 42.08 -1.74 6.07
N PHE D 13 43.06 -2.60 5.78
CA PHE D 13 43.21 -3.13 4.43
C PHE D 13 41.96 -3.90 3.98
N SER D 14 41.56 -4.90 4.77
CA SER D 14 40.42 -5.73 4.42
C SER D 14 39.15 -4.89 4.30
N VAL D 15 38.95 -3.99 5.24
CA VAL D 15 37.80 -3.08 5.23
C VAL D 15 37.77 -2.21 3.96
N ALA D 16 38.91 -1.64 3.60
CA ALA D 16 39.01 -0.76 2.44
C ALA D 16 38.79 -1.52 1.12
N ALA D 17 39.38 -2.70 1.01
CA ALA D 17 39.24 -3.53 -0.19
C ALA D 17 37.79 -3.97 -0.42
N ARG D 18 37.05 -4.24 0.65
CA ARG D 18 35.64 -4.64 0.55
C ARG D 18 34.73 -3.52 0.09
N VAL D 19 34.99 -2.29 0.54
CA VAL D 19 34.22 -1.13 0.09
C VAL D 19 34.41 -0.88 -1.40
N LEU D 20 35.67 -0.86 -1.85
CA LEU D 20 35.99 -0.62 -3.25
C LEU D 20 35.43 -1.74 -4.12
N GLY D 21 35.81 -2.97 -3.79
CA GLY D 21 35.34 -4.14 -4.52
C GLY D 21 33.83 -4.22 -4.65
N ALA D 22 33.13 -3.92 -3.55
CA ALA D 22 31.66 -4.03 -3.52
C ALA D 22 31.00 -2.93 -4.34
N LEU D 23 31.56 -1.72 -4.32
CA LEU D 23 31.03 -0.60 -5.09
C LEU D 23 31.29 -0.73 -6.60
N PHE D 24 32.29 -1.54 -6.97
CA PHE D 24 32.57 -1.84 -8.38
C PHE D 24 31.81 -3.07 -8.88
N TYR D 25 31.38 -3.94 -7.98
CA TYR D 25 30.71 -5.19 -8.37
C TYR D 25 29.19 -5.11 -8.27
N TYR D 26 28.70 -4.45 -7.23
CA TYR D 26 27.26 -4.36 -6.96
C TYR D 26 26.68 -2.98 -7.30
N ALA D 27 25.39 -2.97 -7.66
CA ALA D 27 24.68 -1.74 -8.02
C ALA D 27 24.41 -0.87 -6.78
N PRO D 28 24.42 0.46 -6.95
CA PRO D 28 24.35 1.39 -5.81
C PRO D 28 23.04 1.33 -4.99
N GLU D 29 21.95 0.83 -5.58
CA GLU D 29 20.70 0.66 -4.85
C GLU D 29 20.52 -0.74 -4.25
N SER D 30 21.50 -1.62 -4.48
CA SER D 30 21.48 -2.97 -3.93
C SER D 30 21.66 -2.97 -2.41
N ALA D 31 21.27 -4.06 -1.77
CA ALA D 31 21.45 -4.20 -0.33
C ALA D 31 22.93 -4.15 0.11
N GLU D 32 23.83 -4.65 -0.75
CA GLU D 32 25.26 -4.69 -0.49
C GLU D 32 25.93 -3.32 -0.60
N ALA D 33 25.58 -2.58 -1.65
CA ALA D 33 26.28 -1.32 -1.96
C ALA D 33 25.61 -0.06 -1.42
N ALA D 34 24.29 -0.07 -1.23
CA ALA D 34 23.57 1.14 -0.81
C ALA D 34 24.08 1.73 0.50
N PRO D 35 24.38 0.88 1.50
CA PRO D 35 24.99 1.38 2.73
C PRO D 35 26.36 2.04 2.53
N LEU D 36 27.09 1.60 1.50
CA LEU D 36 28.42 2.11 1.23
C LEU D 36 28.34 3.46 0.51
N VAL D 37 27.38 3.59 -0.39
CA VAL D 37 27.08 4.86 -1.03
C VAL D 37 26.74 5.92 0.03
N ALA D 38 25.91 5.53 0.99
CA ALA D 38 25.48 6.42 2.08
C ALA D 38 26.66 6.87 2.95
N VAL D 39 27.55 5.93 3.26
CA VAL D 39 28.75 6.21 4.05
C VAL D 39 29.68 7.19 3.34
N LEU D 40 29.85 7.02 2.03
CA LEU D 40 30.73 7.90 1.27
C LEU D 40 30.09 9.24 0.90
N THR D 41 28.78 9.36 1.04
CA THR D 41 28.06 10.60 0.76
C THR D 41 27.70 11.39 2.02
N SER D 42 28.16 10.90 3.17
CA SER D 42 28.02 11.60 4.44
C SER D 42 29.41 11.76 5.04
N ASP D 43 29.56 12.75 5.91
CA ASP D 43 30.85 13.07 6.51
C ASP D 43 31.21 12.02 7.56
N GLY D 44 32.52 11.77 7.70
CA GLY D 44 33.02 10.80 8.67
C GLY D 44 33.97 9.77 8.09
N TRP D 45 33.64 9.23 6.93
CA TRP D 45 34.39 8.10 6.34
C TRP D 45 35.89 8.36 6.19
N GLU D 46 36.25 9.62 5.96
CA GLU D 46 37.66 9.99 5.74
C GLU D 46 38.56 9.65 6.93
N THR D 47 38.00 9.68 8.15
CA THR D 47 38.77 9.36 9.36
C THR D 47 39.18 7.88 9.42
N GLN D 48 38.40 7.01 8.78
CA GLN D 48 38.66 5.56 8.78
C GLN D 48 39.51 5.08 7.61
N TRP D 49 39.69 5.90 6.57
CA TRP D 49 40.29 5.44 5.32
C TRP D 49 41.82 5.56 5.32
N PRO D 50 42.52 4.51 4.85
CA PRO D 50 43.99 4.52 4.93
C PRO D 50 44.67 5.36 3.83
N LEU D 51 44.43 6.67 3.88
CA LEU D 51 45.14 7.60 3.02
C LEU D 51 45.41 8.89 3.80
N PRO D 52 46.41 9.66 3.35
CA PRO D 52 46.69 10.93 4.03
C PRO D 52 45.51 11.90 3.99
N GLU D 53 45.36 12.68 5.05
CA GLU D 53 44.35 13.72 5.15
C GLU D 53 44.23 14.58 3.89
N ALA D 54 45.36 14.99 3.33
CA ALA D 54 45.38 15.85 2.14
C ALA D 54 44.81 15.14 0.90
N SER D 55 45.10 13.85 0.77
CA SER D 55 44.59 13.06 -0.36
C SER D 55 43.07 12.88 -0.32
N LEU D 56 42.52 12.74 0.89
CA LEU D 56 41.09 12.45 1.07
C LEU D 56 40.19 13.69 1.05
N ALA D 57 40.71 14.83 1.51
CA ALA D 57 39.92 16.05 1.64
C ALA D 57 39.10 16.42 0.39
N PRO D 58 39.75 16.53 -0.79
CA PRO D 58 38.99 16.87 -2.00
C PRO D 58 37.96 15.82 -2.42
N LEU D 59 38.21 14.56 -2.07
CA LEU D 59 37.28 13.47 -2.41
C LEU D 59 36.00 13.50 -1.59
N VAL D 60 36.08 13.97 -0.35
CA VAL D 60 34.90 14.07 0.53
C VAL D 60 33.78 14.85 -0.16
N THR D 61 34.12 16.02 -0.69
CA THR D 61 33.15 16.90 -1.33
C THR D 61 32.77 16.42 -2.73
N ALA D 62 33.72 15.76 -3.40
CA ALA D 62 33.47 15.22 -4.74
C ALA D 62 32.40 14.12 -4.73
N PHE D 63 32.37 13.31 -3.67
CA PHE D 63 31.36 12.25 -3.54
C PHE D 63 29.95 12.82 -3.38
N GLN D 64 29.85 13.97 -2.72
CA GLN D 64 28.55 14.58 -2.39
C GLN D 64 28.04 15.56 -3.44
N THR D 65 28.79 15.76 -4.52
CA THR D 65 28.37 16.66 -5.61
C THR D 65 27.16 16.06 -6.33
N GLN D 66 26.02 16.75 -6.24
CA GLN D 66 24.78 16.25 -6.84
C GLN D 66 24.76 16.43 -8.36
N CYS D 67 23.90 15.65 -9.01
CA CYS D 67 23.92 15.51 -10.47
C CYS D 67 22.61 14.90 -10.94
N GLU D 68 22.08 15.39 -12.07
CA GLU D 68 20.76 14.95 -12.53
C GLU D 68 20.71 13.46 -12.91
N GLU D 69 21.83 12.90 -13.34
CA GLU D 69 21.91 11.45 -13.54
C GLU D 69 22.11 10.79 -12.17
N THR D 70 21.26 9.81 -11.87
CA THR D 70 21.32 9.10 -10.60
C THR D 70 22.48 8.10 -10.58
N HIS D 71 22.81 7.61 -9.38
CA HIS D 71 23.88 6.63 -9.23
C HIS D 71 23.54 5.36 -10.01
N ALA D 72 22.30 4.90 -9.87
CA ALA D 72 21.83 3.68 -10.53
C ALA D 72 21.99 3.73 -12.06
N GLN D 73 21.64 4.87 -12.65
CA GLN D 73 21.77 5.05 -14.09
C GLN D 73 23.24 5.07 -14.51
N ALA D 74 24.06 5.81 -13.76
CA ALA D 74 25.51 5.87 -14.00
C ALA D 74 26.14 4.47 -13.94
N TRP D 75 25.78 3.71 -12.91
CA TRP D 75 26.32 2.37 -12.73
C TRP D 75 25.86 1.42 -13.86
N GLN D 76 24.58 1.51 -14.22
CA GLN D 76 24.01 0.71 -15.31
C GLN D 76 24.84 0.84 -16.59
N ARG D 77 25.15 2.07 -16.99
CA ARG D 77 25.88 2.29 -18.23
C ARG D 77 27.38 1.99 -18.15
N LEU D 78 27.96 2.09 -16.95
CA LEU D 78 29.39 1.82 -16.77
C LEU D 78 29.73 0.35 -16.59
N PHE D 79 28.83 -0.42 -15.97
CA PHE D 79 29.16 -1.80 -15.60
C PHE D 79 28.24 -2.89 -16.17
N VAL D 80 27.02 -2.53 -16.58
CA VAL D 80 26.05 -3.52 -17.05
C VAL D 80 25.82 -3.40 -18.56
N GLY D 81 25.35 -2.25 -19.01
CA GLY D 81 25.08 -2.02 -20.43
C GLY D 81 23.72 -1.36 -20.65
N PRO D 82 23.01 -1.74 -21.73
CA PRO D 82 23.27 -2.86 -22.65
C PRO D 82 24.41 -2.61 -23.65
N TRP D 83 24.76 -1.35 -23.87
CA TRP D 83 25.83 -1.03 -24.82
C TRP D 83 27.19 -1.31 -24.19
N ALA D 84 28.24 -1.24 -25.01
CA ALA D 84 29.60 -1.57 -24.55
C ALA D 84 30.03 -0.68 -23.39
N LEU D 85 30.81 -1.24 -22.49
CA LEU D 85 31.28 -0.53 -21.30
C LEU D 85 32.51 0.28 -21.66
N PRO D 86 32.58 1.56 -21.21
CA PRO D 86 33.74 2.41 -21.49
C PRO D 86 35.05 1.83 -20.96
N SER D 87 35.01 1.28 -19.76
CA SER D 87 36.16 0.63 -19.16
C SER D 87 35.74 -0.74 -18.58
N PRO D 88 35.81 -1.80 -19.40
CA PRO D 88 35.42 -3.14 -18.96
C PRO D 88 36.28 -3.67 -17.80
N PRO D 89 35.64 -4.03 -16.66
CA PRO D 89 36.37 -4.34 -15.43
C PRO D 89 36.84 -5.80 -15.30
N TRP D 90 37.35 -6.37 -16.38
CA TRP D 90 37.85 -7.74 -16.39
C TRP D 90 39.29 -7.75 -16.88
N GLY D 91 40.16 -8.51 -16.21
CA GLY D 91 41.59 -8.49 -16.50
C GLY D 91 42.01 -8.89 -17.91
N SER D 92 41.43 -9.97 -18.43
CA SER D 92 41.78 -10.47 -19.76
C SER D 92 41.45 -9.50 -20.90
N VAL D 93 40.53 -8.58 -20.66
CA VAL D 93 40.21 -7.53 -21.62
C VAL D 93 41.46 -6.65 -21.87
N TRP D 94 42.28 -6.51 -20.85
CA TRP D 94 43.48 -5.69 -20.93
C TRP D 94 44.74 -6.52 -21.15
N LEU D 95 44.80 -7.70 -20.54
CA LEU D 95 46.01 -8.53 -20.53
C LEU D 95 46.18 -9.45 -21.74
N ASP D 96 45.08 -9.74 -22.46
CA ASP D 96 45.16 -10.61 -23.65
C ASP D 96 45.27 -9.77 -24.92
N ARG D 97 46.08 -10.23 -25.86
CA ARG D 97 46.28 -9.57 -27.14
C ARG D 97 44.95 -9.36 -27.85
N GLU D 98 44.15 -10.42 -27.96
CA GLU D 98 42.76 -10.29 -28.43
C GLU D 98 41.86 -10.19 -27.21
N SER D 99 41.31 -8.99 -26.99
CA SER D 99 40.47 -8.73 -25.82
C SER D 99 39.27 -9.66 -25.79
N VAL D 100 39.26 -10.56 -24.81
CA VAL D 100 38.13 -11.46 -24.56
C VAL D 100 37.97 -11.61 -23.05
N LEU D 101 36.76 -11.95 -22.62
CA LEU D 101 36.57 -12.41 -21.25
C LEU D 101 36.94 -13.88 -21.21
N PHE D 102 37.19 -14.40 -20.00
CA PHE D 102 37.64 -15.79 -19.81
C PHE D 102 38.89 -16.08 -20.65
N GLY D 103 39.83 -15.14 -20.62
CA GLY D 103 41.03 -15.23 -21.44
C GLY D 103 42.14 -16.06 -20.81
N ASP D 104 43.34 -15.94 -21.37
CA ASP D 104 44.53 -16.64 -20.87
C ASP D 104 44.95 -16.14 -19.49
N SER D 105 44.84 -14.85 -19.25
CA SER D 105 45.17 -14.29 -17.93
C SER D 105 44.14 -14.76 -16.89
N THR D 106 42.89 -14.90 -17.31
CA THR D 106 41.86 -15.44 -16.43
C THR D 106 42.18 -16.88 -16.01
N LEU D 107 42.63 -17.69 -16.98
CA LEU D 107 43.07 -19.06 -16.72
C LEU D 107 44.21 -19.14 -15.70
N ALA D 108 45.19 -18.25 -15.84
CA ALA D 108 46.36 -18.24 -14.96
C ALA D 108 45.96 -17.93 -13.52
N LEU D 109 45.00 -17.02 -13.36
CA LEU D 109 44.39 -16.75 -12.05
C LEU D 109 43.71 -17.99 -11.50
N ARG D 110 42.89 -18.63 -12.32
CA ARG D 110 42.16 -19.84 -11.94
C ARG D 110 43.13 -20.94 -11.49
N GLN D 111 44.20 -21.13 -12.26
CA GLN D 111 45.25 -22.13 -11.95
C GLN D 111 45.94 -21.81 -10.63
N TRP D 112 46.24 -20.53 -10.41
CA TRP D 112 46.89 -20.09 -9.18
C TRP D 112 45.95 -20.26 -7.99
N MET D 113 44.65 -20.01 -8.20
CA MET D 113 43.64 -20.29 -7.18
C MET D 113 43.60 -21.78 -6.80
N ARG D 114 43.74 -22.65 -7.80
CA ARG D 114 43.72 -24.08 -7.57
C ARG D 114 45.01 -24.58 -6.90
N GLU D 115 46.15 -24.05 -7.33
CA GLU D 115 47.45 -24.47 -6.78
C GLU D 115 47.60 -24.09 -5.31
N LYS D 116 47.08 -22.93 -4.94
CA LYS D 116 47.12 -22.46 -3.56
C LYS D 116 45.94 -22.92 -2.71
N GLY D 117 45.07 -23.76 -3.27
CA GLY D 117 43.92 -24.29 -2.54
C GLY D 117 42.97 -23.22 -2.04
N ILE D 118 42.72 -22.20 -2.87
CA ILE D 118 41.81 -21.11 -2.53
C ILE D 118 40.40 -21.46 -3.00
N GLN D 119 39.49 -21.65 -2.04
CA GLN D 119 38.13 -22.15 -2.30
C GLN D 119 37.10 -21.03 -2.47
N PHE D 120 37.56 -19.78 -2.53
CA PHE D 120 36.69 -18.63 -2.81
C PHE D 120 36.16 -18.79 -4.22
N GLU D 121 34.85 -18.58 -4.41
CA GLU D 121 34.19 -18.81 -5.70
C GLU D 121 33.40 -17.59 -6.15
N MET D 122 33.35 -17.42 -7.47
CA MET D 122 32.61 -16.32 -8.07
C MET D 122 31.17 -16.74 -8.39
N LYS D 123 30.36 -15.77 -8.80
CA LYS D 123 28.98 -16.01 -9.19
C LYS D 123 28.93 -16.84 -10.48
N GLN D 124 27.84 -17.59 -10.66
CA GLN D 124 27.70 -18.49 -11.82
C GLN D 124 27.88 -17.78 -13.16
N ASN D 125 28.75 -18.33 -14.02
CA ASN D 125 29.07 -17.79 -15.35
C ASN D 125 29.95 -16.54 -15.38
N GLU D 126 30.41 -16.08 -14.22
CA GLU D 126 31.24 -14.88 -14.13
C GLU D 126 32.73 -15.24 -14.10
N PRO D 127 33.57 -14.49 -14.83
CA PRO D 127 35.02 -14.72 -14.73
C PRO D 127 35.60 -14.34 -13.37
N GLU D 128 36.74 -14.93 -13.03
CA GLU D 128 37.40 -14.68 -11.75
C GLU D 128 38.13 -13.34 -11.69
N ASP D 129 38.43 -12.77 -12.86
CA ASP D 129 39.31 -11.60 -12.95
C ASP D 129 38.56 -10.25 -13.01
N HIS D 130 37.36 -10.22 -12.43
CA HIS D 130 36.62 -8.97 -12.29
C HIS D 130 37.32 -8.14 -11.21
N PHE D 131 37.47 -6.84 -11.47
CA PHE D 131 38.17 -5.91 -10.58
C PHE D 131 37.67 -6.01 -9.14
N GLY D 132 36.37 -5.75 -8.96
CA GLY D 132 35.71 -5.89 -7.68
C GLY D 132 35.80 -7.27 -7.03
N SER D 133 35.69 -8.33 -7.83
CA SER D 133 35.80 -9.70 -7.31
C SER D 133 37.18 -9.95 -6.74
N LEU D 134 38.21 -9.44 -7.43
CA LEU D 134 39.59 -9.61 -6.98
C LEU D 134 39.86 -8.89 -5.66
N LEU D 135 39.28 -7.71 -5.50
CA LEU D 135 39.42 -6.95 -4.26
C LEU D 135 38.67 -7.64 -3.11
N LEU D 136 37.50 -8.20 -3.42
CA LEU D 136 36.73 -8.97 -2.44
C LEU D 136 37.45 -10.27 -2.04
N MET D 137 38.13 -10.90 -2.99
CA MET D 137 38.90 -12.12 -2.71
C MET D 137 40.16 -11.81 -1.91
N ALA D 138 40.79 -10.67 -2.21
CA ALA D 138 41.98 -10.24 -1.48
C ALA D 138 41.65 -9.97 -0.03
N ALA D 139 40.55 -9.26 0.21
CA ALA D 139 40.06 -8.97 1.56
C ALA D 139 39.78 -10.25 2.32
N TRP D 140 39.09 -11.17 1.63
CA TRP D 140 38.77 -12.50 2.15
C TRP D 140 40.02 -13.25 2.57
N LEU D 141 41.07 -13.19 1.75
CA LEU D 141 42.36 -13.82 2.08
C LEU D 141 43.05 -13.10 3.25
N ALA D 142 42.96 -11.78 3.27
CA ALA D 142 43.54 -10.99 4.35
C ALA D 142 42.85 -11.29 5.68
N GLU D 143 41.54 -11.40 5.66
CA GLU D 143 40.76 -11.80 6.85
C GLU D 143 41.12 -13.19 7.35
N ASN D 144 41.48 -14.10 6.44
CA ASN D 144 41.89 -15.45 6.82
C ASN D 144 43.36 -15.54 7.24
N GLY D 145 44.05 -14.40 7.25
CA GLY D 145 45.46 -14.34 7.61
C GLY D 145 46.39 -14.98 6.60
N ARG D 146 45.88 -15.17 5.38
CA ARG D 146 46.68 -15.73 4.28
C ARG D 146 47.33 -14.57 3.54
N GLN D 147 48.29 -13.95 4.22
CA GLN D 147 48.92 -12.71 3.75
C GLN D 147 49.77 -12.90 2.49
N THR D 148 50.42 -14.05 2.37
CA THR D 148 51.22 -14.36 1.18
C THR D 148 50.36 -14.47 -0.06
N GLU D 149 49.27 -15.23 0.03
CA GLU D 149 48.34 -15.40 -1.11
C GLU D 149 47.68 -14.09 -1.48
N CYS D 150 47.38 -13.27 -0.48
CA CYS D 150 46.80 -11.94 -0.68
C CYS D 150 47.76 -11.07 -1.49
N GLU D 151 49.02 -11.00 -1.05
CA GLU D 151 50.04 -10.23 -1.74
C GLU D 151 50.28 -10.74 -3.17
N GLU D 152 50.27 -12.06 -3.35
CA GLU D 152 50.40 -12.66 -4.69
C GLU D 152 49.23 -12.30 -5.61
N LEU D 153 48.01 -12.37 -5.09
CA LEU D 153 46.82 -11.96 -5.84
C LEU D 153 47.00 -10.56 -6.41
N LEU D 154 47.36 -9.61 -5.55
CA LEU D 154 47.50 -8.21 -5.95
C LEU D 154 48.63 -7.99 -6.95
N ALA D 155 49.80 -8.55 -6.67
CA ALA D 155 51.01 -8.27 -7.43
C ALA D 155 51.05 -8.99 -8.78
N TRP D 156 50.44 -10.16 -8.84
CA TRP D 156 50.47 -11.00 -10.04
C TRP D 156 49.19 -10.90 -10.89
N HIS D 157 48.04 -10.76 -10.25
CA HIS D 157 46.77 -10.88 -10.96
C HIS D 157 45.87 -9.63 -10.96
N LEU D 158 46.26 -8.58 -10.24
CA LEU D 158 45.48 -7.35 -10.20
C LEU D 158 46.28 -6.13 -10.65
N PHE D 159 47.33 -5.80 -9.91
CA PHE D 159 48.08 -4.56 -10.14
C PHE D 159 48.65 -4.38 -11.55
N PRO D 160 49.07 -5.48 -12.23
CA PRO D 160 49.53 -5.29 -13.61
C PRO D 160 48.55 -4.56 -14.54
N TRP D 161 47.24 -4.72 -14.30
CA TRP D 161 46.22 -4.14 -15.17
C TRP D 161 45.26 -3.12 -14.51
N SER D 162 45.21 -3.08 -13.19
CA SER D 162 44.18 -2.30 -12.49
C SER D 162 44.35 -0.78 -12.62
N THR D 163 45.59 -0.31 -12.67
CA THR D 163 45.85 1.12 -12.83
C THR D 163 45.38 1.62 -14.20
N ARG D 164 45.60 0.80 -15.23
CA ARG D 164 45.11 1.10 -16.58
C ARG D 164 43.58 1.15 -16.66
N PHE D 165 42.92 0.13 -16.10
CA PHE D 165 41.46 0.09 -16.04
C PHE D 165 40.90 1.32 -15.32
N LEU D 166 41.51 1.66 -14.20
CA LEU D 166 41.08 2.81 -13.40
C LEU D 166 41.32 4.13 -14.14
N ASP D 167 42.48 4.28 -14.78
CA ASP D 167 42.78 5.47 -15.58
C ASP D 167 41.68 5.77 -16.59
N VAL D 168 41.33 4.75 -17.39
CA VAL D 168 40.27 4.88 -18.37
C VAL D 168 38.92 5.08 -17.68
N PHE D 169 38.64 4.28 -16.66
CA PHE D 169 37.39 4.41 -15.92
C PHE D 169 37.20 5.83 -15.40
N ILE D 170 38.25 6.40 -14.81
CA ILE D 170 38.19 7.77 -14.29
C ILE D 170 37.93 8.77 -15.41
N GLU D 171 38.58 8.59 -16.55
CA GLU D 171 38.39 9.45 -17.72
C GLU D 171 36.95 9.39 -18.25
N LYS D 172 36.36 8.19 -18.22
CA LYS D 172 35.08 7.92 -18.91
C LYS D 172 33.85 7.88 -17.99
N ALA D 173 34.03 8.10 -16.69
CA ALA D 173 32.94 7.91 -15.74
C ALA D 173 31.75 8.85 -15.97
N GLU D 174 32.04 10.12 -16.27
CA GLU D 174 31.01 11.14 -16.52
C GLU D 174 29.96 11.27 -15.40
N HIS D 175 30.38 11.02 -14.16
CA HIS D 175 29.51 11.14 -12.99
C HIS D 175 30.39 11.32 -11.75
N PRO D 176 30.19 12.42 -11.00
CA PRO D 176 31.15 12.80 -9.95
C PRO D 176 31.39 11.72 -8.90
N PHE D 177 30.33 11.06 -8.45
CA PHE D 177 30.46 9.99 -7.46
C PHE D 177 31.38 8.86 -7.92
N TYR D 178 31.19 8.39 -9.15
CA TYR D 178 32.02 7.30 -9.68
C TYR D 178 33.39 7.78 -10.16
N ARG D 179 33.48 9.07 -10.53
CA ARG D 179 34.78 9.66 -10.80
CA ARG D 179 34.76 9.72 -10.79
C ARG D 179 35.60 9.63 -9.52
N ALA D 180 34.98 10.05 -8.42
CA ALA D 180 35.62 10.10 -7.12
C ALA D 180 35.96 8.71 -6.59
N LEU D 181 35.11 7.72 -6.89
CA LEU D 181 35.35 6.34 -6.49
C LEU D 181 36.57 5.77 -7.20
N GLY D 182 36.71 6.07 -8.49
CA GLY D 182 37.86 5.65 -9.26
C GLY D 182 39.16 6.25 -8.73
N GLU D 183 39.13 7.55 -8.46
CA GLU D 183 40.28 8.27 -7.91
C GLU D 183 40.67 7.71 -6.53
N LEU D 184 39.66 7.44 -5.70
CA LEU D 184 39.86 6.83 -4.39
C LEU D 184 40.56 5.48 -4.51
N ALA D 185 40.11 4.66 -5.46
CA ALA D 185 40.68 3.33 -5.70
C ALA D 185 42.10 3.40 -6.25
N ARG D 186 42.33 4.36 -7.15
CA ARG D 186 43.64 4.55 -7.77
C ARG D 186 44.71 4.90 -6.72
N LEU D 187 44.38 5.85 -5.85
CA LEU D 187 45.29 6.25 -4.76
C LEU D 187 45.52 5.13 -3.75
N THR D 188 44.45 4.42 -3.40
CA THR D 188 44.51 3.35 -2.41
C THR D 188 45.35 2.16 -2.91
N LEU D 189 45.10 1.74 -4.15
CA LEU D 189 45.83 0.60 -4.74
C LEU D 189 47.30 0.97 -5.06
N ALA D 190 47.55 2.25 -5.34
CA ALA D 190 48.92 2.73 -5.56
C ALA D 190 49.71 2.65 -4.26
N GLN D 191 49.11 3.17 -3.19
CA GLN D 191 49.63 3.03 -1.83
C GLN D 191 49.98 1.58 -1.51
N TRP D 192 49.02 0.67 -1.66
CA TRP D 192 49.24 -0.74 -1.38
C TRP D 192 50.37 -1.33 -2.22
N GLN D 193 50.45 -0.92 -3.49
CA GLN D 193 51.52 -1.38 -4.37
C GLN D 193 52.90 -0.96 -3.88
N SER D 194 52.99 0.23 -3.26
CA SER D 194 54.26 0.72 -2.73
C SER D 194 54.72 -0.08 -1.51
N GLN D 195 53.76 -0.71 -0.82
CA GLN D 195 54.05 -1.48 0.40
C GLN D 195 54.34 -2.96 0.12
N LEU D 196 54.31 -3.37 -1.14
CA LEU D 196 54.57 -4.76 -1.51
C LEU D 196 56.00 -5.15 -1.22
N LEU D 197 56.17 -6.38 -0.73
CA LEU D 197 57.48 -6.96 -0.46
C LEU D 197 57.96 -7.77 -1.67
N ILE D 198 57.03 -8.38 -2.40
CA ILE D 198 57.38 -9.08 -3.63
C ILE D 198 57.04 -8.18 -4.82
N PRO D 199 57.90 -8.17 -5.85
CA PRO D 199 57.68 -7.26 -6.96
C PRO D 199 56.40 -7.57 -7.75
N VAL D 200 55.83 -6.53 -8.35
CA VAL D 200 54.65 -6.66 -9.20
C VAL D 200 55.06 -7.38 -10.48
N ALA D 201 54.19 -8.22 -11.00
CA ALA D 201 54.42 -8.86 -12.30
C ALA D 201 54.47 -7.76 -13.36
N VAL D 202 55.46 -7.79 -14.24
CA VAL D 202 55.55 -6.78 -15.30
C VAL D 202 55.03 -7.40 -16.58
N LYS D 203 53.76 -7.13 -16.86
CA LYS D 203 53.04 -7.76 -17.95
C LYS D 203 52.47 -6.69 -18.87
N PRO D 204 52.51 -6.93 -20.19
CA PRO D 204 52.04 -5.95 -21.15
C PRO D 204 50.52 -5.89 -21.23
N LEU D 205 49.99 -4.69 -21.49
CA LEU D 205 48.57 -4.50 -21.76
C LEU D 205 48.39 -4.17 -23.24
N PHE D 206 47.16 -4.35 -23.73
CA PHE D 206 46.88 -4.15 -25.16
C PHE D 206 45.66 -3.26 -25.39
N ARG D 207 45.35 -2.41 -24.42
CA ARG D 207 44.14 -1.58 -24.46
C ARG D 207 44.27 -0.46 -23.44
N MET E 4 -36.45 -17.85 -13.36
CA MET E 4 -35.43 -17.36 -14.35
C MET E 4 -34.48 -16.34 -13.72
N THR E 5 -34.88 -15.07 -13.64
CA THR E 5 -34.02 -14.02 -13.10
C THR E 5 -34.30 -13.79 -11.61
N HIS E 6 -33.25 -13.50 -10.85
CA HIS E 6 -33.34 -13.30 -9.40
C HIS E 6 -34.18 -12.06 -9.06
N PHE E 7 -34.96 -12.16 -7.98
CA PHE E 7 -35.93 -11.12 -7.62
C PHE E 7 -35.30 -9.74 -7.39
N SER E 8 -34.08 -9.72 -6.86
CA SER E 8 -33.36 -8.46 -6.63
C SER E 8 -32.98 -7.74 -7.92
N GLN E 9 -32.97 -8.48 -9.03
CA GLN E 9 -32.63 -7.92 -10.34
C GLN E 9 -33.85 -7.57 -11.18
N GLN E 10 -35.03 -7.53 -10.56
CA GLN E 10 -36.27 -7.27 -11.30
C GLN E 10 -37.37 -6.67 -10.42
N ASP E 11 -38.48 -6.30 -11.06
CA ASP E 11 -39.66 -5.76 -10.38
C ASP E 11 -39.31 -4.58 -9.47
N ASN E 12 -38.52 -3.65 -9.99
CA ASN E 12 -38.22 -2.40 -9.28
C ASN E 12 -37.73 -2.63 -7.85
N PHE E 13 -36.94 -3.68 -7.64
CA PHE E 13 -36.46 -4.02 -6.30
C PHE E 13 -35.58 -2.90 -5.74
N SER E 14 -34.52 -2.56 -6.47
CA SER E 14 -33.52 -1.60 -5.97
C SER E 14 -34.10 -0.20 -5.80
N VAL E 15 -34.96 0.22 -6.72
CA VAL E 15 -35.59 1.53 -6.62
C VAL E 15 -36.56 1.60 -5.45
N ALA E 16 -37.35 0.55 -5.25
CA ALA E 16 -38.31 0.50 -4.13
C ALA E 16 -37.58 0.42 -2.80
N ALA E 17 -36.48 -0.33 -2.76
CA ALA E 17 -35.66 -0.43 -1.56
C ALA E 17 -34.96 0.89 -1.23
N ARG E 18 -34.59 1.65 -2.26
CA ARG E 18 -33.98 2.97 -2.06
C ARG E 18 -34.98 3.97 -1.52
N VAL E 19 -36.20 3.96 -2.06
CA VAL E 19 -37.26 4.87 -1.62
C VAL E 19 -37.56 4.61 -0.14
N LEU E 20 -37.70 3.35 0.24
CA LEU E 20 -38.02 3.00 1.61
C LEU E 20 -36.86 3.34 2.53
N GLY E 21 -35.68 2.84 2.19
CA GLY E 21 -34.47 3.11 2.96
C GLY E 21 -34.20 4.60 3.20
N ALA E 22 -34.28 5.40 2.14
CA ALA E 22 -33.96 6.82 2.21
C ALA E 22 -34.95 7.61 3.07
N LEU E 23 -36.23 7.28 2.96
CA LEU E 23 -37.27 7.94 3.77
C LEU E 23 -37.23 7.56 5.25
N PHE E 24 -36.61 6.40 5.55
CA PHE E 24 -36.41 5.98 6.93
C PHE E 24 -35.11 6.53 7.52
N TYR E 25 -34.21 7.01 6.66
CA TYR E 25 -32.87 7.41 7.08
C TYR E 25 -32.61 8.92 7.06
N TYR E 26 -33.21 9.62 6.11
CA TYR E 26 -32.97 11.06 5.95
C TYR E 26 -34.21 11.87 6.36
N ALA E 27 -33.99 13.10 6.81
CA ALA E 27 -35.09 14.01 7.15
C ALA E 27 -35.88 14.39 5.90
N PRO E 28 -37.22 14.52 6.02
CA PRO E 28 -38.08 14.80 4.87
C PRO E 28 -37.77 16.11 4.13
N GLU E 29 -37.20 17.09 4.82
CA GLU E 29 -36.83 18.37 4.20
C GLU E 29 -35.42 18.34 3.58
N SER E 30 -34.69 17.25 3.79
CA SER E 30 -33.36 17.08 3.21
C SER E 30 -33.43 16.98 1.69
N ALA E 31 -32.29 17.11 1.04
CA ALA E 31 -32.20 17.02 -0.41
C ALA E 31 -32.40 15.58 -0.91
N GLU E 32 -32.03 14.61 -0.08
CA GLU E 32 -32.14 13.20 -0.42
C GLU E 32 -33.59 12.70 -0.38
N ALA E 33 -34.38 13.25 0.54
CA ALA E 33 -35.73 12.73 0.81
C ALA E 33 -36.87 13.65 0.38
N ALA E 34 -36.61 14.95 0.20
CA ALA E 34 -37.65 15.86 -0.26
C ALA E 34 -38.34 15.35 -1.53
N PRO E 35 -37.55 14.97 -2.55
CA PRO E 35 -38.16 14.47 -3.79
C PRO E 35 -39.05 13.25 -3.60
N LEU E 36 -38.68 12.39 -2.66
CA LEU E 36 -39.45 11.16 -2.39
C LEU E 36 -40.73 11.46 -1.63
N VAL E 37 -40.67 12.46 -0.75
CA VAL E 37 -41.86 12.95 -0.06
C VAL E 37 -42.87 13.49 -1.06
N ALA E 38 -42.40 14.26 -2.03
CA ALA E 38 -43.27 14.81 -3.09
C ALA E 38 -43.85 13.69 -3.97
N VAL E 39 -43.03 12.69 -4.30
CA VAL E 39 -43.47 11.57 -5.14
C VAL E 39 -44.61 10.79 -4.50
N LEU E 40 -44.50 10.50 -3.21
CA LEU E 40 -45.52 9.72 -2.52
C LEU E 40 -46.76 10.53 -2.13
N THR E 41 -46.70 11.86 -2.24
CA THR E 41 -47.84 12.73 -1.91
C THR E 41 -48.51 13.29 -3.16
N SER E 42 -48.28 12.63 -4.30
CA SER E 42 -48.93 12.98 -5.55
C SER E 42 -49.18 11.69 -6.33
N ASP E 43 -50.27 11.66 -7.10
CA ASP E 43 -50.69 10.44 -7.79
C ASP E 43 -49.70 10.05 -8.88
N GLY E 44 -49.56 8.74 -9.12
CA GLY E 44 -48.65 8.21 -10.13
C GLY E 44 -47.70 7.14 -9.59
N TRP E 45 -47.25 7.30 -8.35
CA TRP E 45 -46.26 6.40 -7.76
C TRP E 45 -46.75 4.95 -7.62
N GLU E 46 -48.06 4.77 -7.51
CA GLU E 46 -48.66 3.45 -7.34
C GLU E 46 -48.56 2.55 -8.58
N THR E 47 -48.35 3.14 -9.75
CA THR E 47 -48.15 2.38 -10.98
C THR E 47 -46.75 1.76 -11.04
N GLN E 48 -45.76 2.49 -10.50
CA GLN E 48 -44.36 2.09 -10.54
C GLN E 48 -43.98 1.10 -9.44
N TRP E 49 -44.66 1.16 -8.30
CA TRP E 49 -44.32 0.34 -7.14
C TRP E 49 -44.64 -1.14 -7.40
N PRO E 50 -43.74 -2.06 -6.98
CA PRO E 50 -43.93 -3.49 -7.26
C PRO E 50 -44.92 -4.20 -6.33
N LEU E 51 -46.15 -3.69 -6.29
CA LEU E 51 -47.24 -4.32 -5.54
C LEU E 51 -48.57 -4.10 -6.27
N PRO E 52 -49.55 -4.98 -6.05
CA PRO E 52 -50.88 -4.80 -6.67
C PRO E 52 -51.52 -3.47 -6.28
N GLU E 53 -52.09 -2.76 -7.26
CA GLU E 53 -52.66 -1.44 -7.03
C GLU E 53 -53.83 -1.45 -6.04
N ALA E 54 -54.59 -2.53 -6.04
CA ALA E 54 -55.71 -2.69 -5.12
C ALA E 54 -55.24 -2.52 -3.67
N SER E 55 -54.16 -3.20 -3.33
CA SER E 55 -53.60 -3.13 -1.97
C SER E 55 -52.94 -1.77 -1.67
N LEU E 56 -52.46 -1.09 -2.71
CA LEU E 56 -51.84 0.23 -2.56
C LEU E 56 -52.84 1.37 -2.43
N ALA E 57 -54.03 1.20 -3.02
CA ALA E 57 -55.02 2.28 -3.10
C ALA E 57 -55.24 3.03 -1.77
N PRO E 58 -55.41 2.29 -0.66
CA PRO E 58 -55.58 2.97 0.62
C PRO E 58 -54.36 3.78 1.07
N LEU E 59 -53.17 3.36 0.63
CA LEU E 59 -51.94 4.06 0.97
C LEU E 59 -51.78 5.34 0.15
N VAL E 60 -52.26 5.35 -1.09
CA VAL E 60 -52.27 6.57 -1.91
C VAL E 60 -53.01 7.69 -1.17
N THR E 61 -54.18 7.34 -0.63
CA THR E 61 -54.99 8.26 0.16
C THR E 61 -54.33 8.64 1.48
N ALA E 62 -53.76 7.65 2.14
CA ALA E 62 -53.13 7.85 3.45
C ALA E 62 -51.93 8.80 3.38
N PHE E 63 -51.12 8.66 2.33
CA PHE E 63 -49.94 9.48 2.16
C PHE E 63 -50.29 10.97 1.97
N GLN E 64 -51.48 11.26 1.44
CA GLN E 64 -51.88 12.64 1.17
C GLN E 64 -52.72 13.31 2.28
N THR E 65 -52.93 12.62 3.40
CA THR E 65 -53.75 13.16 4.48
C THR E 65 -53.02 14.25 5.28
N GLN E 66 -53.75 15.33 5.58
CA GLN E 66 -53.16 16.49 6.27
C GLN E 66 -52.98 16.20 7.75
N CYS E 67 -52.04 16.92 8.36
CA CYS E 67 -51.70 16.72 9.76
C CYS E 67 -51.18 18.03 10.33
N GLU E 68 -51.55 18.33 11.58
CA GLU E 68 -51.07 19.54 12.24
C GLU E 68 -49.56 19.49 12.42
N GLU E 69 -49.07 18.37 12.94
CA GLU E 69 -47.63 18.15 13.08
C GLU E 69 -47.04 18.01 11.68
N THR E 70 -45.93 18.71 11.44
CA THR E 70 -45.26 18.69 10.15
C THR E 70 -44.46 17.39 10.00
N HIS E 71 -44.09 17.08 8.76
CA HIS E 71 -43.21 15.95 8.47
C HIS E 71 -41.90 16.03 9.26
N ALA E 72 -41.27 17.22 9.25
CA ALA E 72 -40.02 17.46 9.98
C ALA E 72 -40.16 17.18 11.47
N GLN E 73 -41.22 17.71 12.07
CA GLN E 73 -41.50 17.49 13.50
C GLN E 73 -41.69 16.00 13.84
N ALA E 74 -42.39 15.28 12.97
CA ALA E 74 -42.60 13.85 13.14
C ALA E 74 -41.30 13.06 13.01
N TRP E 75 -40.49 13.40 12.02
CA TRP E 75 -39.25 12.67 11.78
C TRP E 75 -38.24 12.88 12.90
N GLN E 76 -38.13 14.12 13.37
CA GLN E 76 -37.33 14.45 14.54
C GLN E 76 -37.73 13.57 15.73
N ARG E 77 -39.03 13.55 16.01
CA ARG E 77 -39.61 12.80 17.12
C ARG E 77 -39.36 11.29 17.01
N LEU E 78 -39.43 10.77 15.79
CA LEU E 78 -39.36 9.33 15.54
C LEU E 78 -37.94 8.77 15.43
N PHE E 79 -37.01 9.58 14.95
CA PHE E 79 -35.66 9.10 14.60
C PHE E 79 -34.47 9.85 15.22
N VAL E 80 -34.70 11.00 15.85
CA VAL E 80 -33.59 11.82 16.34
C VAL E 80 -33.65 12.04 17.85
N GLY E 81 -34.71 12.69 18.32
CA GLY E 81 -34.89 12.94 19.74
C GLY E 81 -35.38 14.35 20.03
N PRO E 82 -35.00 14.90 21.20
CA PRO E 82 -34.01 14.38 22.17
C PRO E 82 -34.45 13.18 23.03
N TRP E 83 -35.75 12.92 23.11
CA TRP E 83 -36.24 11.86 23.99
C TRP E 83 -36.11 10.48 23.36
N ALA E 84 -36.53 9.46 24.11
CA ALA E 84 -36.45 8.07 23.65
C ALA E 84 -37.28 7.88 22.38
N LEU E 85 -36.69 7.22 21.38
CA LEU E 85 -37.41 6.91 20.15
C LEU E 85 -38.42 5.79 20.42
N PRO E 86 -39.70 6.00 20.06
CA PRO E 86 -40.74 5.02 20.38
C PRO E 86 -40.52 3.67 19.71
N SER E 87 -39.94 3.68 18.52
CA SER E 87 -39.56 2.44 17.82
C SER E 87 -38.15 2.59 17.26
N PRO E 88 -37.13 2.22 18.06
CA PRO E 88 -35.76 2.41 17.60
C PRO E 88 -35.46 1.59 16.33
N PRO E 89 -34.81 2.23 15.33
CA PRO E 89 -34.58 1.61 14.02
C PRO E 89 -33.33 0.73 13.91
N TRP E 90 -32.71 0.41 15.04
CA TRP E 90 -31.50 -0.42 15.05
C TRP E 90 -31.80 -1.86 15.44
N GLY E 91 -31.30 -2.81 14.65
CA GLY E 91 -31.56 -4.23 14.85
C GLY E 91 -31.24 -4.77 16.23
N SER E 92 -30.11 -4.34 16.80
CA SER E 92 -29.66 -4.86 18.10
C SER E 92 -30.63 -4.54 19.24
N VAL E 93 -31.38 -3.45 19.12
CA VAL E 93 -32.43 -3.11 20.08
C VAL E 93 -33.44 -4.27 20.25
N TRP E 94 -33.75 -4.94 19.13
CA TRP E 94 -34.78 -5.97 19.11
C TRP E 94 -34.21 -7.38 19.33
N LEU E 95 -32.96 -7.60 18.89
CA LEU E 95 -32.33 -8.93 18.92
C LEU E 95 -31.46 -9.18 20.16
N ASP E 96 -30.99 -8.11 20.79
CA ASP E 96 -30.16 -8.23 21.99
C ASP E 96 -31.06 -8.33 23.22
N ARG E 97 -30.64 -9.15 24.19
CA ARG E 97 -31.39 -9.32 25.43
C ARG E 97 -31.53 -8.00 26.19
N GLU E 98 -30.46 -7.20 26.19
CA GLU E 98 -30.48 -5.90 26.87
C GLU E 98 -30.84 -4.72 25.96
N SER E 99 -31.14 -5.00 24.70
CA SER E 99 -31.52 -3.95 23.73
C SER E 99 -30.45 -2.85 23.60
N VAL E 100 -29.18 -3.23 23.67
CA VAL E 100 -28.09 -2.29 23.52
C VAL E 100 -27.82 -2.02 22.04
N LEU E 101 -27.27 -0.85 21.74
CA LEU E 101 -26.80 -0.54 20.40
C LEU E 101 -25.43 -1.16 20.22
N PHE E 102 -25.03 -1.37 18.97
CA PHE E 102 -23.79 -2.09 18.64
C PHE E 102 -23.77 -3.42 19.39
N GLY E 103 -24.83 -4.20 19.22
CA GLY E 103 -24.97 -5.50 19.89
C GLY E 103 -24.19 -6.59 19.19
N ASP E 104 -24.48 -7.84 19.55
CA ASP E 104 -23.86 -9.00 18.91
C ASP E 104 -24.37 -9.19 17.49
N SER E 105 -25.66 -8.94 17.28
CA SER E 105 -26.25 -9.01 15.93
C SER E 105 -25.61 -7.97 15.02
N THR E 106 -25.31 -6.79 15.59
CA THR E 106 -24.60 -5.75 14.84
C THR E 106 -23.21 -6.24 14.42
N LEU E 107 -22.52 -6.91 15.33
CA LEU E 107 -21.20 -7.49 15.03
C LEU E 107 -21.31 -8.54 13.93
N ALA E 108 -22.31 -9.40 14.02
CA ALA E 108 -22.54 -10.45 13.03
C ALA E 108 -22.77 -9.84 11.64
N LEU E 109 -23.49 -8.72 11.58
CA LEU E 109 -23.65 -7.98 10.34
C LEU E 109 -22.30 -7.42 9.85
N ARG E 110 -21.46 -6.93 10.77
CA ARG E 110 -20.19 -6.32 10.40
C ARG E 110 -19.18 -7.35 9.89
N GLN E 111 -19.13 -8.51 10.55
CA GLN E 111 -18.26 -9.60 10.14
C GLN E 111 -18.65 -10.13 8.75
N TRP E 112 -19.96 -10.30 8.54
CA TRP E 112 -20.49 -10.72 7.25
C TRP E 112 -20.07 -9.74 6.16
N MET E 113 -20.18 -8.44 6.46
CA MET E 113 -19.76 -7.39 5.53
C MET E 113 -18.28 -7.51 5.16
N ARG E 114 -17.42 -7.72 6.16
CA ARG E 114 -15.98 -7.91 5.91
C ARG E 114 -15.75 -9.14 5.03
N GLU E 115 -16.28 -10.28 5.46
CA GLU E 115 -16.13 -11.53 4.73
C GLU E 115 -16.51 -11.43 3.24
N LYS E 116 -17.51 -10.62 2.93
CA LYS E 116 -17.94 -10.42 1.54
C LYS E 116 -17.24 -9.25 0.83
N GLY E 117 -16.36 -8.54 1.53
CA GLY E 117 -15.63 -7.41 0.96
C GLY E 117 -16.50 -6.22 0.60
N ILE E 118 -17.60 -6.04 1.33
CA ILE E 118 -18.55 -4.96 1.08
C ILE E 118 -18.06 -3.68 1.75
N GLN E 119 -17.77 -2.67 0.94
CA GLN E 119 -17.25 -1.39 1.44
C GLN E 119 -18.33 -0.31 1.48
N PHE E 120 -19.56 -0.71 1.78
CA PHE E 120 -20.67 0.23 1.92
C PHE E 120 -20.60 0.82 3.34
N GLU E 121 -20.16 2.06 3.44
CA GLU E 121 -19.93 2.70 4.73
C GLU E 121 -21.10 3.57 5.20
N MET E 122 -21.04 3.91 6.48
CA MET E 122 -22.13 4.54 7.21
C MET E 122 -21.71 5.92 7.71
N LYS E 123 -22.67 6.70 8.19
CA LYS E 123 -22.36 7.89 9.00
C LYS E 123 -21.46 7.45 10.14
N GLN E 124 -20.48 8.27 10.47
CA GLN E 124 -19.50 7.90 11.50
C GLN E 124 -20.14 7.78 12.88
N ASN E 125 -19.69 6.78 13.64
CA ASN E 125 -20.22 6.46 14.99
C ASN E 125 -21.64 5.88 15.00
N GLU E 126 -22.13 5.43 13.85
CA GLU E 126 -23.49 4.91 13.74
C GLU E 126 -23.46 3.39 13.52
N PRO E 127 -24.33 2.63 14.22
CA PRO E 127 -24.39 1.17 14.02
C PRO E 127 -24.79 0.79 12.60
N GLU E 128 -24.27 -0.33 12.10
CA GLU E 128 -24.60 -0.78 10.74
C GLU E 128 -26.03 -1.30 10.56
N ASP E 129 -26.71 -1.62 11.67
CA ASP E 129 -28.01 -2.33 11.62
C ASP E 129 -29.23 -1.41 11.67
N HIS E 130 -29.11 -0.20 11.09
CA HIS E 130 -30.23 0.73 10.99
C HIS E 130 -31.10 0.32 9.80
N PHE E 131 -32.39 0.11 10.06
CA PHE E 131 -33.36 -0.34 9.05
C PHE E 131 -33.13 0.33 7.70
N GLY E 132 -33.11 1.66 7.70
CA GLY E 132 -32.80 2.46 6.52
C GLY E 132 -31.47 2.18 5.84
N SER E 133 -30.40 2.06 6.61
CA SER E 133 -29.08 1.74 6.05
C SER E 133 -29.10 0.38 5.35
N LEU E 134 -29.69 -0.60 6.03
CA LEU E 134 -29.74 -1.97 5.52
C LEU E 134 -30.50 -2.05 4.20
N LEU E 135 -31.56 -1.26 4.06
CA LEU E 135 -32.33 -1.21 2.83
C LEU E 135 -31.58 -0.46 1.72
N LEU E 136 -30.80 0.55 2.09
CA LEU E 136 -29.97 1.28 1.13
C LEU E 136 -28.78 0.44 0.66
N MET E 137 -28.26 -0.42 1.55
CA MET E 137 -27.18 -1.34 1.19
C MET E 137 -27.71 -2.48 0.31
N ALA E 138 -28.94 -2.91 0.57
CA ALA E 138 -29.58 -3.96 -0.23
C ALA E 138 -29.74 -3.55 -1.69
N ALA E 139 -30.28 -2.35 -1.89
CA ALA E 139 -30.41 -1.76 -3.22
C ALA E 139 -29.04 -1.56 -3.88
N TRP E 140 -28.09 -1.08 -3.10
CA TRP E 140 -26.72 -0.88 -3.56
C TRP E 140 -26.12 -2.19 -4.10
N LEU E 141 -26.31 -3.28 -3.35
CA LEU E 141 -25.88 -4.60 -3.80
C LEU E 141 -26.65 -5.08 -5.04
N ALA E 142 -27.96 -4.84 -5.06
CA ALA E 142 -28.79 -5.25 -6.18
C ALA E 142 -28.37 -4.53 -7.45
N GLU E 143 -28.12 -3.23 -7.33
CA GLU E 143 -27.60 -2.43 -8.45
C GLU E 143 -26.26 -2.95 -8.95
N ASN E 144 -25.44 -3.49 -8.04
CA ASN E 144 -24.15 -4.08 -8.39
C ASN E 144 -24.24 -5.51 -8.90
N GLY E 145 -25.44 -6.08 -8.91
CA GLY E 145 -25.66 -7.42 -9.45
C GLY E 145 -25.22 -8.54 -8.53
N ARG E 146 -25.01 -8.22 -7.25
CA ARG E 146 -24.58 -9.20 -6.26
C ARG E 146 -25.82 -9.82 -5.62
N GLN E 147 -26.29 -10.90 -6.22
CA GLN E 147 -27.60 -11.49 -5.89
C GLN E 147 -27.57 -12.20 -4.55
N THR E 148 -26.55 -13.03 -4.34
CA THR E 148 -26.49 -13.92 -3.18
C THR E 148 -26.25 -13.13 -1.89
N GLU E 149 -25.37 -12.13 -1.95
CA GLU E 149 -25.16 -11.24 -0.82
C GLU E 149 -26.44 -10.48 -0.47
N CYS E 150 -27.11 -9.96 -1.50
CA CYS E 150 -28.35 -9.20 -1.32
C CYS E 150 -29.42 -10.07 -0.68
N GLU E 151 -29.40 -11.35 -0.99
CA GLU E 151 -30.33 -12.32 -0.39
C GLU E 151 -29.94 -12.62 1.07
N GLU E 152 -28.64 -12.82 1.31
CA GLU E 152 -28.13 -13.10 2.65
C GLU E 152 -28.30 -11.93 3.60
N LEU E 153 -28.18 -10.71 3.08
CA LEU E 153 -28.41 -9.49 3.85
C LEU E 153 -29.83 -9.48 4.43
N LEU E 154 -30.81 -9.70 3.57
CA LEU E 154 -32.22 -9.65 3.97
C LEU E 154 -32.61 -10.78 4.91
N ALA E 155 -32.23 -12.01 4.56
CA ALA E 155 -32.66 -13.20 5.28
C ALA E 155 -32.02 -13.35 6.65
N TRP E 156 -30.76 -12.95 6.78
CA TRP E 156 -30.00 -13.16 8.01
C TRP E 156 -29.87 -11.92 8.89
N HIS E 157 -29.94 -10.72 8.30
CA HIS E 157 -29.62 -9.49 9.04
C HIS E 157 -30.72 -8.40 9.03
N LEU E 158 -31.78 -8.58 8.24
CA LEU E 158 -32.90 -7.62 8.23
C LEU E 158 -34.22 -8.28 8.63
N PHE E 159 -34.63 -9.30 7.87
CA PHE E 159 -35.95 -9.94 8.08
C PHE E 159 -36.18 -10.59 9.45
N PRO E 160 -35.11 -11.09 10.11
CA PRO E 160 -35.32 -11.66 11.45
C PRO E 160 -35.90 -10.70 12.51
N TRP E 161 -35.77 -9.39 12.29
CA TRP E 161 -36.32 -8.40 13.22
C TRP E 161 -37.20 -7.30 12.57
N SER E 162 -37.14 -7.17 11.25
CA SER E 162 -37.74 -6.01 10.59
C SER E 162 -39.26 -5.95 10.72
N THR E 163 -39.92 -7.11 10.71
CA THR E 163 -41.38 -7.15 10.81
C THR E 163 -41.83 -6.65 12.18
N ARG E 164 -41.08 -7.01 13.22
CA ARG E 164 -41.38 -6.56 14.57
C ARG E 164 -41.27 -5.04 14.64
N PHE E 165 -40.10 -4.53 14.25
CA PHE E 165 -39.83 -3.08 14.22
C PHE E 165 -40.93 -2.31 13.49
N LEU E 166 -41.33 -2.79 12.32
CA LEU E 166 -42.36 -2.13 11.53
C LEU E 166 -43.75 -2.14 12.19
N ASP E 167 -44.10 -3.24 12.86
CA ASP E 167 -45.37 -3.32 13.58
C ASP E 167 -45.45 -2.26 14.67
N VAL E 168 -44.38 -2.11 15.43
CA VAL E 168 -44.30 -1.08 16.47
C VAL E 168 -44.27 0.31 15.83
N PHE E 169 -43.48 0.46 14.76
CA PHE E 169 -43.34 1.75 14.09
C PHE E 169 -44.67 2.23 13.49
N ILE E 170 -45.38 1.31 12.83
CA ILE E 170 -46.72 1.59 12.30
C ILE E 170 -47.65 2.08 13.44
N GLU E 171 -47.53 1.46 14.61
CA GLU E 171 -48.28 1.91 15.78
C GLU E 171 -47.85 3.31 16.22
N LYS E 172 -46.55 3.51 16.43
CA LYS E 172 -46.06 4.73 17.08
C LYS E 172 -45.87 5.95 16.19
N ALA E 173 -46.01 5.79 14.87
CA ALA E 173 -45.79 6.89 13.94
C ALA E 173 -46.64 8.12 14.29
N GLU E 174 -47.93 7.89 14.50
CA GLU E 174 -48.88 8.94 14.89
C GLU E 174 -48.80 10.17 13.98
N HIS E 175 -48.63 9.88 12.69
CA HIS E 175 -48.59 10.88 11.63
C HIS E 175 -48.89 10.12 10.33
N PRO E 176 -49.88 10.58 9.56
CA PRO E 176 -50.36 9.79 8.41
C PRO E 176 -49.29 9.38 7.40
N PHE E 177 -48.35 10.28 7.10
CA PHE E 177 -47.27 9.97 6.14
C PHE E 177 -46.36 8.82 6.59
N TYR E 178 -45.88 8.89 7.83
CA TYR E 178 -44.95 7.88 8.32
C TYR E 178 -45.63 6.56 8.68
N ARG E 179 -46.91 6.61 9.05
CA ARG E 179 -47.69 5.38 9.23
C ARG E 179 -47.83 4.64 7.90
N ALA E 180 -48.21 5.37 6.86
CA ALA E 180 -48.38 4.80 5.52
C ALA E 180 -47.06 4.27 4.96
N LEU E 181 -45.97 4.99 5.23
CA LEU E 181 -44.63 4.56 4.84
C LEU E 181 -44.29 3.22 5.49
N GLY E 182 -44.54 3.12 6.79
CA GLY E 182 -44.39 1.86 7.52
C GLY E 182 -45.21 0.72 6.92
N GLU E 183 -46.47 0.99 6.61
CA GLU E 183 -47.36 -0.03 6.07
C GLU E 183 -46.98 -0.41 4.65
N LEU E 184 -46.55 0.58 3.86
CA LEU E 184 -45.98 0.32 2.54
C LEU E 184 -44.74 -0.54 2.66
N ALA E 185 -43.88 -0.21 3.62
CA ALA E 185 -42.65 -0.97 3.86
C ALA E 185 -42.96 -2.43 4.24
N ARG E 186 -43.91 -2.63 5.13
CA ARG E 186 -44.23 -3.98 5.63
C ARG E 186 -44.79 -4.91 4.56
N LEU E 187 -45.65 -4.37 3.70
CA LEU E 187 -46.18 -5.14 2.56
C LEU E 187 -45.06 -5.49 1.59
N THR E 188 -44.26 -4.49 1.22
CA THR E 188 -43.18 -4.65 0.25
C THR E 188 -42.16 -5.69 0.74
N LEU E 189 -41.73 -5.57 1.99
CA LEU E 189 -40.73 -6.49 2.54
C LEU E 189 -41.27 -7.89 2.76
N ALA E 190 -42.57 -8.01 3.06
CA ALA E 190 -43.21 -9.32 3.16
C ALA E 190 -43.25 -10.00 1.79
N GLN E 191 -43.50 -9.21 0.75
CA GLN E 191 -43.48 -9.71 -0.62
C GLN E 191 -42.09 -10.26 -0.99
N TRP E 192 -41.05 -9.49 -0.67
CA TRP E 192 -39.67 -9.93 -0.94
C TRP E 192 -39.32 -11.19 -0.14
N GLN E 193 -39.78 -11.26 1.10
CA GLN E 193 -39.55 -12.42 1.96
C GLN E 193 -40.18 -13.70 1.37
N SER E 194 -41.32 -13.57 0.73
CA SER E 194 -41.95 -14.72 0.06
C SER E 194 -41.19 -15.15 -1.21
N GLN E 195 -40.40 -14.23 -1.77
CA GLN E 195 -39.59 -14.50 -2.97
C GLN E 195 -38.21 -15.09 -2.64
N LEU E 196 -37.82 -15.10 -1.37
CA LEU E 196 -36.51 -15.63 -0.95
C LEU E 196 -36.35 -17.11 -1.30
N LEU E 197 -35.11 -17.49 -1.64
CA LEU E 197 -34.77 -18.89 -1.96
C LEU E 197 -34.11 -19.62 -0.77
N ILE E 198 -33.62 -18.86 0.20
CA ILE E 198 -33.09 -19.41 1.46
C ILE E 198 -33.97 -18.94 2.62
N PRO E 199 -34.01 -19.72 3.72
CA PRO E 199 -34.89 -19.35 4.83
C PRO E 199 -34.36 -18.16 5.63
N VAL E 200 -35.28 -17.37 6.16
CA VAL E 200 -34.97 -16.26 7.06
C VAL E 200 -34.47 -16.84 8.37
N ALA E 201 -33.41 -16.26 8.92
CA ALA E 201 -32.86 -16.71 10.21
C ALA E 201 -33.92 -16.59 11.31
N VAL E 202 -34.06 -17.63 12.13
CA VAL E 202 -35.00 -17.59 13.25
C VAL E 202 -34.27 -17.09 14.49
N LYS E 203 -34.70 -15.92 14.99
CA LYS E 203 -34.09 -15.29 16.16
C LYS E 203 -35.16 -14.87 17.15
N PRO E 204 -34.90 -15.00 18.45
CA PRO E 204 -35.82 -14.52 19.46
C PRO E 204 -35.74 -12.99 19.59
N LEU E 205 -36.89 -12.37 19.83
CA LEU E 205 -37.00 -10.91 19.95
C LEU E 205 -37.23 -10.53 21.41
N PHE E 206 -36.63 -9.40 21.82
CA PHE E 206 -36.67 -8.98 23.22
C PHE E 206 -37.39 -7.64 23.42
N ARG E 207 -38.05 -7.15 22.39
CA ARG E 207 -38.75 -5.88 22.47
C ARG E 207 -39.88 -5.81 21.44
N MET F 4 -28.19 -2.24 42.16
CA MET F 4 -29.27 -2.09 41.15
C MET F 4 -28.64 -1.91 39.76
N THR F 5 -29.34 -1.23 38.85
CA THR F 5 -28.80 -0.90 37.54
C THR F 5 -27.71 0.16 37.69
N HIS F 6 -26.74 0.17 36.78
CA HIS F 6 -25.73 1.21 36.76
C HIS F 6 -26.41 2.52 36.36
N PHE F 7 -25.89 3.65 36.84
CA PHE F 7 -26.54 4.95 36.60
C PHE F 7 -26.59 5.36 35.14
N SER F 8 -25.63 4.85 34.35
CA SER F 8 -25.58 5.11 32.91
C SER F 8 -26.72 4.43 32.15
N GLN F 9 -27.34 3.43 32.78
CA GLN F 9 -28.41 2.65 32.15
C GLN F 9 -29.81 3.02 32.63
N GLN F 10 -29.92 4.07 33.46
CA GLN F 10 -31.22 4.50 34.01
C GLN F 10 -31.34 6.02 34.09
N ASP F 11 -32.51 6.49 34.53
CA ASP F 11 -32.79 7.92 34.72
C ASP F 11 -32.30 8.80 33.56
N ASN F 12 -32.66 8.40 32.34
CA ASN F 12 -32.40 9.20 31.15
C ASN F 12 -30.95 9.71 31.03
N PHE F 13 -29.97 8.93 31.48
CA PHE F 13 -28.56 9.38 31.44
C PHE F 13 -28.11 9.72 30.02
N SER F 14 -28.27 8.76 29.11
CA SER F 14 -27.82 8.93 27.72
C SER F 14 -28.52 10.10 27.04
N VAL F 15 -29.81 10.24 27.31
CA VAL F 15 -30.64 11.33 26.75
C VAL F 15 -30.19 12.70 27.28
N ALA F 16 -29.89 12.77 28.58
CA ALA F 16 -29.42 14.01 29.20
C ALA F 16 -28.03 14.37 28.71
N ALA F 17 -27.12 13.39 28.74
CA ALA F 17 -25.76 13.54 28.24
C ALA F 17 -25.70 13.98 26.77
N ARG F 18 -26.63 13.49 25.95
CA ARG F 18 -26.68 13.88 24.54
C ARG F 18 -27.14 15.33 24.35
N VAL F 19 -28.15 15.75 25.11
CA VAL F 19 -28.68 17.11 25.00
C VAL F 19 -27.62 18.14 25.40
N LEU F 20 -26.93 17.88 26.51
CA LEU F 20 -25.86 18.76 26.99
C LEU F 20 -24.68 18.74 26.03
N GLY F 21 -24.24 17.56 25.66
CA GLY F 21 -23.14 17.39 24.71
C GLY F 21 -23.35 18.16 23.42
N ALA F 22 -24.48 17.93 22.75
CA ALA F 22 -24.76 18.58 21.46
C ALA F 22 -24.82 20.09 21.55
N LEU F 23 -25.45 20.62 22.60
CA LEU F 23 -25.59 22.07 22.80
C LEU F 23 -24.26 22.78 23.10
N PHE F 24 -23.28 22.04 23.58
CA PHE F 24 -21.93 22.57 23.78
C PHE F 24 -21.08 22.44 22.52
N TYR F 25 -21.36 21.42 21.70
CA TYR F 25 -20.52 21.10 20.53
C TYR F 25 -21.04 21.66 19.21
N TYR F 26 -22.36 21.82 19.08
CA TYR F 26 -22.96 22.25 17.82
C TYR F 26 -23.62 23.61 17.92
N ALA F 27 -23.56 24.35 16.81
CA ALA F 27 -24.20 25.67 16.65
C ALA F 27 -25.71 25.60 16.90
N PRO F 28 -26.27 26.60 17.59
CA PRO F 28 -27.70 26.57 17.98
C PRO F 28 -28.69 26.60 16.81
N GLU F 29 -28.29 27.19 15.69
CA GLU F 29 -29.12 27.21 14.48
C GLU F 29 -28.93 25.96 13.61
N SER F 30 -28.02 25.07 14.03
CA SER F 30 -27.73 23.85 13.26
C SER F 30 -28.85 22.82 13.37
N ALA F 31 -28.84 21.85 12.46
CA ALA F 31 -29.83 20.77 12.48
C ALA F 31 -29.72 19.92 13.74
N GLU F 32 -28.51 19.77 14.26
CA GLU F 32 -28.28 18.95 15.44
C GLU F 32 -28.82 19.60 16.73
N ALA F 33 -28.71 20.92 16.85
CA ALA F 33 -29.02 21.60 18.10
C ALA F 33 -30.30 22.46 18.09
N ALA F 34 -30.78 22.84 16.91
CA ALA F 34 -31.97 23.70 16.83
C ALA F 34 -33.19 23.10 17.52
N PRO F 35 -33.46 21.79 17.33
CA PRO F 35 -34.59 21.20 18.05
C PRO F 35 -34.36 21.14 19.56
N LEU F 36 -33.08 21.13 19.98
CA LEU F 36 -32.74 21.11 21.39
C LEU F 36 -32.95 22.48 22.05
N VAL F 37 -32.62 23.54 21.31
CA VAL F 37 -32.87 24.91 21.79
C VAL F 37 -34.36 25.12 22.01
N ALA F 38 -35.16 24.69 21.04
CA ALA F 38 -36.63 24.81 21.11
C ALA F 38 -37.21 24.08 22.32
N VAL F 39 -36.72 22.88 22.59
CA VAL F 39 -37.19 22.08 23.73
C VAL F 39 -36.89 22.79 25.05
N LEU F 40 -35.66 23.29 25.19
CA LEU F 40 -35.26 24.01 26.41
C LEU F 40 -35.88 25.40 26.57
N THR F 41 -36.43 25.97 25.50
CA THR F 41 -37.07 27.29 25.57
C THR F 41 -38.61 27.24 25.59
N SER F 42 -39.16 26.09 25.96
CA SER F 42 -40.61 25.95 26.19
C SER F 42 -40.81 25.03 27.39
N ASP F 43 -42.00 25.07 27.98
CA ASP F 43 -42.29 24.29 29.19
C ASP F 43 -42.43 22.80 28.87
N GLY F 44 -42.09 21.96 29.86
CA GLY F 44 -42.29 20.51 29.74
C GLY F 44 -41.03 19.65 29.73
N TRP F 45 -39.89 20.26 29.42
CA TRP F 45 -38.61 19.52 29.41
C TRP F 45 -38.18 19.10 30.82
N GLU F 46 -38.57 19.89 31.81
CA GLU F 46 -38.21 19.62 33.21
C GLU F 46 -38.75 18.30 33.74
N THR F 47 -39.88 17.83 33.18
CA THR F 47 -40.48 16.56 33.61
C THR F 47 -39.64 15.36 33.19
N GLN F 48 -39.02 15.43 32.01
CA GLN F 48 -38.16 14.35 31.51
C GLN F 48 -36.72 14.44 32.00
N TRP F 49 -36.28 15.64 32.39
CA TRP F 49 -34.89 15.83 32.84
C TRP F 49 -34.66 15.20 34.22
N PRO F 50 -33.55 14.46 34.39
CA PRO F 50 -33.33 13.69 35.62
C PRO F 50 -32.78 14.51 36.80
N LEU F 51 -33.52 15.54 37.20
CA LEU F 51 -33.21 16.33 38.38
C LEU F 51 -34.52 16.75 39.03
N PRO F 52 -34.50 17.02 40.35
CA PRO F 52 -35.70 17.46 41.05
C PRO F 52 -36.30 18.72 40.41
N GLU F 53 -37.61 18.74 40.26
CA GLU F 53 -38.28 19.85 39.57
C GLU F 53 -38.13 21.18 40.31
N ALA F 54 -37.92 21.11 41.63
CA ALA F 54 -37.65 22.31 42.44
C ALA F 54 -36.30 22.93 42.09
N SER F 55 -35.31 22.07 41.85
CA SER F 55 -33.99 22.53 41.42
C SER F 55 -34.04 23.15 40.02
N LEU F 56 -34.87 22.57 39.16
CA LEU F 56 -34.96 23.03 37.77
C LEU F 56 -35.80 24.31 37.59
N ALA F 57 -36.59 24.67 38.61
CA ALA F 57 -37.50 25.81 38.52
C ALA F 57 -36.88 27.08 37.91
N PRO F 58 -35.84 27.66 38.56
CA PRO F 58 -35.26 28.89 38.04
C PRO F 58 -34.70 28.76 36.62
N LEU F 59 -34.19 27.58 36.28
CA LEU F 59 -33.63 27.34 34.94
C LEU F 59 -34.69 27.33 33.84
N VAL F 60 -35.87 26.77 34.13
CA VAL F 60 -36.98 26.75 33.16
C VAL F 60 -37.32 28.17 32.72
N THR F 61 -37.39 29.09 33.68
CA THR F 61 -37.65 30.49 33.40
C THR F 61 -36.43 31.14 32.74
N ALA F 62 -35.24 30.84 33.26
CA ALA F 62 -34.00 31.45 32.75
C ALA F 62 -33.76 31.15 31.27
N PHE F 63 -34.03 29.92 30.86
CA PHE F 63 -33.91 29.52 29.45
C PHE F 63 -34.82 30.35 28.52
N GLN F 64 -35.91 30.88 29.05
CA GLN F 64 -36.87 31.65 28.23
C GLN F 64 -36.63 33.15 28.22
N THR F 65 -35.66 33.63 28.99
CA THR F 65 -35.26 35.04 28.98
C THR F 65 -34.78 35.46 27.60
N GLN F 66 -35.38 36.51 27.05
CA GLN F 66 -34.98 37.04 25.74
C GLN F 66 -33.78 37.96 25.90
N CYS F 67 -33.12 38.28 24.79
CA CYS F 67 -31.85 39.01 24.83
C CYS F 67 -31.53 39.66 23.48
N GLU F 68 -30.80 40.77 23.51
CA GLU F 68 -30.36 41.46 22.28
C GLU F 68 -29.53 40.51 21.42
N GLU F 69 -28.49 39.96 22.03
CA GLU F 69 -27.58 39.03 21.35
C GLU F 69 -28.29 37.72 21.08
N THR F 70 -28.29 37.30 19.82
CA THR F 70 -28.95 36.05 19.44
C THR F 70 -28.14 34.86 19.94
N HIS F 71 -28.77 33.69 19.97
CA HIS F 71 -28.09 32.45 20.34
C HIS F 71 -26.86 32.25 19.46
N ALA F 72 -27.04 32.41 18.15
CA ALA F 72 -25.96 32.20 17.20
C ALA F 72 -24.73 33.04 17.54
N GLN F 73 -24.95 34.31 17.84
CA GLN F 73 -23.85 35.23 18.17
C GLN F 73 -23.17 34.83 19.47
N ALA F 74 -23.95 34.34 20.43
CA ALA F 74 -23.41 33.92 21.72
C ALA F 74 -22.53 32.68 21.57
N TRP F 75 -23.01 31.70 20.81
CA TRP F 75 -22.28 30.44 20.62
C TRP F 75 -20.96 30.67 19.87
N GLN F 76 -21.02 31.50 18.82
CA GLN F 76 -19.83 31.93 18.09
C GLN F 76 -18.81 32.53 19.04
N ARG F 77 -19.26 33.53 19.81
CA ARG F 77 -18.41 34.23 20.79
C ARG F 77 -17.78 33.25 21.79
N LEU F 78 -18.61 32.37 22.34
CA LEU F 78 -18.20 31.48 23.42
C LEU F 78 -17.40 30.26 22.99
N PHE F 79 -17.64 29.75 21.77
CA PHE F 79 -17.05 28.48 21.34
C PHE F 79 -16.19 28.50 20.07
N VAL F 80 -16.22 29.59 19.31
CA VAL F 80 -15.55 29.60 18.00
C VAL F 80 -14.49 30.70 17.89
N GLY F 81 -14.93 31.96 17.96
CA GLY F 81 -14.03 33.09 17.77
C GLY F 81 -14.75 34.35 17.31
N PRO F 82 -14.01 35.30 16.72
CA PRO F 82 -12.58 35.26 16.39
C PRO F 82 -11.65 35.29 17.60
N TRP F 83 -12.04 36.03 18.64
CA TRP F 83 -11.15 36.28 19.78
C TRP F 83 -11.12 35.11 20.74
N ALA F 84 -10.22 35.19 21.72
CA ALA F 84 -10.03 34.12 22.68
C ALA F 84 -11.34 33.74 23.35
N LEU F 85 -11.53 32.44 23.56
CA LEU F 85 -12.73 31.94 24.21
C LEU F 85 -12.58 32.13 25.72
N PRO F 86 -13.61 32.71 26.37
CA PRO F 86 -13.49 32.97 27.81
C PRO F 86 -13.26 31.70 28.63
N SER F 87 -13.86 30.59 28.21
CA SER F 87 -13.61 29.29 28.82
C SER F 87 -13.42 28.23 27.72
N PRO F 88 -12.15 27.95 27.36
CA PRO F 88 -11.88 26.95 26.32
C PRO F 88 -12.39 25.56 26.74
N PRO F 89 -13.22 24.92 25.88
CA PRO F 89 -13.89 23.66 26.22
C PRO F 89 -13.05 22.39 26.00
N TRP F 90 -11.72 22.52 25.87
CA TRP F 90 -10.86 21.36 25.70
C TRP F 90 -10.11 21.08 27.00
N GLY F 91 -10.10 19.81 27.40
CA GLY F 91 -9.59 19.42 28.72
C GLY F 91 -8.12 19.72 29.00
N SER F 92 -7.26 19.60 28.00
CA SER F 92 -5.82 19.80 28.18
C SER F 92 -5.42 21.26 28.46
N VAL F 93 -6.32 22.20 28.17
CA VAL F 93 -6.14 23.59 28.55
C VAL F 93 -6.07 23.71 30.07
N TRP F 94 -6.89 22.90 30.74
CA TRP F 94 -7.03 22.92 32.19
C TRP F 94 -6.07 21.94 32.88
N LEU F 95 -5.78 20.83 32.22
CA LEU F 95 -5.04 19.72 32.85
C LEU F 95 -3.54 19.73 32.58
N ASP F 96 -3.13 20.15 31.38
CA ASP F 96 -1.72 20.17 31.01
C ASP F 96 -1.06 21.43 31.54
N ARG F 97 0.18 21.28 32.00
CA ARG F 97 0.98 22.39 32.54
C ARG F 97 1.15 23.54 31.55
N GLU F 98 1.24 23.20 30.27
CA GLU F 98 1.40 24.19 29.20
C GLU F 98 0.08 24.87 28.78
N SER F 99 -1.04 24.32 29.22
CA SER F 99 -2.38 24.75 28.78
C SER F 99 -2.55 24.74 27.24
N VAL F 100 -2.03 23.70 26.60
CA VAL F 100 -2.09 23.57 25.15
C VAL F 100 -3.09 22.50 24.72
N LEU F 101 -3.55 22.58 23.47
CA LEU F 101 -4.42 21.54 22.91
C LEU F 101 -3.61 20.29 22.58
N PHE F 102 -4.29 19.15 22.50
CA PHE F 102 -3.62 17.86 22.29
C PHE F 102 -2.50 17.67 23.31
N GLY F 103 -2.80 17.92 24.57
CA GLY F 103 -1.81 17.84 25.64
C GLY F 103 -1.68 16.45 26.23
N ASP F 104 -0.96 16.36 27.35
CA ASP F 104 -0.76 15.10 28.08
C ASP F 104 -2.09 14.38 28.31
N SER F 105 -3.11 15.13 28.72
CA SER F 105 -4.42 14.59 29.05
C SER F 105 -5.18 14.07 27.83
N THR F 106 -4.98 14.72 26.69
CA THR F 106 -5.61 14.29 25.44
C THR F 106 -5.03 12.96 24.95
N LEU F 107 -3.71 12.84 25.05
CA LEU F 107 -3.02 11.60 24.73
C LEU F 107 -3.52 10.46 25.61
N ALA F 108 -3.69 10.77 26.90
CA ALA F 108 -4.18 9.79 27.87
C ALA F 108 -5.60 9.33 27.53
N LEU F 109 -6.44 10.27 27.09
CA LEU F 109 -7.81 9.94 26.66
C LEU F 109 -7.81 9.07 25.41
N ARG F 110 -6.98 9.43 24.45
CA ARG F 110 -6.84 8.68 23.20
C ARG F 110 -6.34 7.26 23.46
N GLN F 111 -5.36 7.13 24.36
CA GLN F 111 -4.79 5.83 24.70
C GLN F 111 -5.81 4.95 25.43
N TRP F 112 -6.59 5.56 26.32
CA TRP F 112 -7.67 4.84 27.00
C TRP F 112 -8.70 4.32 25.99
N MET F 113 -9.05 5.15 25.01
CA MET F 113 -9.98 4.75 23.95
C MET F 113 -9.40 3.62 23.10
N ARG F 114 -8.13 3.78 22.72
CA ARG F 114 -7.42 2.76 21.96
C ARG F 114 -7.47 1.40 22.66
N GLU F 115 -7.18 1.39 23.96
CA GLU F 115 -7.12 0.14 24.74
C GLU F 115 -8.49 -0.52 24.95
N LYS F 116 -9.53 0.28 25.10
CA LYS F 116 -10.90 -0.24 25.27
C LYS F 116 -11.61 -0.49 23.93
N GLY F 117 -10.91 -0.25 22.81
CA GLY F 117 -11.48 -0.49 21.49
C GLY F 117 -12.67 0.40 21.17
N ILE F 118 -12.60 1.66 21.60
CA ILE F 118 -13.68 2.62 21.39
C ILE F 118 -13.55 3.25 20.00
N GLN F 119 -14.47 2.90 19.10
CA GLN F 119 -14.45 3.38 17.72
C GLN F 119 -14.98 4.82 17.53
N PHE F 120 -15.32 5.49 18.62
CA PHE F 120 -15.90 6.84 18.57
C PHE F 120 -14.88 7.87 18.06
N GLU F 121 -15.25 8.57 16.98
CA GLU F 121 -14.37 9.52 16.33
C GLU F 121 -14.98 10.92 16.30
N MET F 122 -14.16 11.92 16.59
CA MET F 122 -14.54 13.33 16.47
C MET F 122 -14.27 13.78 15.04
N LYS F 123 -14.56 15.05 14.74
CA LYS F 123 -14.31 15.60 13.41
C LYS F 123 -12.81 15.72 13.13
N GLN F 124 -12.46 15.97 11.88
CA GLN F 124 -11.07 15.96 11.44
C GLN F 124 -10.26 17.10 12.06
N ASN F 125 -9.07 16.77 12.58
CA ASN F 125 -8.16 17.72 13.20
C ASN F 125 -8.71 18.37 14.48
N GLU F 126 -9.49 17.60 15.23
CA GLU F 126 -10.12 18.09 16.45
C GLU F 126 -9.64 17.24 17.63
N PRO F 127 -9.39 17.88 18.79
CA PRO F 127 -9.06 17.10 19.98
C PRO F 127 -10.23 16.19 20.40
N GLU F 128 -9.91 15.05 21.00
CA GLU F 128 -10.91 14.15 21.52
C GLU F 128 -11.53 14.68 22.83
N ASP F 129 -10.80 15.56 23.53
CA ASP F 129 -11.21 16.00 24.87
C ASP F 129 -12.06 17.29 24.91
N HIS F 130 -12.83 17.54 23.85
CA HIS F 130 -13.84 18.58 23.87
C HIS F 130 -14.98 18.14 24.82
N PHE F 131 -15.49 19.10 25.59
CA PHE F 131 -16.50 18.85 26.64
C PHE F 131 -17.76 18.18 26.07
N GLY F 132 -18.33 18.78 25.04
CA GLY F 132 -19.46 18.21 24.32
C GLY F 132 -19.19 16.85 23.72
N SER F 133 -18.03 16.68 23.09
CA SER F 133 -17.63 15.40 22.49
C SER F 133 -17.58 14.29 23.53
N LEU F 134 -17.07 14.60 24.71
CA LEU F 134 -16.92 13.62 25.77
C LEU F 134 -18.29 13.17 26.29
N LEU F 135 -19.22 14.12 26.39
CA LEU F 135 -20.58 13.81 26.85
C LEU F 135 -21.34 13.00 25.81
N LEU F 136 -21.10 13.29 24.53
CA LEU F 136 -21.73 12.55 23.44
C LEU F 136 -21.19 11.14 23.37
N MET F 137 -19.87 11.00 23.55
CA MET F 137 -19.23 9.70 23.61
C MET F 137 -19.71 8.92 24.84
N ALA F 138 -19.88 9.61 25.97
CA ALA F 138 -20.37 8.97 27.19
C ALA F 138 -21.74 8.37 26.97
N ALA F 139 -22.62 9.14 26.32
CA ALA F 139 -23.96 8.68 25.99
C ALA F 139 -23.92 7.56 24.96
N TRP F 140 -22.91 7.60 24.09
CA TRP F 140 -22.70 6.56 23.08
C TRP F 140 -22.34 5.24 23.74
N LEU F 141 -21.45 5.30 24.73
CA LEU F 141 -21.07 4.13 25.51
C LEU F 141 -22.25 3.56 26.27
N ALA F 142 -23.06 4.45 26.83
CA ALA F 142 -24.20 4.07 27.66
C ALA F 142 -25.28 3.39 26.85
N GLU F 143 -25.58 3.95 25.66
CA GLU F 143 -26.49 3.32 24.71
C GLU F 143 -26.04 1.91 24.31
N ASN F 144 -24.72 1.72 24.24
CA ASN F 144 -24.13 0.43 23.90
C ASN F 144 -23.97 -0.52 25.10
N GLY F 145 -24.42 -0.10 26.28
CA GLY F 145 -24.36 -0.92 27.49
C GLY F 145 -22.98 -1.06 28.11
N ARG F 146 -22.02 -0.23 27.67
CA ARG F 146 -20.65 -0.29 28.15
C ARG F 146 -20.51 0.63 29.37
N GLN F 147 -21.12 0.18 30.47
CA GLN F 147 -21.30 0.98 31.67
C GLN F 147 -20.01 1.23 32.45
N THR F 148 -19.10 0.26 32.46
CA THR F 148 -17.80 0.43 33.11
C THR F 148 -16.98 1.50 32.39
N GLU F 149 -16.96 1.42 31.06
CA GLU F 149 -16.22 2.35 30.22
C GLU F 149 -16.78 3.77 30.36
N CYS F 150 -18.11 3.86 30.38
CA CYS F 150 -18.82 5.11 30.55
C CYS F 150 -18.43 5.77 31.86
N GLU F 151 -18.34 4.98 32.93
CA GLU F 151 -17.93 5.50 34.24
C GLU F 151 -16.45 5.90 34.29
N GLU F 152 -15.60 5.19 33.55
CA GLU F 152 -14.17 5.52 33.50
C GLU F 152 -13.94 6.83 32.74
N LEU F 153 -14.66 7.01 31.63
CA LEU F 153 -14.65 8.26 30.88
C LEU F 153 -14.95 9.46 31.77
N LEU F 154 -15.98 9.35 32.59
CA LEU F 154 -16.42 10.44 33.45
C LEU F 154 -15.47 10.67 34.63
N ALA F 155 -15.09 9.58 35.30
CA ALA F 155 -14.25 9.65 36.49
C ALA F 155 -12.83 10.10 36.19
N TRP F 156 -12.27 9.63 35.08
CA TRP F 156 -10.85 9.84 34.77
C TRP F 156 -10.61 10.95 33.73
N HIS F 157 -11.50 11.10 32.75
CA HIS F 157 -11.26 11.99 31.62
C HIS F 157 -12.18 13.22 31.54
N LEU F 158 -13.19 13.31 32.39
CA LEU F 158 -14.10 14.48 32.36
C LEU F 158 -14.18 15.24 33.67
N PHE F 159 -14.60 14.57 34.74
CA PHE F 159 -14.85 15.25 36.02
C PHE F 159 -13.64 15.93 36.66
N PRO F 160 -12.41 15.48 36.38
CA PRO F 160 -11.26 16.20 36.95
C PRO F 160 -11.13 17.68 36.52
N TRP F 161 -11.69 18.05 35.38
CA TRP F 161 -11.62 19.42 34.88
C TRP F 161 -12.97 20.08 34.61
N SER F 162 -14.02 19.26 34.44
CA SER F 162 -15.33 19.76 34.00
C SER F 162 -15.90 20.82 34.95
N THR F 163 -15.68 20.62 36.24
CA THR F 163 -16.15 21.56 37.25
C THR F 163 -15.54 22.94 37.04
N ARG F 164 -14.22 22.99 36.91
CA ARG F 164 -13.50 24.27 36.73
C ARG F 164 -13.89 24.93 35.41
N PHE F 165 -14.02 24.15 34.34
CA PHE F 165 -14.45 24.66 33.05
C PHE F 165 -15.82 25.36 33.14
N LEU F 166 -16.76 24.73 33.84
CA LEU F 166 -18.13 25.25 33.95
C LEU F 166 -18.22 26.46 34.91
N ASP F 167 -17.45 26.43 35.99
CA ASP F 167 -17.34 27.60 36.88
C ASP F 167 -16.98 28.85 36.08
N VAL F 168 -15.96 28.72 35.23
CA VAL F 168 -15.51 29.83 34.40
C VAL F 168 -16.55 30.14 33.31
N PHE F 169 -17.11 29.09 32.69
CA PHE F 169 -18.10 29.25 31.63
C PHE F 169 -19.38 29.97 32.10
N ILE F 170 -19.90 29.55 33.25
CA ILE F 170 -21.12 30.15 33.81
C ILE F 170 -20.92 31.64 34.15
N GLU F 171 -19.75 31.96 34.66
CA GLU F 171 -19.41 33.34 35.01
C GLU F 171 -19.29 34.23 33.78
N LYS F 172 -18.75 33.69 32.69
CA LYS F 172 -18.47 34.47 31.48
C LYS F 172 -19.39 34.19 30.29
N ALA F 173 -20.49 33.47 30.51
CA ALA F 173 -21.44 33.19 29.41
C ALA F 173 -22.03 34.50 28.86
N GLU F 174 -22.44 35.39 29.76
CA GLU F 174 -23.01 36.71 29.41
C GLU F 174 -24.16 36.60 28.40
N HIS F 175 -24.95 35.54 28.55
CA HIS F 175 -26.15 35.32 27.76
C HIS F 175 -27.00 34.30 28.54
N PRO F 176 -28.28 34.62 28.79
CA PRO F 176 -29.09 33.84 29.74
C PRO F 176 -29.31 32.38 29.38
N PHE F 177 -29.49 32.08 28.10
CA PHE F 177 -29.64 30.69 27.65
C PHE F 177 -28.41 29.85 27.98
N TYR F 178 -27.23 30.36 27.60
CA TYR F 178 -26.00 29.60 27.79
C TYR F 178 -25.49 29.62 29.22
N ARG F 179 -25.79 30.69 29.96
CA ARG F 179 -25.56 30.68 31.40
C ARG F 179 -26.41 29.57 32.04
N ALA F 180 -27.69 29.51 31.66
CA ALA F 180 -28.61 28.47 32.16
C ALA F 180 -28.19 27.06 31.73
N LEU F 181 -27.65 26.95 30.51
CA LEU F 181 -27.13 25.67 30.02
C LEU F 181 -25.98 25.21 30.91
N GLY F 182 -25.02 26.11 31.15
CA GLY F 182 -23.91 25.85 32.05
C GLY F 182 -24.36 25.36 33.41
N GLU F 183 -25.34 26.06 33.98
CA GLU F 183 -25.90 25.69 35.28
C GLU F 183 -26.55 24.30 35.26
N LEU F 184 -27.32 24.01 34.20
CA LEU F 184 -27.95 22.70 34.04
C LEU F 184 -26.91 21.60 33.99
N ALA F 185 -25.86 21.81 33.19
CA ALA F 185 -24.74 20.88 33.10
C ALA F 185 -24.04 20.69 34.44
N ARG F 186 -23.78 21.78 35.16
CA ARG F 186 -23.11 21.71 36.47
C ARG F 186 -23.95 20.90 37.45
N LEU F 187 -25.26 21.17 37.48
CA LEU F 187 -26.16 20.46 38.36
C LEU F 187 -26.31 18.98 37.96
N THR F 188 -26.36 18.71 36.67
CA THR F 188 -26.55 17.36 36.16
C THR F 188 -25.31 16.48 36.37
N LEU F 189 -24.14 17.03 36.07
CA LEU F 189 -22.87 16.31 36.25
C LEU F 189 -22.57 16.05 37.73
N ALA F 190 -22.97 16.97 38.59
CA ALA F 190 -22.79 16.82 40.03
C ALA F 190 -23.60 15.63 40.55
N GLN F 191 -24.79 15.43 40.00
CA GLN F 191 -25.64 14.29 40.34
C GLN F 191 -24.97 12.98 39.92
N TRP F 192 -24.39 12.98 38.73
CA TRP F 192 -23.70 11.79 38.21
C TRP F 192 -22.43 11.47 38.99
N GLN F 193 -21.64 12.52 39.28
CA GLN F 193 -20.42 12.36 40.08
C GLN F 193 -20.70 11.73 41.44
N SER F 194 -21.84 12.09 42.06
CA SER F 194 -22.20 11.55 43.37
C SER F 194 -22.58 10.06 43.35
N GLN F 195 -22.85 9.52 42.16
CA GLN F 195 -23.21 8.11 42.02
C GLN F 195 -22.06 7.22 41.56
N LEU F 196 -20.86 7.79 41.39
CA LEU F 196 -19.68 7.01 40.98
C LEU F 196 -19.20 6.06 42.07
N LEU F 197 -19.05 4.79 41.72
CA LEU F 197 -18.46 3.80 42.61
C LEU F 197 -16.94 3.89 42.60
N ILE F 198 -16.38 4.54 41.58
CA ILE F 198 -14.93 4.68 41.45
C ILE F 198 -14.51 6.14 41.65
N PRO F 199 -13.29 6.35 42.19
CA PRO F 199 -12.86 7.68 42.59
C PRO F 199 -12.52 8.60 41.41
N VAL F 200 -12.81 9.89 41.57
CA VAL F 200 -12.42 10.91 40.60
C VAL F 200 -10.96 11.29 40.83
N ALA F 201 -10.16 11.22 39.77
CA ALA F 201 -8.75 11.61 39.84
C ALA F 201 -8.66 13.12 40.05
N VAL F 202 -8.37 13.52 41.29
CA VAL F 202 -8.33 14.95 41.65
C VAL F 202 -7.04 15.56 41.14
N LYS F 203 -7.03 15.89 39.85
CA LYS F 203 -5.82 16.42 39.19
C LYS F 203 -5.65 17.91 39.46
N PRO F 204 -4.41 18.41 39.38
CA PRO F 204 -4.20 19.86 39.47
C PRO F 204 -4.62 20.59 38.20
N LEU F 205 -5.04 21.85 38.35
CA LEU F 205 -5.58 22.66 37.25
C LEU F 205 -4.67 23.85 36.95
N PHE F 206 -4.70 24.32 35.70
CA PHE F 206 -3.74 25.33 35.23
C PHE F 206 -4.36 26.47 34.41
N ARG F 207 -5.61 26.82 34.70
CA ARG F 207 -6.29 27.88 33.95
C ARG F 207 -7.51 28.40 34.69
N THR G 5 3.57 21.34 -26.53
CA THR G 5 2.69 21.41 -25.31
C THR G 5 1.37 20.67 -25.53
N HIS G 6 0.98 19.86 -24.54
CA HIS G 6 -0.16 18.95 -24.67
C HIS G 6 -1.51 19.69 -24.60
N PHE G 7 -2.53 19.10 -25.22
CA PHE G 7 -3.86 19.74 -25.34
C PHE G 7 -4.55 19.95 -23.99
N SER G 8 -4.23 19.10 -23.01
CA SER G 8 -4.81 19.22 -21.67
C SER G 8 -4.20 20.37 -20.85
N GLN G 9 -3.08 20.91 -21.32
CA GLN G 9 -2.37 21.98 -20.62
C GLN G 9 -2.61 23.37 -21.23
N GLN G 10 -3.59 23.47 -22.13
CA GLN G 10 -3.89 24.76 -22.78
C GLN G 10 -5.34 24.87 -23.25
N ASP G 11 -5.71 26.07 -23.67
CA ASP G 11 -7.05 26.35 -24.19
C ASP G 11 -8.16 25.94 -23.21
N ASN G 12 -7.99 26.31 -21.95
CA ASN G 12 -9.01 26.11 -20.91
C ASN G 12 -9.57 24.67 -20.86
N PHE G 13 -8.68 23.69 -20.71
CA PHE G 13 -9.10 22.30 -20.57
C PHE G 13 -9.63 22.03 -19.16
N SER G 14 -8.77 22.28 -18.17
CA SER G 14 -9.12 22.11 -16.76
C SER G 14 -10.43 22.81 -16.44
N VAL G 15 -10.52 24.06 -16.88
CA VAL G 15 -11.68 24.92 -16.63
C VAL G 15 -12.95 24.36 -17.24
N ALA G 16 -12.87 23.92 -18.50
CA ALA G 16 -14.01 23.34 -19.21
C ALA G 16 -14.47 22.02 -18.59
N ALA G 17 -13.51 21.14 -18.28
CA ALA G 17 -13.82 19.84 -17.67
C ALA G 17 -14.44 20.00 -16.27
N ARG G 18 -13.97 21.00 -15.52
CA ARG G 18 -14.51 21.33 -14.20
C ARG G 18 -15.98 21.70 -14.30
N VAL G 19 -16.28 22.62 -15.23
CA VAL G 19 -17.65 23.11 -15.44
C VAL G 19 -18.58 21.99 -15.92
N LEU G 20 -18.10 21.20 -16.88
CA LEU G 20 -18.89 20.08 -17.40
C LEU G 20 -19.09 19.04 -16.31
N GLY G 21 -17.99 18.58 -15.73
CA GLY G 21 -18.03 17.55 -14.70
C GLY G 21 -18.96 17.88 -13.55
N ALA G 22 -18.90 19.12 -13.08
CA ALA G 22 -19.71 19.57 -11.94
C ALA G 22 -21.21 19.56 -12.25
N LEU G 23 -21.59 20.03 -13.44
CA LEU G 23 -22.99 20.10 -13.82
C LEU G 23 -23.64 18.73 -14.10
N PHE G 24 -22.81 17.70 -14.30
CA PHE G 24 -23.32 16.32 -14.45
C PHE G 24 -23.37 15.57 -13.12
N TYR G 25 -22.59 16.01 -12.13
CA TYR G 25 -22.50 15.32 -10.84
C TYR G 25 -23.28 16.01 -9.72
N TYR G 26 -23.32 17.34 -9.71
CA TYR G 26 -24.00 18.11 -8.66
C TYR G 26 -25.36 18.64 -9.10
N ALA G 27 -26.21 18.93 -8.12
CA ALA G 27 -27.55 19.47 -8.37
C ALA G 27 -27.48 20.95 -8.72
N PRO G 28 -28.37 21.42 -9.62
CA PRO G 28 -28.32 22.81 -10.09
C PRO G 28 -28.48 23.86 -8.99
N GLU G 29 -29.27 23.54 -7.96
CA GLU G 29 -29.41 24.44 -6.82
C GLU G 29 -28.25 24.35 -5.83
N SER G 30 -27.44 23.29 -5.92
CA SER G 30 -26.32 23.07 -5.01
C SER G 30 -25.27 24.16 -5.13
N ALA G 31 -24.46 24.31 -4.09
CA ALA G 31 -23.42 25.34 -4.04
C ALA G 31 -22.36 25.18 -5.15
N GLU G 32 -22.16 23.95 -5.60
CA GLU G 32 -21.16 23.66 -6.63
C GLU G 32 -21.66 24.11 -8.01
N ALA G 33 -22.92 23.80 -8.31
CA ALA G 33 -23.48 24.03 -9.65
C ALA G 33 -24.22 25.36 -9.81
N ALA G 34 -24.68 25.96 -8.70
CA ALA G 34 -25.46 27.20 -8.76
C ALA G 34 -24.73 28.35 -9.45
N PRO G 35 -23.42 28.54 -9.16
CA PRO G 35 -22.66 29.56 -9.90
C PRO G 35 -22.48 29.20 -11.37
N LEU G 36 -22.34 27.91 -11.65
CA LEU G 36 -22.15 27.44 -13.02
C LEU G 36 -23.41 27.58 -13.85
N VAL G 37 -24.57 27.37 -13.23
CA VAL G 37 -25.86 27.58 -13.91
C VAL G 37 -26.09 29.07 -14.20
N ALA G 38 -25.76 29.93 -13.25
CA ALA G 38 -25.85 31.39 -13.43
C ALA G 38 -24.95 31.87 -14.57
N VAL G 39 -23.78 31.26 -14.70
CA VAL G 39 -22.82 31.59 -15.76
C VAL G 39 -23.34 31.16 -17.14
N LEU G 40 -23.91 29.97 -17.22
CA LEU G 40 -24.39 29.42 -18.50
C LEU G 40 -25.69 30.07 -18.99
N THR G 41 -26.42 30.76 -18.10
CA THR G 41 -27.62 31.49 -18.49
C THR G 41 -27.39 33.02 -18.47
N SER G 42 -26.19 33.43 -18.85
CA SER G 42 -25.83 34.84 -18.96
C SER G 42 -25.04 35.04 -20.26
N ASP G 43 -24.59 36.27 -20.50
CA ASP G 43 -23.79 36.59 -21.68
C ASP G 43 -22.35 36.92 -21.28
N GLY G 44 -21.41 36.12 -21.76
CA GLY G 44 -20.00 36.27 -21.39
C GLY G 44 -19.19 34.97 -21.37
N TRP G 45 -19.87 33.84 -21.21
CA TRP G 45 -19.19 32.54 -21.18
C TRP G 45 -18.70 32.10 -22.56
N GLU G 46 -19.37 32.58 -23.61
CA GLU G 46 -19.00 32.26 -24.99
C GLU G 46 -17.56 32.66 -25.33
N THR G 47 -17.12 33.81 -24.82
CA THR G 47 -15.78 34.34 -25.12
C THR G 47 -14.66 33.65 -24.36
N GLN G 48 -15.00 32.88 -23.32
CA GLN G 48 -14.02 32.14 -22.53
C GLN G 48 -14.03 30.64 -22.81
N TRP G 49 -15.07 30.14 -23.47
CA TRP G 49 -15.20 28.71 -23.77
C TRP G 49 -14.38 28.33 -25.00
N PRO G 50 -13.63 27.21 -24.93
CA PRO G 50 -12.75 26.82 -26.03
C PRO G 50 -13.46 26.03 -27.15
N LEU G 51 -14.24 26.74 -27.97
CA LEU G 51 -14.88 26.18 -29.15
C LEU G 51 -15.10 27.26 -30.20
N PRO G 52 -15.33 26.87 -31.47
CA PRO G 52 -15.61 27.87 -32.50
C PRO G 52 -16.96 28.55 -32.30
N GLU G 53 -17.04 29.84 -32.61
CA GLU G 53 -18.25 30.64 -32.41
C GLU G 53 -19.49 30.06 -33.10
N ALA G 54 -19.29 29.43 -34.25
CA ALA G 54 -20.38 28.91 -35.07
C ALA G 54 -21.29 27.91 -34.34
N SER G 55 -20.72 26.78 -33.92
CA SER G 55 -21.47 25.74 -33.22
C SER G 55 -21.79 26.10 -31.76
N LEU G 56 -21.11 27.13 -31.26
CA LEU G 56 -21.26 27.59 -29.88
C LEU G 56 -22.34 28.69 -29.73
N ALA G 57 -22.65 29.37 -30.84
CA ALA G 57 -23.66 30.44 -30.84
C ALA G 57 -25.11 29.98 -30.54
N PRO G 58 -25.58 28.90 -31.21
CA PRO G 58 -26.97 28.46 -30.97
C PRO G 58 -27.22 27.88 -29.58
N LEU G 59 -26.15 27.54 -28.86
CA LEU G 59 -26.26 27.05 -27.48
C LEU G 59 -26.43 28.19 -26.46
N VAL G 60 -25.89 29.37 -26.78
CA VAL G 60 -26.03 30.54 -25.91
C VAL G 60 -27.50 30.90 -25.68
N THR G 61 -28.27 30.93 -26.77
CA THR G 61 -29.71 31.20 -26.69
C THR G 61 -30.45 30.02 -26.06
N ALA G 62 -30.01 28.80 -26.37
CA ALA G 62 -30.68 27.58 -25.91
C ALA G 62 -30.66 27.38 -24.39
N PHE G 63 -29.56 27.77 -23.75
CA PHE G 63 -29.46 27.69 -22.28
C PHE G 63 -30.49 28.58 -21.59
N GLN G 64 -30.74 29.76 -22.18
CA GLN G 64 -31.61 30.76 -21.57
C GLN G 64 -33.09 30.61 -21.94
N THR G 65 -33.40 29.67 -22.83
CA THR G 65 -34.80 29.36 -23.16
C THR G 65 -35.44 28.69 -21.95
N GLN G 66 -36.23 29.46 -21.19
CA GLN G 66 -36.83 28.98 -19.96
C GLN G 66 -37.98 28.01 -20.23
N CYS G 67 -38.19 27.10 -19.29
CA CYS G 67 -39.12 25.98 -19.45
C CYS G 67 -40.20 26.01 -18.38
N GLU G 68 -41.18 25.11 -18.51
CA GLU G 68 -42.23 24.94 -17.50
C GLU G 68 -41.67 24.21 -16.28
N GLU G 69 -40.90 23.15 -16.54
CA GLU G 69 -40.23 22.40 -15.48
C GLU G 69 -38.92 23.08 -15.09
N THR G 70 -38.67 23.19 -13.79
CA THR G 70 -37.45 23.86 -13.29
C THR G 70 -36.21 22.95 -13.40
N HIS G 71 -35.05 23.50 -13.06
CA HIS G 71 -33.77 22.78 -13.19
C HIS G 71 -33.67 21.62 -12.22
N ALA G 72 -34.01 21.87 -10.96
CA ALA G 72 -33.89 20.87 -9.89
C ALA G 72 -34.75 19.63 -10.15
N GLN G 73 -35.91 19.83 -10.77
CA GLN G 73 -36.81 18.74 -11.11
C GLN G 73 -36.26 17.90 -12.25
N ALA G 74 -35.67 18.57 -13.25
CA ALA G 74 -35.02 17.89 -14.37
C ALA G 74 -33.80 17.11 -13.90
N TRP G 75 -32.99 17.76 -13.07
CA TRP G 75 -31.81 17.12 -12.49
C TRP G 75 -32.17 15.87 -11.69
N GLN G 76 -33.23 15.97 -10.89
CA GLN G 76 -33.70 14.88 -10.04
C GLN G 76 -34.07 13.65 -10.86
N ARG G 77 -34.97 13.83 -11.83
CA ARG G 77 -35.43 12.73 -12.68
C ARG G 77 -34.33 12.13 -13.56
N LEU G 78 -33.34 12.95 -13.93
CA LEU G 78 -32.27 12.52 -14.84
C LEU G 78 -31.09 11.82 -14.17
N PHE G 79 -30.83 12.14 -12.91
CA PHE G 79 -29.65 11.65 -12.19
C PHE G 79 -29.90 10.91 -10.88
N VAL G 80 -30.97 11.28 -10.17
CA VAL G 80 -31.27 10.70 -8.86
C VAL G 80 -32.34 9.62 -8.95
N GLY G 81 -33.54 10.00 -9.38
CA GLY G 81 -34.67 9.08 -9.46
C GLY G 81 -35.96 9.72 -9.01
N PRO G 82 -36.79 9.00 -8.23
CA PRO G 82 -36.57 7.65 -7.69
C PRO G 82 -36.55 6.54 -8.72
N TRP G 83 -37.14 6.78 -9.89
CA TRP G 83 -37.31 5.74 -10.89
C TRP G 83 -36.09 5.63 -11.80
N ALA G 84 -36.16 4.71 -12.77
CA ALA G 84 -35.06 4.46 -13.69
C ALA G 84 -34.60 5.73 -14.41
N LEU G 85 -33.29 5.94 -14.44
CA LEU G 85 -32.70 7.06 -15.16
C LEU G 85 -32.68 6.74 -16.65
N PRO G 86 -32.99 7.74 -17.49
CA PRO G 86 -33.03 7.50 -18.94
C PRO G 86 -31.65 7.24 -19.54
N SER G 87 -30.65 7.99 -19.08
CA SER G 87 -29.27 7.80 -19.52
C SER G 87 -28.37 7.69 -18.28
N PRO G 88 -28.22 6.46 -17.74
CA PRO G 88 -27.39 6.24 -16.54
C PRO G 88 -25.93 6.66 -16.76
N PRO G 89 -25.43 7.59 -15.92
CA PRO G 89 -24.11 8.20 -16.14
C PRO G 89 -22.89 7.37 -15.70
N TRP G 90 -23.08 6.11 -15.33
CA TRP G 90 -21.97 5.27 -14.89
C TRP G 90 -21.48 4.36 -16.01
N GLY G 91 -20.18 4.39 -16.27
CA GLY G 91 -19.57 3.69 -17.41
C GLY G 91 -19.93 2.22 -17.59
N SER G 92 -20.04 1.47 -16.49
CA SER G 92 -20.32 0.04 -16.55
C SER G 92 -21.73 -0.29 -17.02
N VAL G 93 -22.63 0.70 -17.01
CA VAL G 93 -23.97 0.52 -17.52
C VAL G 93 -23.95 0.34 -19.05
N TRP G 94 -22.97 0.98 -19.70
CA TRP G 94 -22.82 0.91 -21.15
C TRP G 94 -21.76 -0.12 -21.57
N LEU G 95 -20.65 -0.17 -20.84
CA LEU G 95 -19.48 -0.96 -21.23
C LEU G 95 -19.54 -2.45 -20.85
N ASP G 96 -20.29 -2.78 -19.79
CA ASP G 96 -20.41 -4.16 -19.30
CA ASP G 96 -20.40 -4.17 -19.34
C ASP G 96 -21.63 -4.84 -19.91
N ARG G 97 -21.51 -6.15 -20.16
CA ARG G 97 -22.56 -6.94 -20.79
C ARG G 97 -23.79 -7.08 -19.89
N GLU G 98 -23.57 -7.42 -18.62
CA GLU G 98 -24.67 -7.57 -17.66
C GLU G 98 -25.29 -6.23 -17.24
N SER G 99 -24.57 -5.13 -17.48
CA SER G 99 -25.06 -3.77 -17.23
C SER G 99 -25.40 -3.53 -15.74
N VAL G 100 -24.44 -3.80 -14.88
CA VAL G 100 -24.58 -3.53 -13.44
C VAL G 100 -23.56 -2.50 -13.02
N LEU G 101 -23.83 -1.80 -11.91
CA LEU G 101 -22.89 -0.83 -11.36
C LEU G 101 -21.72 -1.56 -10.69
N PHE G 102 -20.60 -0.85 -10.53
CA PHE G 102 -19.36 -1.44 -10.01
C PHE G 102 -18.99 -2.70 -10.81
N GLY G 103 -18.88 -2.54 -12.13
CA GLY G 103 -18.65 -3.65 -13.04
C GLY G 103 -17.19 -3.87 -13.41
N ASP G 104 -16.99 -4.60 -14.51
CA ASP G 104 -15.66 -4.94 -15.01
C ASP G 104 -14.92 -3.71 -15.53
N SER G 105 -15.63 -2.86 -16.25
CA SER G 105 -15.05 -1.62 -16.74
C SER G 105 -14.69 -0.70 -15.58
N THR G 106 -15.55 -0.69 -14.55
CA THR G 106 -15.27 0.04 -13.32
C THR G 106 -14.01 -0.48 -12.64
N LEU G 107 -13.91 -1.81 -12.52
CA LEU G 107 -12.76 -2.47 -11.92
C LEU G 107 -11.48 -2.12 -12.69
N ALA G 108 -11.56 -2.20 -14.02
CA ALA G 108 -10.44 -1.86 -14.88
C ALA G 108 -9.97 -0.42 -14.62
N LEU G 109 -10.93 0.48 -14.41
CA LEU G 109 -10.63 1.86 -14.07
C LEU G 109 -9.90 1.93 -12.72
N ARG G 110 -10.42 1.22 -11.73
CA ARG G 110 -9.83 1.17 -10.40
C ARG G 110 -8.40 0.65 -10.45
N GLN G 111 -8.17 -0.39 -11.25
CA GLN G 111 -6.85 -0.99 -11.36
C GLN G 111 -5.85 -0.05 -12.03
N TRP G 112 -6.32 0.68 -13.03
CA TRP G 112 -5.51 1.70 -13.70
C TRP G 112 -5.11 2.81 -12.73
N MET G 113 -6.05 3.22 -11.87
CA MET G 113 -5.79 4.25 -10.87
C MET G 113 -4.69 3.83 -9.88
N ARG G 114 -4.73 2.57 -9.45
CA ARG G 114 -3.72 2.04 -8.53
C ARG G 114 -2.37 1.86 -9.23
N GLU G 115 -2.39 1.44 -10.50
CA GLU G 115 -1.17 1.26 -11.29
C GLU G 115 -0.40 2.56 -11.46
N LYS G 116 -1.14 3.64 -11.68
CA LYS G 116 -0.55 4.95 -11.94
C LYS G 116 -0.33 5.79 -10.67
N GLY G 117 -0.69 5.23 -9.52
CA GLY G 117 -0.55 5.94 -8.25
C GLY G 117 -1.52 7.11 -8.10
N ILE G 118 -2.68 7.00 -8.75
CA ILE G 118 -3.71 8.05 -8.68
C ILE G 118 -4.50 7.91 -7.38
N GLN G 119 -4.48 8.96 -6.56
CA GLN G 119 -5.12 8.94 -5.25
C GLN G 119 -6.41 9.78 -5.20
N PHE G 120 -6.93 10.13 -6.37
CA PHE G 120 -8.20 10.87 -6.47
C PHE G 120 -9.34 9.95 -6.03
N GLU G 121 -9.96 10.27 -4.90
CA GLU G 121 -11.03 9.45 -4.34
C GLU G 121 -12.40 10.07 -4.62
N MET G 122 -13.31 9.24 -5.11
CA MET G 122 -14.71 9.63 -5.27
C MET G 122 -15.42 9.57 -3.92
N LYS G 123 -16.69 9.94 -3.89
CA LYS G 123 -17.48 9.90 -2.64
C LYS G 123 -17.73 8.48 -2.17
N GLN G 124 -18.08 8.34 -0.90
CA GLN G 124 -18.30 7.05 -0.28
C GLN G 124 -19.46 6.33 -0.95
N ASN G 125 -19.24 5.06 -1.30
CA ASN G 125 -20.26 4.19 -1.93
C ASN G 125 -20.54 4.48 -3.42
N GLU G 126 -19.92 5.51 -3.99
CA GLU G 126 -20.13 5.87 -5.39
C GLU G 126 -19.04 5.24 -6.27
N PRO G 127 -19.42 4.71 -7.45
CA PRO G 127 -18.42 4.11 -8.34
C PRO G 127 -17.50 5.16 -8.98
N GLU G 128 -16.38 4.70 -9.51
CA GLU G 128 -15.36 5.59 -10.06
C GLU G 128 -15.71 6.09 -11.47
N ASP G 129 -16.54 5.34 -12.18
CA ASP G 129 -16.78 5.59 -13.61
C ASP G 129 -18.00 6.48 -13.90
N HIS G 130 -18.27 7.45 -13.03
CA HIS G 130 -19.34 8.41 -13.28
C HIS G 130 -18.82 9.50 -14.23
N PHE G 131 -19.66 9.88 -15.18
CA PHE G 131 -19.27 10.79 -16.27
C PHE G 131 -18.65 12.08 -15.72
N GLY G 132 -19.35 12.71 -14.77
CA GLY G 132 -18.85 13.91 -14.11
C GLY G 132 -17.56 13.68 -13.32
N SER G 133 -17.50 12.56 -12.61
CA SER G 133 -16.34 12.21 -11.79
C SER G 133 -15.08 12.01 -12.61
N LEU G 134 -15.23 11.42 -13.80
CA LEU G 134 -14.11 11.22 -14.71
C LEU G 134 -13.58 12.55 -15.25
N LEU G 135 -14.48 13.44 -15.63
CA LEU G 135 -14.09 14.77 -16.08
C LEU G 135 -13.39 15.54 -14.96
N LEU G 136 -13.92 15.42 -13.75
CA LEU G 136 -13.32 16.06 -12.58
C LEU G 136 -11.94 15.50 -12.31
N MET G 137 -11.78 14.19 -12.50
CA MET G 137 -10.47 13.55 -12.35
C MET G 137 -9.52 13.96 -13.47
N ALA G 138 -10.04 14.03 -14.69
CA ALA G 138 -9.25 14.46 -15.85
C ALA G 138 -8.72 15.88 -15.63
N ALA G 139 -9.60 16.77 -15.17
CA ALA G 139 -9.21 18.15 -14.86
C ALA G 139 -8.22 18.18 -13.71
N TRP G 140 -8.46 17.34 -12.70
CA TRP G 140 -7.54 17.19 -11.56
C TRP G 140 -6.16 16.74 -12.02
N LEU G 141 -6.12 15.78 -12.95
CA LEU G 141 -4.85 15.30 -13.51
C LEU G 141 -4.21 16.36 -14.40
N ALA G 142 -5.03 17.03 -15.20
CA ALA G 142 -4.53 18.10 -16.08
C ALA G 142 -3.87 19.20 -15.26
N GLU G 143 -4.57 19.69 -14.24
CA GLU G 143 -4.05 20.72 -13.36
C GLU G 143 -2.70 20.33 -12.74
N ASN G 144 -2.54 19.04 -12.45
CA ASN G 144 -1.32 18.52 -11.83
C ASN G 144 -0.17 18.28 -12.82
N GLY G 145 -0.39 18.61 -14.09
CA GLY G 145 0.65 18.48 -15.12
C GLY G 145 0.86 17.07 -15.61
N ARG G 146 -0.05 16.17 -15.26
CA ARG G 146 0.04 14.76 -15.64
C ARG G 146 -0.69 14.53 -16.97
N GLN G 147 0.00 14.84 -18.05
CA GLN G 147 -0.56 14.84 -19.40
C GLN G 147 -0.90 13.42 -19.86
N THR G 148 0.03 12.50 -19.61
CA THR G 148 -0.08 11.12 -20.03
C THR G 148 -1.32 10.46 -19.43
N GLU G 149 -1.38 10.45 -18.10
CA GLU G 149 -2.47 9.79 -17.38
C GLU G 149 -3.81 10.44 -17.71
N CYS G 150 -3.80 11.77 -17.82
CA CYS G 150 -5.01 12.51 -18.18
C CYS G 150 -5.54 12.06 -19.55
N GLU G 151 -4.63 11.84 -20.48
CA GLU G 151 -4.99 11.36 -21.83
C GLU G 151 -5.38 9.89 -21.81
N GLU G 152 -4.71 9.10 -20.97
CA GLU G 152 -5.06 7.68 -20.81
C GLU G 152 -6.49 7.53 -20.27
N LEU G 153 -6.82 8.31 -19.24
CA LEU G 153 -8.17 8.35 -18.67
C LEU G 153 -9.21 8.56 -19.76
N LEU G 154 -8.99 9.59 -20.57
CA LEU G 154 -9.94 9.97 -21.62
C LEU G 154 -10.07 8.90 -22.69
N ALA G 155 -8.95 8.41 -23.19
CA ALA G 155 -8.91 7.43 -24.27
C ALA G 155 -9.41 6.05 -23.87
N TRP G 156 -9.04 5.61 -22.66
CA TRP G 156 -9.33 4.25 -22.23
C TRP G 156 -10.63 4.11 -21.46
N HIS G 157 -10.91 5.04 -20.55
CA HIS G 157 -12.01 4.87 -19.59
C HIS G 157 -13.20 5.82 -19.75
N LEU G 158 -13.08 6.86 -20.58
CA LEU G 158 -14.21 7.78 -20.84
C LEU G 158 -14.74 7.68 -22.27
N PHE G 159 -13.88 7.98 -23.25
CA PHE G 159 -14.31 8.14 -24.64
C PHE G 159 -14.94 6.90 -25.31
N PRO G 160 -14.57 5.69 -24.88
CA PRO G 160 -15.24 4.52 -25.46
C PRO G 160 -16.76 4.49 -25.26
N TRP G 161 -17.24 5.02 -24.14
CA TRP G 161 -18.68 5.07 -23.84
C TRP G 161 -19.28 6.49 -23.79
N SER G 162 -18.40 7.50 -23.74
CA SER G 162 -18.81 8.89 -23.54
C SER G 162 -19.78 9.43 -24.59
N THR G 163 -19.50 9.14 -25.85
CA THR G 163 -20.32 9.65 -26.97
C THR G 163 -21.72 9.04 -26.97
N ARG G 164 -21.81 7.74 -26.73
CA ARG G 164 -23.10 7.03 -26.68
C ARG G 164 -23.97 7.55 -25.54
N PHE G 165 -23.37 7.68 -24.35
CA PHE G 165 -24.05 8.25 -23.19
C PHE G 165 -24.63 9.63 -23.50
N LEU G 166 -23.84 10.46 -24.19
CA LEU G 166 -24.29 11.81 -24.55
C LEU G 166 -25.38 11.82 -25.63
N ASP G 167 -25.35 10.83 -26.53
CA ASP G 167 -26.37 10.72 -27.57
C ASP G 167 -27.74 10.46 -26.95
N VAL G 168 -27.80 9.44 -26.09
CA VAL G 168 -29.05 9.06 -25.42
C VAL G 168 -29.49 10.12 -24.41
N PHE G 169 -28.52 10.80 -23.79
CA PHE G 169 -28.80 11.85 -22.81
C PHE G 169 -29.45 13.08 -23.45
N ILE G 170 -28.89 13.52 -24.59
CA ILE G 170 -29.45 14.66 -25.33
C ILE G 170 -30.85 14.36 -25.85
N GLU G 171 -31.07 13.12 -26.31
CA GLU G 171 -32.38 12.70 -26.83
C GLU G 171 -33.44 12.63 -25.72
N LYS G 172 -33.06 12.08 -24.57
CA LYS G 172 -33.99 11.88 -23.45
C LYS G 172 -33.98 13.02 -22.44
N ALA G 173 -33.17 14.06 -22.68
CA ALA G 173 -33.07 15.20 -21.76
C ALA G 173 -34.43 15.85 -21.53
N GLU G 174 -35.11 16.21 -22.62
CA GLU G 174 -36.45 16.82 -22.57
C GLU G 174 -36.50 18.04 -21.63
N HIS G 175 -35.45 18.85 -21.69
CA HIS G 175 -35.37 20.09 -20.93
C HIS G 175 -34.25 20.95 -21.52
N PRO G 176 -34.56 22.21 -21.88
CA PRO G 176 -33.64 23.04 -22.69
C PRO G 176 -32.24 23.27 -22.11
N PHE G 177 -32.14 23.41 -20.79
CA PHE G 177 -30.83 23.61 -20.15
C PHE G 177 -29.95 22.38 -20.30
N TYR G 178 -30.48 21.22 -19.92
CA TYR G 178 -29.71 19.96 -19.94
C TYR G 178 -29.60 19.36 -21.33
N ARG G 179 -30.52 19.71 -22.22
CA ARG G 179 -30.37 19.39 -23.64
C ARG G 179 -29.20 20.19 -24.22
N ALA G 180 -29.08 21.45 -23.81
CA ALA G 180 -27.97 22.31 -24.22
C ALA G 180 -26.64 21.89 -23.56
N LEU G 181 -26.70 21.46 -22.30
CA LEU G 181 -25.52 20.97 -21.59
C LEU G 181 -24.93 19.74 -22.29
N GLY G 182 -25.80 18.77 -22.58
CA GLY G 182 -25.40 17.56 -23.28
C GLY G 182 -24.77 17.88 -24.62
N GLU G 183 -25.38 18.80 -25.36
CA GLU G 183 -24.85 19.24 -26.64
C GLU G 183 -23.49 19.92 -26.47
N LEU G 184 -23.39 20.81 -25.49
CA LEU G 184 -22.12 21.50 -25.21
C LEU G 184 -21.00 20.51 -24.92
N ALA G 185 -21.31 19.51 -24.09
CA ALA G 185 -20.33 18.47 -23.72
C ALA G 185 -19.93 17.60 -24.92
N ARG G 186 -20.90 17.20 -25.73
CA ARG G 186 -20.63 16.35 -26.89
C ARG G 186 -19.73 17.04 -27.92
N LEU G 187 -19.85 18.36 -28.04
CA LEU G 187 -18.96 19.15 -28.90
C LEU G 187 -17.56 19.24 -28.32
N THR G 188 -17.48 19.49 -27.02
CA THR G 188 -16.20 19.64 -26.33
C THR G 188 -15.43 18.32 -26.25
N LEU G 189 -16.16 17.23 -26.03
CA LEU G 189 -15.53 15.90 -25.85
C LEU G 189 -15.16 15.22 -27.17
N ALA G 190 -15.97 15.43 -28.21
CA ALA G 190 -15.64 14.94 -29.55
C ALA G 190 -14.43 15.67 -30.11
N GLN G 191 -14.28 16.94 -29.73
CA GLN G 191 -13.16 17.78 -30.18
C GLN G 191 -11.88 17.52 -29.37
N TRP G 192 -12.01 17.19 -28.09
CA TRP G 192 -10.86 16.76 -27.28
C TRP G 192 -10.27 15.47 -27.82
N GLN G 193 -11.16 14.56 -28.23
CA GLN G 193 -10.78 13.29 -28.84
C GLN G 193 -9.98 13.49 -30.13
N SER G 194 -10.27 14.57 -30.85
CA SER G 194 -9.58 14.86 -32.11
C SER G 194 -8.10 15.28 -31.90
N GLN G 195 -7.77 15.74 -30.70
CA GLN G 195 -6.41 16.18 -30.39
C GLN G 195 -5.53 15.10 -29.75
N LEU G 196 -6.08 13.89 -29.59
CA LEU G 196 -5.37 12.82 -28.88
C LEU G 196 -4.12 12.37 -29.63
N LEU G 197 -3.04 12.16 -28.87
CA LEU G 197 -1.80 11.62 -29.41
C LEU G 197 -1.94 10.10 -29.60
N ILE G 198 -2.48 9.44 -28.58
CA ILE G 198 -2.69 7.98 -28.63
C ILE G 198 -4.14 7.66 -29.01
N PRO G 199 -4.36 6.51 -29.66
CA PRO G 199 -5.70 6.18 -30.13
C PRO G 199 -6.66 5.83 -29.00
N VAL G 200 -7.95 6.10 -29.22
CA VAL G 200 -9.00 5.74 -28.29
C VAL G 200 -9.16 4.21 -28.26
N ALA G 201 -9.29 3.66 -27.06
CA ALA G 201 -9.57 2.24 -26.90
C ALA G 201 -10.94 1.94 -27.51
N VAL G 202 -11.01 0.88 -28.31
CA VAL G 202 -12.25 0.54 -29.00
C VAL G 202 -12.94 -0.64 -28.30
N LYS G 203 -13.90 -0.30 -27.44
CA LYS G 203 -14.60 -1.30 -26.62
C LYS G 203 -16.07 -1.39 -27.04
N PRO G 204 -16.65 -2.60 -26.99
CA PRO G 204 -18.05 -2.81 -27.39
C PRO G 204 -19.06 -2.29 -26.37
N LEU G 205 -20.16 -1.72 -26.86
CA LEU G 205 -21.24 -1.20 -26.02
C LEU G 205 -22.46 -2.13 -26.05
N PHE G 206 -23.30 -2.04 -25.02
CA PHE G 206 -24.44 -2.94 -24.85
C PHE G 206 -25.71 -2.22 -24.38
N ARG G 207 -25.83 -0.94 -24.72
CA ARG G 207 -26.88 -0.09 -24.15
C ARG G 207 -27.18 1.06 -25.11
N THR H 5 10.88 34.76 25.25
CA THR H 5 9.83 33.71 25.01
C THR H 5 9.36 33.73 23.55
N HIS H 6 8.70 32.65 23.12
CA HIS H 6 8.40 32.44 21.70
C HIS H 6 7.15 33.18 21.22
N PHE H 7 7.17 33.59 19.95
CA PHE H 7 6.14 34.44 19.36
C PHE H 7 4.84 33.69 19.02
N SER H 8 4.96 32.43 18.62
CA SER H 8 3.79 31.59 18.30
C SER H 8 2.87 31.34 19.49
N GLN H 9 3.41 31.48 20.71
CA GLN H 9 2.63 31.26 21.93
C GLN H 9 2.28 32.58 22.63
N GLN H 10 2.06 33.64 21.86
CA GLN H 10 1.75 34.97 22.41
C GLN H 10 1.21 35.92 21.36
N ASP H 11 0.79 37.11 21.81
CA ASP H 11 0.37 38.19 20.93
C ASP H 11 -0.73 37.73 19.96
N ASN H 12 -1.78 37.14 20.50
CA ASN H 12 -2.89 36.62 19.69
C ASN H 12 -2.40 36.03 18.37
N PHE H 13 -1.41 35.13 18.46
CA PHE H 13 -0.81 34.52 17.28
C PHE H 13 -1.77 33.56 16.60
N SER H 14 -2.20 32.53 17.32
CA SER H 14 -3.10 31.53 16.75
C SER H 14 -4.42 32.18 16.33
N VAL H 15 -4.89 33.13 17.15
CA VAL H 15 -6.13 33.85 16.89
C VAL H 15 -6.11 34.53 15.53
N ALA H 16 -5.00 35.20 15.22
CA ALA H 16 -4.87 35.94 13.96
C ALA H 16 -4.79 35.02 12.73
N ALA H 17 -4.12 33.88 12.88
CA ALA H 17 -3.94 32.94 11.76
C ALA H 17 -5.25 32.27 11.33
N ARG H 18 -6.09 31.90 12.31
CA ARG H 18 -7.34 31.17 12.03
C ARG H 18 -8.33 32.04 11.24
N VAL H 19 -8.48 33.28 11.67
CA VAL H 19 -9.39 34.22 11.00
C VAL H 19 -8.94 34.51 9.56
N LEU H 20 -7.64 34.74 9.36
CA LEU H 20 -7.11 34.97 8.03
C LEU H 20 -7.39 33.76 7.13
N GLY H 21 -6.84 32.60 7.51
CA GLY H 21 -6.92 31.40 6.70
C GLY H 21 -8.32 30.91 6.37
N ALA H 22 -9.25 31.09 7.30
CA ALA H 22 -10.64 30.66 7.11
C ALA H 22 -11.34 31.50 6.04
N LEU H 23 -11.07 32.80 6.04
CA LEU H 23 -11.66 33.72 5.06
C LEU H 23 -11.14 33.47 3.64
N PHE H 24 -9.90 32.99 3.53
CA PHE H 24 -9.35 32.55 2.25
C PHE H 24 -9.95 31.22 1.81
N TYR H 25 -10.03 30.27 2.74
CA TYR H 25 -10.39 28.90 2.42
C TYR H 25 -11.90 28.67 2.26
N TYR H 26 -12.69 29.18 3.21
CA TYR H 26 -14.13 28.93 3.22
C TYR H 26 -14.91 30.07 2.58
N ALA H 27 -16.12 29.75 2.10
CA ALA H 27 -17.01 30.74 1.49
C ALA H 27 -17.55 31.70 2.55
N PRO H 28 -17.51 33.01 2.28
CA PRO H 28 -18.05 34.07 3.16
C PRO H 28 -19.46 33.80 3.69
N GLU H 29 -20.31 33.22 2.84
CA GLU H 29 -21.68 32.86 3.21
C GLU H 29 -21.75 31.73 4.24
N SER H 30 -20.68 30.93 4.35
CA SER H 30 -20.67 29.74 5.20
C SER H 30 -20.62 30.07 6.69
N ALA H 31 -20.78 29.04 7.52
CA ALA H 31 -20.78 29.17 8.97
C ALA H 31 -19.40 29.54 9.53
N GLU H 32 -18.35 29.15 8.82
CA GLU H 32 -16.98 29.39 9.27
C GLU H 32 -16.52 30.82 8.98
N ALA H 33 -17.09 31.43 7.95
CA ALA H 33 -16.64 32.74 7.47
C ALA H 33 -17.59 33.90 7.81
N ALA H 34 -18.90 33.65 7.72
CA ALA H 34 -19.91 34.71 7.94
C ALA H 34 -19.72 35.48 9.25
N PRO H 35 -19.39 34.78 10.35
CA PRO H 35 -19.02 35.48 11.58
C PRO H 35 -17.78 36.36 11.47
N LEU H 36 -16.77 35.88 10.73
CA LEU H 36 -15.47 36.56 10.65
C LEU H 36 -15.51 37.86 9.84
N VAL H 37 -16.28 37.86 8.75
CA VAL H 37 -16.44 39.08 7.92
C VAL H 37 -17.10 40.22 8.71
N ALA H 38 -18.05 39.88 9.58
CA ALA H 38 -18.74 40.87 10.41
C ALA H 38 -17.78 41.64 11.33
N VAL H 39 -16.77 40.94 11.85
CA VAL H 39 -15.83 41.53 12.81
C VAL H 39 -14.88 42.54 12.18
N LEU H 40 -14.47 42.28 10.93
CA LEU H 40 -13.60 43.21 10.22
C LEU H 40 -14.37 44.37 9.59
N THR H 41 -15.66 44.15 9.32
CA THR H 41 -16.52 45.20 8.77
C THR H 41 -17.27 46.00 9.85
N SER H 42 -16.95 45.74 11.12
CA SER H 42 -17.51 46.48 12.25
C SER H 42 -16.41 46.79 13.27
N ASP H 43 -16.30 48.06 13.65
CA ASP H 43 -15.16 48.55 14.45
C ASP H 43 -15.00 47.90 15.82
N GLY H 44 -13.80 48.05 16.38
CA GLY H 44 -13.43 47.45 17.67
C GLY H 44 -12.37 46.39 17.54
N TRP H 45 -12.32 45.72 16.39
CA TRP H 45 -11.40 44.59 16.15
C TRP H 45 -9.91 44.97 16.21
N GLU H 46 -9.59 46.25 16.01
CA GLU H 46 -8.19 46.70 15.95
C GLU H 46 -7.45 46.65 17.30
N THR H 47 -8.20 46.65 18.41
CA THR H 47 -7.61 46.52 19.75
C THR H 47 -7.08 45.11 19.98
N GLN H 48 -7.85 44.12 19.55
CA GLN H 48 -7.50 42.70 19.72
C GLN H 48 -6.33 42.27 18.82
N TRP H 49 -6.33 42.73 17.57
CA TRP H 49 -5.38 42.25 16.57
C TRP H 49 -3.93 42.62 16.92
N PRO H 50 -2.98 41.67 16.77
CA PRO H 50 -1.60 41.90 17.21
C PRO H 50 -0.72 42.78 16.31
N LEU H 51 -1.14 44.02 16.10
CA LEU H 51 -0.23 45.10 15.64
C LEU H 51 -0.76 46.46 16.10
N PRO H 52 0.15 47.45 16.28
CA PRO H 52 -0.16 48.73 16.94
C PRO H 52 -1.47 49.39 16.48
N GLU H 53 -2.40 49.56 17.42
CA GLU H 53 -3.75 50.08 17.13
C GLU H 53 -3.77 51.21 16.09
N ALA H 54 -2.87 52.18 16.27
CA ALA H 54 -2.80 53.35 15.40
C ALA H 54 -2.39 53.01 13.97
N SER H 55 -1.49 52.03 13.81
CA SER H 55 -1.01 51.61 12.49
C SER H 55 -2.08 50.87 11.65
N LEU H 56 -3.21 50.54 12.27
CA LEU H 56 -4.34 49.94 11.55
C LEU H 56 -5.36 51.00 11.11
N ALA H 57 -5.27 52.21 11.66
CA ALA H 57 -6.27 53.25 11.43
C ALA H 57 -6.64 53.44 9.95
N PRO H 58 -5.63 53.50 9.06
CA PRO H 58 -5.95 53.55 7.62
C PRO H 58 -6.63 52.26 7.15
N LEU H 59 -6.13 51.12 7.61
CA LEU H 59 -6.70 49.82 7.26
C LEU H 59 -8.11 49.66 7.84
N VAL H 60 -8.29 50.14 9.07
CA VAL H 60 -9.60 50.19 9.73
C VAL H 60 -10.62 50.89 8.84
N THR H 61 -10.19 51.98 8.19
CA THR H 61 -11.05 52.74 7.29
C THR H 61 -11.21 52.02 5.94
N ALA H 62 -10.13 51.41 5.47
CA ALA H 62 -10.12 50.74 4.15
C ALA H 62 -11.07 49.55 4.08
N PHE H 63 -11.18 48.80 5.17
CA PHE H 63 -12.06 47.63 5.24
C PHE H 63 -13.54 47.97 5.04
N GLN H 64 -13.99 49.05 5.66
CA GLN H 64 -15.42 49.38 5.72
C GLN H 64 -16.02 49.86 4.40
N THR H 65 -15.17 50.31 3.47
CA THR H 65 -15.63 50.83 2.17
C THR H 65 -16.62 49.89 1.49
N GLN H 66 -17.64 50.47 0.85
CA GLN H 66 -18.76 49.70 0.32
C GLN H 66 -18.60 49.27 -1.15
N CYS H 67 -19.45 48.32 -1.56
CA CYS H 67 -19.41 47.76 -2.90
C CYS H 67 -20.79 47.19 -3.28
N GLU H 68 -21.12 47.27 -4.57
CA GLU H 68 -22.38 46.72 -5.08
C GLU H 68 -22.26 45.20 -5.27
N GLU H 69 -21.08 44.74 -5.68
CA GLU H 69 -20.80 43.31 -5.78
C GLU H 69 -20.95 42.65 -4.41
N THR H 70 -21.93 41.75 -4.30
CA THR H 70 -22.19 41.04 -3.04
C THR H 70 -21.02 40.14 -2.68
N HIS H 71 -20.88 39.84 -1.39
CA HIS H 71 -19.74 39.05 -0.90
C HIS H 71 -19.68 37.63 -1.48
N ALA H 72 -20.83 37.06 -1.79
CA ALA H 72 -20.90 35.71 -2.38
C ALA H 72 -20.46 35.68 -3.85
N GLN H 73 -20.48 36.82 -4.51
CA GLN H 73 -20.05 36.92 -5.92
C GLN H 73 -18.54 37.14 -6.05
N ALA H 74 -17.97 37.95 -5.16
CA ALA H 74 -16.55 38.29 -5.19
C ALA H 74 -15.63 37.11 -4.84
N TRP H 75 -16.12 36.21 -3.99
CA TRP H 75 -15.34 35.06 -3.55
C TRP H 75 -15.38 33.91 -4.55
N GLN H 76 -16.58 33.59 -5.06
CA GLN H 76 -16.75 32.61 -6.14
C GLN H 76 -15.82 32.92 -7.31
N ARG H 77 -15.70 34.22 -7.63
CA ARG H 77 -14.83 34.69 -8.70
C ARG H 77 -13.35 34.44 -8.38
N LEU H 78 -12.95 34.85 -7.17
CA LEU H 78 -11.52 34.88 -6.81
C LEU H 78 -10.95 33.54 -6.34
N PHE H 79 -11.81 32.59 -5.94
CA PHE H 79 -11.33 31.34 -5.34
C PHE H 79 -11.91 30.01 -5.88
N VAL H 80 -13.07 30.05 -6.52
CA VAL H 80 -13.67 28.83 -7.08
C VAL H 80 -13.53 28.81 -8.60
N GLY H 81 -14.04 29.85 -9.24
CA GLY H 81 -14.01 29.97 -10.70
C GLY H 81 -15.37 30.38 -11.26
N PRO H 82 -15.80 29.76 -12.36
CA PRO H 82 -15.19 28.65 -13.10
C PRO H 82 -13.88 28.98 -13.84
N TRP H 83 -13.66 30.25 -14.19
CA TRP H 83 -12.50 30.64 -14.98
C TRP H 83 -11.23 30.62 -14.14
N ALA H 84 -10.09 30.85 -14.79
CA ALA H 84 -8.80 30.86 -14.11
C ALA H 84 -8.81 31.88 -12.97
N LEU H 85 -8.24 31.50 -11.83
CA LEU H 85 -8.18 32.38 -10.68
C LEU H 85 -7.18 33.50 -10.98
N PRO H 86 -7.57 34.76 -10.75
CA PRO H 86 -6.63 35.87 -10.89
C PRO H 86 -5.32 35.59 -10.16
N SER H 87 -5.43 35.26 -8.87
CA SER H 87 -4.30 34.83 -8.07
C SER H 87 -4.68 33.47 -7.44
N PRO H 88 -4.20 32.36 -8.03
CA PRO H 88 -4.47 31.04 -7.46
C PRO H 88 -3.76 30.84 -6.11
N PRO H 89 -4.48 30.34 -5.09
CA PRO H 89 -3.93 30.24 -3.73
C PRO H 89 -2.93 29.10 -3.49
N TRP H 90 -2.79 28.21 -4.48
CA TRP H 90 -1.91 27.06 -4.33
C TRP H 90 -0.46 27.43 -4.63
N GLY H 91 0.45 27.01 -3.74
CA GLY H 91 1.85 27.42 -3.80
C GLY H 91 2.63 26.98 -5.02
N SER H 92 2.37 25.76 -5.48
CA SER H 92 3.10 25.21 -6.64
C SER H 92 2.70 25.86 -7.98
N VAL H 93 1.64 26.68 -7.98
CA VAL H 93 1.34 27.52 -9.13
C VAL H 93 2.42 28.59 -9.28
N TRP H 94 2.96 29.03 -8.14
CA TRP H 94 3.97 30.09 -8.09
C TRP H 94 5.39 29.54 -8.03
N LEU H 95 5.58 28.42 -7.32
CA LEU H 95 6.93 27.88 -7.07
C LEU H 95 7.39 26.85 -8.10
N ASP H 96 6.46 26.16 -8.74
CA ASP H 96 6.78 25.12 -9.72
C ASP H 96 6.91 25.73 -11.12
N ARG H 97 7.90 25.27 -11.87
CA ARG H 97 8.17 25.78 -13.22
C ARG H 97 6.98 25.61 -14.19
N GLU H 98 6.21 24.54 -14.02
CA GLU H 98 5.01 24.31 -14.84
C GLU H 98 3.75 24.97 -14.25
N SER H 99 3.87 25.55 -13.06
CA SER H 99 2.73 26.16 -12.34
C SER H 99 1.57 25.17 -12.11
N VAL H 100 1.91 23.89 -12.00
CA VAL H 100 0.91 22.83 -11.84
C VAL H 100 0.54 22.65 -10.37
N LEU H 101 -0.64 22.11 -10.12
CA LEU H 101 -1.06 21.78 -8.76
C LEU H 101 -0.40 20.47 -8.32
N PHE H 102 -0.37 20.22 -7.02
CA PHE H 102 0.38 19.10 -6.46
C PHE H 102 1.79 19.06 -7.06
N GLY H 103 2.43 20.23 -7.10
CA GLY H 103 3.74 20.36 -7.73
C GLY H 103 4.88 19.89 -6.86
N ASP H 104 6.09 20.35 -7.19
CA ASP H 104 7.30 19.95 -6.49
C ASP H 104 7.39 20.58 -5.09
N SER H 105 6.89 21.81 -4.95
CA SER H 105 6.84 22.48 -3.65
C SER H 105 5.78 21.86 -2.75
N THR H 106 4.68 21.40 -3.33
CA THR H 106 3.64 20.70 -2.58
C THR H 106 4.22 19.41 -1.97
N LEU H 107 4.99 18.67 -2.76
CA LEU H 107 5.66 17.46 -2.30
C LEU H 107 6.66 17.76 -1.17
N ALA H 108 7.37 18.88 -1.28
CA ALA H 108 8.30 19.31 -0.24
C ALA H 108 7.55 19.60 1.06
N LEU H 109 6.40 20.25 0.94
CA LEU H 109 5.52 20.49 2.09
C LEU H 109 5.08 19.17 2.72
N ARG H 110 4.54 18.27 1.90
CA ARG H 110 4.05 16.97 2.40
C ARG H 110 5.14 16.15 3.07
N GLN H 111 6.33 16.16 2.48
CA GLN H 111 7.49 15.44 3.04
C GLN H 111 7.91 16.05 4.38
N TRP H 112 7.84 17.36 4.48
CA TRP H 112 8.13 18.05 5.73
C TRP H 112 7.08 17.71 6.80
N MET H 113 5.81 17.71 6.40
CA MET H 113 4.71 17.38 7.32
C MET H 113 4.89 15.99 7.94
N ARG H 114 5.19 15.00 7.10
CA ARG H 114 5.36 13.63 7.58
C ARG H 114 6.66 13.47 8.36
N GLU H 115 7.72 14.12 7.89
CA GLU H 115 9.03 14.04 8.56
C GLU H 115 8.98 14.71 9.92
N LYS H 116 8.25 15.82 10.02
CA LYS H 116 8.01 16.45 11.32
C LYS H 116 6.88 15.74 12.09
N GLY H 117 6.02 15.03 11.36
CA GLY H 117 5.00 14.17 11.97
C GLY H 117 3.69 14.89 12.28
N ILE H 118 3.32 15.84 11.41
CA ILE H 118 2.12 16.63 11.60
C ILE H 118 0.88 15.85 11.12
N GLN H 119 -0.08 15.69 12.02
CA GLN H 119 -1.29 14.90 11.76
C GLN H 119 -2.36 15.71 11.01
N PHE H 120 -2.21 17.03 10.98
CA PHE H 120 -3.16 17.92 10.31
C PHE H 120 -3.43 17.47 8.88
N GLU H 121 -4.69 17.14 8.60
CA GLU H 121 -5.09 16.68 7.27
C GLU H 121 -5.97 17.71 6.57
N MET H 122 -5.78 17.85 5.27
CA MET H 122 -6.64 18.67 4.42
C MET H 122 -7.81 17.82 3.91
N LYS H 123 -8.71 18.44 3.17
CA LYS H 123 -9.83 17.72 2.58
C LYS H 123 -9.37 16.80 1.45
N GLN H 124 -10.20 15.84 1.08
CA GLN H 124 -9.85 14.85 0.05
C GLN H 124 -9.70 15.48 -1.34
N ASN H 125 -8.70 15.00 -2.09
CA ASN H 125 -8.39 15.49 -3.45
C ASN H 125 -7.90 16.95 -3.50
N GLU H 126 -7.49 17.50 -2.37
CA GLU H 126 -7.01 18.89 -2.30
C GLU H 126 -5.55 18.93 -1.86
N PRO H 127 -4.73 19.79 -2.51
CA PRO H 127 -3.33 19.88 -2.13
C PRO H 127 -3.10 20.61 -0.81
N GLU H 128 -2.00 20.29 -0.15
CA GLU H 128 -1.69 20.82 1.18
C GLU H 128 -1.32 22.31 1.17
N ASP H 129 -0.95 22.84 0.01
CA ASP H 129 -0.34 24.17 -0.08
C ASP H 129 -1.33 25.29 -0.42
N HIS H 130 -2.60 25.14 -0.04
CA HIS H 130 -3.58 26.21 -0.17
C HIS H 130 -3.29 27.24 0.93
N PHE H 131 -3.25 28.52 0.56
CA PHE H 131 -2.86 29.59 1.50
C PHE H 131 -3.68 29.55 2.79
N GLY H 132 -4.99 29.44 2.64
CA GLY H 132 -5.89 29.25 3.78
C GLY H 132 -5.52 28.03 4.61
N SER H 133 -5.36 26.89 3.94
CA SER H 133 -5.02 25.64 4.62
C SER H 133 -3.75 25.75 5.46
N LEU H 134 -2.73 26.41 4.91
CA LEU H 134 -1.45 26.59 5.60
C LEU H 134 -1.56 27.50 6.81
N LEU H 135 -2.35 28.56 6.69
CA LEU H 135 -2.59 29.48 7.82
C LEU H 135 -3.35 28.78 8.94
N LEU H 136 -4.33 27.96 8.57
CA LEU H 136 -5.09 27.16 9.55
C LEU H 136 -4.19 26.14 10.23
N MET H 137 -3.27 25.55 9.47
CA MET H 137 -2.35 24.54 10.01
C MET H 137 -1.30 25.18 10.93
N ALA H 138 -0.89 26.40 10.62
CA ALA H 138 0.02 27.14 11.49
C ALA H 138 -0.66 27.49 12.81
N ALA H 139 -1.93 27.92 12.74
CA ALA H 139 -2.74 28.18 13.94
C ALA H 139 -2.85 26.93 14.79
N TRP H 140 -3.20 25.83 14.13
CA TRP H 140 -3.32 24.51 14.75
C TRP H 140 -2.04 24.14 15.51
N LEU H 141 -0.88 24.37 14.89
CA LEU H 141 0.42 24.07 15.51
C LEU H 141 0.70 24.94 16.72
N ALA H 142 0.36 26.22 16.64
CA ALA H 142 0.57 27.16 17.74
C ALA H 142 -0.21 26.74 18.98
N GLU H 143 -1.51 26.47 18.79
CA GLU H 143 -2.39 26.06 19.88
C GLU H 143 -1.92 24.78 20.56
N ASN H 144 -1.27 23.91 19.80
CA ASN H 144 -0.73 22.67 20.33
C ASN H 144 0.64 22.82 21.01
N GLY H 145 1.18 24.04 21.01
CA GLY H 145 2.46 24.32 21.64
C GLY H 145 3.64 23.79 20.84
N ARG H 146 3.48 23.74 19.52
CA ARG H 146 4.54 23.34 18.62
C ARG H 146 5.18 24.57 17.97
N GLN H 147 6.05 25.23 18.74
CA GLN H 147 6.70 26.47 18.32
C GLN H 147 7.71 26.25 17.20
N THR H 148 8.49 25.17 17.29
CA THR H 148 9.50 24.86 16.29
C THR H 148 8.85 24.51 14.95
N GLU H 149 7.80 23.71 15.00
CA GLU H 149 7.02 23.34 13.81
C GLU H 149 6.41 24.57 13.13
N CYS H 150 5.89 25.49 13.93
CA CYS H 150 5.26 26.70 13.41
C CYS H 150 6.28 27.67 12.80
N GLU H 151 7.52 27.56 13.24
CA GLU H 151 8.61 28.40 12.73
C GLU H 151 9.07 27.90 11.36
N GLU H 152 9.29 26.59 11.26
CA GLU H 152 9.72 25.95 10.02
C GLU H 152 8.65 26.02 8.92
N LEU H 153 7.38 25.98 9.32
CA LEU H 153 6.25 26.05 8.38
C LEU H 153 6.27 27.36 7.59
N LEU H 154 6.39 28.46 8.31
CA LEU H 154 6.22 29.78 7.72
C LEU H 154 7.34 30.14 6.73
N ALA H 155 8.58 29.96 7.17
CA ALA H 155 9.75 30.36 6.39
C ALA H 155 10.03 29.45 5.18
N TRP H 156 9.69 28.17 5.30
CA TRP H 156 10.01 27.18 4.27
C TRP H 156 8.85 26.86 3.33
N HIS H 157 7.61 26.97 3.82
CA HIS H 157 6.45 26.51 3.06
C HIS H 157 5.29 27.51 3.01
N LEU H 158 5.56 28.78 3.26
CA LEU H 158 4.52 29.82 3.15
C LEU H 158 5.14 31.13 2.64
N PHE H 159 5.96 31.76 3.48
CA PHE H 159 6.48 33.12 3.20
C PHE H 159 7.15 33.29 1.83
N PRO H 160 7.90 32.27 1.35
CA PRO H 160 8.55 32.38 0.04
C PRO H 160 7.65 32.93 -1.07
N TRP H 161 6.41 32.46 -1.16
CA TRP H 161 5.48 32.93 -2.21
C TRP H 161 4.27 33.72 -1.70
N SER H 162 4.02 33.70 -0.38
CA SER H 162 2.86 34.41 0.18
C SER H 162 2.99 35.92 -0.02
N THR H 163 4.22 36.42 0.07
CA THR H 163 4.51 37.82 -0.23
C THR H 163 4.09 38.14 -1.66
N ARG H 164 4.49 37.29 -2.61
CA ARG H 164 4.06 37.43 -4.00
C ARG H 164 2.55 37.26 -4.10
N PHE H 165 2.06 36.07 -3.72
CA PHE H 165 0.63 35.76 -3.83
C PHE H 165 -0.24 36.88 -3.29
N LEU H 166 0.13 37.41 -2.12
CA LEU H 166 -0.58 38.54 -1.53
C LEU H 166 -0.46 39.81 -2.37
N ASP H 167 0.75 40.12 -2.86
CA ASP H 167 0.97 41.31 -3.69
C ASP H 167 0.10 41.29 -4.95
N VAL H 168 0.14 40.18 -5.69
CA VAL H 168 -0.72 39.99 -6.86
C VAL H 168 -2.18 39.79 -6.45
N PHE H 169 -2.41 39.26 -5.25
CA PHE H 169 -3.76 39.15 -4.70
C PHE H 169 -4.36 40.53 -4.43
N ILE H 170 -3.60 41.38 -3.75
CA ILE H 170 -4.02 42.77 -3.49
C ILE H 170 -4.27 43.50 -4.80
N GLU H 171 -3.37 43.33 -5.76
CA GLU H 171 -3.46 43.98 -7.07
C GLU H 171 -4.83 43.77 -7.73
N LYS H 172 -5.13 42.53 -8.09
CA LYS H 172 -6.35 42.22 -8.85
C LYS H 172 -7.39 41.49 -8.01
N ALA H 173 -7.60 42.00 -6.80
CA ALA H 173 -8.71 41.56 -5.96
C ALA H 173 -10.02 42.11 -6.55
N GLU H 174 -9.98 43.37 -6.95
CA GLU H 174 -11.13 44.07 -7.53
C GLU H 174 -12.27 44.24 -6.51
N HIS H 175 -11.91 44.26 -5.23
CA HIS H 175 -12.88 44.36 -4.15
C HIS H 175 -12.14 44.74 -2.86
N PRO H 176 -12.54 45.87 -2.23
CA PRO H 176 -11.75 46.46 -1.14
C PRO H 176 -11.63 45.59 0.12
N PHE H 177 -12.62 44.74 0.37
CA PHE H 177 -12.63 43.86 1.54
C PHE H 177 -11.46 42.88 1.51
N TYR H 178 -11.38 42.10 0.44
CA TYR H 178 -10.30 41.11 0.28
C TYR H 178 -8.99 41.81 -0.06
N ARG H 179 -9.09 42.95 -0.74
CA ARG H 179 -7.93 43.79 -1.05
C ARG H 179 -7.15 44.18 0.20
N ALA H 180 -7.87 44.49 1.28
CA ALA H 180 -7.25 44.80 2.56
C ALA H 180 -6.51 43.59 3.11
N LEU H 181 -7.20 42.45 3.16
CA LEU H 181 -6.55 41.19 3.51
C LEU H 181 -5.48 40.90 2.47
N GLY H 182 -4.30 40.52 2.93
CA GLY H 182 -3.10 40.53 2.10
C GLY H 182 -2.19 41.65 2.58
N GLU H 183 -2.77 42.83 2.83
CA GLU H 183 -2.05 43.88 3.54
C GLU H 183 -2.13 43.58 5.04
N LEU H 184 -3.32 43.18 5.50
CA LEU H 184 -3.49 42.73 6.88
C LEU H 184 -2.64 41.48 7.09
N ALA H 185 -2.71 40.56 6.14
CA ALA H 185 -1.86 39.36 6.13
C ALA H 185 -0.40 39.73 5.91
N ARG H 186 -0.14 40.65 4.97
CA ARG H 186 1.22 41.06 4.63
C ARG H 186 1.94 41.67 5.83
N LEU H 187 1.24 42.53 6.57
CA LEU H 187 1.81 43.15 7.77
C LEU H 187 1.97 42.15 8.91
N THR H 188 0.94 41.33 9.14
CA THR H 188 0.98 40.30 10.18
C THR H 188 2.07 39.28 9.89
N LEU H 189 2.07 38.75 8.66
CA LEU H 189 3.08 37.79 8.25
C LEU H 189 4.48 38.42 8.26
N ALA H 190 4.58 39.68 7.85
CA ALA H 190 5.86 40.40 7.94
C ALA H 190 6.28 40.62 9.39
N GLN H 191 5.30 40.89 10.26
CA GLN H 191 5.56 41.08 11.69
C GLN H 191 6.02 39.76 12.33
N TRP H 192 5.40 38.65 11.93
CA TRP H 192 5.82 37.33 12.37
C TRP H 192 7.18 36.97 11.76
N GLN H 193 7.34 37.25 10.48
CA GLN H 193 8.61 37.06 9.78
C GLN H 193 9.71 37.90 10.43
N SER H 194 9.35 39.12 10.83
CA SER H 194 10.29 40.07 11.43
C SER H 194 10.99 39.51 12.68
N GLN H 195 10.35 38.59 13.38
CA GLN H 195 10.95 37.94 14.56
C GLN H 195 11.24 36.46 14.34
N LEU H 196 11.56 36.08 13.10
CA LEU H 196 11.99 34.72 12.82
C LEU H 196 13.48 34.58 13.14
N LEU H 197 13.85 33.46 13.77
CA LEU H 197 15.25 33.15 14.07
C LEU H 197 15.85 32.22 12.99
N ILE H 198 15.06 31.91 11.96
CA ILE H 198 15.57 31.26 10.75
C ILE H 198 15.00 32.00 9.52
N PRO H 199 15.81 32.12 8.45
CA PRO H 199 15.42 33.01 7.36
C PRO H 199 14.37 32.45 6.39
N VAL H 200 13.65 33.36 5.73
CA VAL H 200 12.71 33.01 4.67
C VAL H 200 13.49 32.61 3.42
N ALA H 201 13.23 31.40 2.92
CA ALA H 201 13.98 30.86 1.78
C ALA H 201 13.52 31.46 0.46
N VAL H 202 14.46 31.62 -0.48
CA VAL H 202 14.20 32.25 -1.77
C VAL H 202 13.94 31.20 -2.86
N LYS H 203 12.90 31.44 -3.67
CA LYS H 203 12.52 30.55 -4.76
C LYS H 203 12.03 31.37 -5.96
N PRO H 204 12.33 30.89 -7.20
CA PRO H 204 11.77 31.50 -8.42
C PRO H 204 10.24 31.48 -8.48
N LEU H 205 9.67 32.52 -9.10
CA LEU H 205 8.22 32.65 -9.29
C LEU H 205 7.88 32.43 -10.76
N PHE H 206 6.73 31.81 -11.04
CA PHE H 206 6.34 31.42 -12.40
C PHE H 206 4.92 31.83 -12.79
N ARG H 207 4.37 32.85 -12.11
CA ARG H 207 3.03 33.35 -12.41
C ARG H 207 2.87 34.80 -11.95
C1 GOL I . 32.36 -1.48 -34.60
O1 GOL I . 33.30 -0.81 -33.75
C2 GOL I . 32.66 -2.97 -34.65
O2 GOL I . 31.80 -3.63 -35.58
C3 GOL I . 32.47 -3.60 -33.26
O3 GOL I . 33.72 -4.15 -32.81
C1 GOL J . 10.84 -23.19 -40.46
O1 GOL J . 9.71 -22.43 -39.99
C2 GOL J . 12.14 -22.68 -39.81
O2 GOL J . 13.26 -23.34 -40.41
C3 GOL J . 12.10 -22.97 -38.30
O3 GOL J . 13.21 -22.34 -37.62
C1 GOL K . -2.54 -8.26 -32.51
O1 GOL K . -3.06 -9.45 -33.12
C2 GOL K . -3.38 -7.89 -31.29
O2 GOL K . -2.61 -7.05 -30.41
C3 GOL K . -3.81 -9.14 -30.52
O3 GOL K . -4.21 -8.78 -29.19
C1 GOL L . 21.51 -17.28 -17.82
O1 GOL L . 20.75 -16.24 -17.19
C2 GOL L . 20.89 -18.63 -17.54
O2 GOL L . 19.62 -18.73 -18.20
C3 GOL L . 20.71 -18.84 -16.03
O3 GOL L . 21.83 -19.54 -15.46
C1 GOL M . 11.88 -18.27 -15.76
O1 GOL M . 10.92 -17.65 -14.89
C2 GOL M . 11.26 -18.52 -17.14
O2 GOL M . 11.99 -17.76 -18.12
C3 GOL M . 11.31 -20.00 -17.50
O3 GOL M . 10.42 -20.77 -16.69
C1 GOL N . 5.59 -26.31 -21.76
O1 GOL N . 5.06 -25.23 -20.99
C2 GOL N . 4.47 -27.25 -22.17
O2 GOL N . 3.72 -26.69 -23.25
C3 GOL N . 5.02 -28.61 -22.58
O3 GOL N . 5.49 -28.58 -23.94
S SO4 O . 22.19 2.22 -40.61
O1 SO4 O . 21.02 2.35 -39.72
O2 SO4 O . 23.10 3.38 -40.39
O3 SO4 O . 22.90 0.96 -40.30
O4 SO4 O . 21.75 2.19 -42.03
C1 GOL P . -12.36 -34.06 -14.70
O1 GOL P . -11.13 -34.80 -14.71
C2 GOL P . -12.24 -32.79 -15.56
O2 GOL P . -11.14 -32.87 -16.46
C3 GOL P . -13.54 -32.53 -16.32
O3 GOL P . -14.49 -31.89 -15.45
C1 GOL Q . -17.58 -28.50 -16.66
O1 GOL Q . -16.46 -27.66 -16.99
C2 GOL Q . -17.10 -29.92 -16.42
O2 GOL Q . -16.26 -30.33 -17.51
C3 GOL Q . -18.29 -30.87 -16.30
O3 GOL Q . -19.16 -30.43 -15.25
C1 GOL R . 7.61 -24.15 3.15
O1 GOL R . 7.23 -25.06 4.19
C2 GOL R . 9.07 -23.68 3.27
O2 GOL R . 9.63 -23.58 1.95
C3 GOL R . 9.94 -24.63 4.08
O3 GOL R . 10.32 -25.76 3.29
C1 GOL S . 0.99 -7.65 7.19
O1 GOL S . -0.29 -7.03 7.19
C2 GOL S . 0.98 -9.06 6.61
O2 GOL S . 0.80 -8.95 5.23
C3 GOL S . 2.30 -9.77 6.83
O3 GOL S . 3.36 -9.14 6.11
C1 GOL T . 11.52 -26.00 -6.79
O1 GOL T . 10.93 -25.05 -5.89
C2 GOL T . 12.46 -26.93 -6.03
O2 GOL T . 13.61 -26.18 -5.65
C3 GOL T . 11.81 -27.53 -4.78
O3 GOL T . 10.52 -26.97 -4.52
C TRS U . 8.31 -24.75 -15.26
C1 TRS U . 7.90 -23.32 -14.88
C2 TRS U . 7.69 -25.18 -16.59
C3 TRS U . 7.89 -25.67 -14.11
N TRS U . 9.79 -24.78 -15.42
O1 TRS U . 8.42 -22.41 -15.87
O2 TRS U . 6.26 -25.05 -16.57
O3 TRS U . 8.19 -27.06 -14.31
C1 GOL V . 33.44 -14.41 5.45
O1 GOL V . 34.59 -15.12 4.96
C2 GOL V . 32.85 -13.58 4.33
O2 GOL V . 31.65 -12.95 4.80
C3 GOL V . 32.52 -14.41 3.07
O3 GOL V . 31.92 -13.53 2.12
C1 GOL W . 34.00 -6.94 27.41
O1 GOL W . 32.61 -6.60 27.47
C2 GOL W . 34.83 -5.75 26.93
O2 GOL W . 34.34 -5.35 25.64
C3 GOL W . 36.33 -6.05 26.82
O3 GOL W . 36.82 -6.86 27.90
C1 GOL X . 36.46 -32.09 22.19
O1 GOL X . 37.08 -31.66 23.41
C2 GOL X . 36.98 -33.48 21.79
O2 GOL X . 37.52 -33.43 20.46
C3 GOL X . 35.86 -34.50 21.84
O3 GOL X . 36.33 -35.79 21.39
C1 GOL Y . 38.23 -27.66 2.42
O1 GOL Y . 36.89 -28.01 2.80
C2 GOL Y . 39.20 -28.78 2.81
O2 GOL Y . 38.75 -30.02 2.23
C3 GOL Y . 39.29 -28.92 4.33
O3 GOL Y . 39.70 -27.68 4.94
C1 GOL Z . 18.96 -32.92 29.88
O1 GOL Z . 17.70 -32.42 30.34
C2 GOL Z . 18.74 -33.99 28.80
O2 GOL Z . 18.49 -35.25 29.44
C3 GOL Z . 19.92 -34.17 27.84
O3 GOL Z . 21.01 -33.25 28.08
C1 GOL AA . 12.02 -25.71 8.90
O1 GOL AA . 11.94 -25.90 10.31
C2 GOL AA . 13.35 -26.25 8.35
O2 GOL AA . 14.00 -25.23 7.58
C3 GOL AA . 13.14 -27.49 7.49
O3 GOL AA . 14.35 -28.27 7.45
C1 GOL BA . 22.08 -39.66 17.21
O1 GOL BA . 21.79 -38.66 18.20
C2 GOL BA . 20.99 -40.73 17.25
O2 GOL BA . 19.71 -40.14 16.97
C3 GOL BA . 20.99 -41.42 18.61
O3 GOL BA . 20.51 -40.53 19.61
C1 GOL CA . 12.18 -29.29 20.31
O1 GOL CA . 13.33 -29.03 19.48
C2 GOL CA . 10.90 -28.90 19.57
O2 GOL CA . 10.80 -27.47 19.41
C3 GOL CA . 9.70 -29.44 20.34
O3 GOL CA . 9.60 -28.77 21.59
C TRS DA . 26.24 -12.21 6.75
C1 TRS DA . 26.86 -10.82 6.95
C2 TRS DA . 27.30 -13.28 6.99
C3 TRS DA . 25.62 -12.37 5.35
N TRS DA . 25.16 -12.39 7.76
O1 TRS DA . 27.61 -10.44 5.79
O2 TRS DA . 28.53 -12.95 6.33
O3 TRS DA . 25.19 -11.11 4.82
CL CL EA . 7.94 -30.20 25.24
C1 GOL FA . 30.71 -12.44 -4.51
O1 GOL FA . 31.34 -11.15 -4.35
C2 GOL FA . 31.45 -13.27 -5.54
O2 GOL FA . 31.83 -14.54 -4.97
C3 GOL FA . 32.69 -12.57 -6.05
O3 GOL FA . 32.33 -11.30 -6.63
C1 GOL GA . 48.02 12.73 7.16
O1 GOL GA . 48.81 13.62 6.36
C2 GOL GA . 48.86 11.52 7.52
O2 GOL GA . 50.00 11.47 6.64
C3 GOL GA . 47.98 10.29 7.42
O3 GOL GA . 48.72 9.09 7.13
C1 GOL HA . 29.22 -10.17 -18.41
O1 GOL HA . 28.42 -10.20 -19.60
C2 GOL HA . 29.25 -11.52 -17.69
O2 GOL HA . 30.33 -12.34 -18.20
C3 GOL HA . 27.92 -12.26 -17.84
O3 GOL HA . 27.68 -13.16 -16.75
C1 GOL IA . 47.54 7.79 -12.62
O1 GOL IA . 48.32 9.00 -12.57
C2 GOL IA . 48.34 6.61 -13.16
O2 GOL IA . 49.29 6.18 -12.17
C3 GOL IA . 49.08 6.95 -14.45
O3 GOL IA . 48.88 5.95 -15.46
C1 GOL JA . 27.10 -9.30 -12.64
O1 GOL JA . 26.08 -8.67 -11.87
C2 GOL JA . 28.27 -8.36 -12.95
O2 GOL JA . 29.36 -9.10 -13.51
C3 GOL JA . 28.76 -7.64 -11.69
O3 GOL JA . 28.40 -6.27 -11.74
C1 GOL KA . 26.29 10.53 -20.88
O1 GOL KA . 26.28 10.59 -19.46
C2 GOL KA . 26.43 9.07 -21.35
O2 GOL KA . 27.56 8.95 -22.22
C3 GOL KA . 25.16 8.61 -22.06
O3 GOL KA . 25.06 7.18 -22.03
C1 GOL LA . 43.40 -25.82 -15.35
O1 GOL LA . 43.84 -25.66 -16.71
C2 GOL LA . 42.27 -24.84 -15.04
O2 GOL LA . 42.09 -24.72 -13.61
C3 GOL LA . 40.97 -25.31 -15.72
O3 GOL LA . 40.29 -24.22 -16.38
C1 GOL MA . 33.63 -9.45 6.00
O1 GOL MA . 34.47 -10.15 6.92
C2 GOL MA . 32.91 -10.51 5.16
O2 GOL MA . 31.49 -10.38 5.31
C3 GOL MA . 33.28 -10.38 3.67
O3 GOL MA . 34.64 -10.83 3.38
C1 GOL NA . 30.69 -6.89 -21.93
O1 GOL NA . 29.97 -6.04 -21.02
C2 GOL NA . 32.19 -6.61 -21.91
O2 GOL NA . 32.44 -5.23 -21.66
C3 GOL NA . 32.83 -6.99 -23.26
O3 GOL NA . 34.26 -6.87 -23.23
C1 PEG OA . 42.95 -4.19 10.90
O1 PEG OA . 43.23 -4.40 9.50
C2 PEG OA . 43.30 -2.75 11.31
O2 PEG OA . 43.55 -2.67 12.72
C3 PEG OA . 44.94 -2.68 13.08
C4 PEG OA . 45.44 -1.25 13.31
O4 PEG OA . 46.27 -0.84 12.21
C1 GOL PA . -27.30 5.65 -6.44
O1 GOL PA . -27.86 4.70 -7.36
C2 GOL PA . -26.06 5.06 -5.79
O2 GOL PA . -25.05 4.81 -6.79
C3 GOL PA . -26.34 3.73 -5.06
O3 GOL PA . -27.74 3.47 -4.89
C1 GOL QA . -53.19 4.53 6.86
O1 GOL QA . -51.80 4.41 6.52
C2 GOL QA . -53.98 3.35 6.31
O2 GOL QA . -54.52 3.66 5.01
C3 GOL QA . -55.11 3.01 7.29
O3 GOL QA . -54.63 2.00 8.19
C1 GOL RA . -26.73 4.88 3.82
O1 GOL RA . -27.50 5.91 4.44
C2 GOL RA . -25.30 4.93 4.34
O2 GOL RA . -25.32 4.85 5.77
C3 GOL RA . -24.62 6.20 3.84
O3 GOL RA . -24.04 6.94 4.93
C1 GOL SA . -25.88 4.31 9.44
O1 GOL SA . -25.44 3.18 8.66
C2 GOL SA . -26.49 3.77 10.72
O2 GOL SA . -27.01 2.48 10.40
C3 GOL SA . -27.56 4.70 11.29
O3 GOL SA . -27.81 4.41 12.68
C1 GOL TA . -37.97 -7.99 -15.82
C2 GOL TA . -38.32 -6.78 -14.96
O2 GOL TA . -39.25 -5.94 -15.64
C3 GOL TA . -37.07 -5.96 -14.66
O3 GOL TA . -37.35 -4.99 -13.64
C1 GOL UA . -52.45 -4.27 -11.96
O1 GOL UA . -52.03 -2.92 -12.08
C2 GOL UA . -52.12 -4.78 -10.56
O2 GOL UA . -50.73 -4.58 -10.30
C3 GOL UA . -52.47 -6.27 -10.40
O3 GOL UA . -53.35 -6.50 -9.28
C1 GOL VA . -30.58 8.05 11.25
O1 GOL VA . -30.95 9.08 10.33
C2 GOL VA . -29.53 8.56 12.22
O2 GOL VA . -29.08 7.47 13.04
C3 GOL VA . -30.09 9.68 13.09
O3 GOL VA . -29.99 10.94 12.42
C1 GOL WA . -32.26 6.85 21.08
O1 GOL WA . -31.82 7.39 19.81
C2 GOL WA . -33.05 5.54 20.90
O2 GOL WA . -34.11 5.48 21.88
C3 GOL WA . -32.14 4.31 21.01
O3 GOL WA . -32.32 3.62 22.26
C1 GOL XA . -24.68 29.61 14.47
O1 GOL XA . -25.84 29.18 15.22
C2 GOL XA . -23.41 29.56 15.33
O2 GOL XA . -23.54 30.38 16.48
C3 GOL XA . -22.21 29.99 14.49
O3 GOL XA . -21.88 31.37 14.72
C1 GOL YA . -17.25 23.05 18.50
O1 GOL YA . -16.78 24.01 19.46
C2 GOL YA . -16.15 22.62 17.54
O2 GOL YA . -15.08 21.99 18.26
C3 GOL YA . -15.60 23.83 16.77
O3 GOL YA . -16.27 23.94 15.51
C1 GOL ZA . -18.16 14.42 18.37
O1 GOL ZA . -17.12 15.40 18.24
C2 GOL ZA . -18.83 14.19 17.01
O2 GOL ZA . -18.23 13.07 16.35
C3 GOL ZA . -20.32 13.94 17.17
O3 GOL ZA . -20.55 12.70 17.86
C1 GOL AB . -8.93 25.08 16.67
O1 GOL AB . -9.84 26.15 16.40
C2 GOL AB . -9.61 24.00 17.50
O2 GOL AB . -8.81 22.81 17.51
C3 GOL AB . -11.00 23.69 16.93
O3 GOL AB . -10.97 23.56 15.50
C1 GOL BB . -28.24 7.97 18.37
O1 GOL BB . -28.61 7.91 19.76
C2 GOL BB . -26.78 7.56 18.19
O2 GOL BB . -26.14 8.45 17.26
C3 GOL BB . -26.66 6.13 17.67
O3 GOL BB . -25.34 5.59 17.92
CL CL CB . -39.23 15.70 41.34
CL CL DB . -35.32 4.42 34.15
C1 GOL EB . -22.67 26.13 4.79
O1 GOL EB . -21.91 26.80 5.82
C2 GOL EB . -22.88 27.06 3.61
O2 GOL EB . -23.95 26.56 2.79
C3 GOL EB . -21.61 27.17 2.78
O3 GOL EB . -21.43 28.53 2.32
#